data_3MLT
#
_entry.id   3MLT
#
_cell.length_a   75.683
_cell.length_b   142.927
_cell.length_c   85.013
_cell.angle_alpha   90.000
_cell.angle_beta   95.000
_cell.angle_gamma   90.000
#
_symmetry.space_group_name_H-M   'P 1 21 1'
#
loop_
_entity.id
_entity.type
_entity.pdbx_description
1 polymer 'Human monoclonal anti-HIV-1 gp120 V3 antibody 2557 Fab light chain'
2 polymer 'Human monoclonal anti-HIV-1 gp120 V3 antibody 2557 Fab heavy chain'
3 polymer 'HIV-1 gp120 third variable region (V3) crown'
4 water water
#
loop_
_entity_poly.entity_id
_entity_poly.type
_entity_poly.pdbx_seq_one_letter_code
_entity_poly.pdbx_strand_id
1 'polypeptide(L)'
;SYDLTQPPSVSVSPGQTASISCSGDKLDDKYVSWYYQRPGQSPVLLMYQDFKRPSGIPERLSGSKSGKTATLTISGTQSL
DEGDYYCQAWDASTGVSGGGTKLTVLFGDGTRLTVLGQPKAAPSVTLFPPSSEELQANKATLVCLISDFYPGAVTVAWKA
DSSPVKAGVETTTPSKQSNNKYAASSYLSLTPEQWKSHKSYSCQVTHEGSTVEKTVAPT
;
L,A,D,G
2 'polypeptide(L)'
;EVQLVESGGEVKQPGQSLKISCKSSGYNFLDSWIGWVRQIPGKGLEWIGIIYPDDSDAHYSPSFEGQVTMSVDKSISTAY
LQWTTLQASDTGKYFCTRLYLFEGAQSSNAFDLWGQGTMILVSSGTTKGPSVFPLAPSSKSTSGGTAALGCLVKDYFPEP
VTVSWNSGALTSGVHTFPAVLQSSGLYSLSSVVTVPSSSLGTQTYICNVNHKPSNTKVDKKVEPKS
;
H,B,E,I
3 'polypeptide(L)' NNTRKSIHLGPGRAFYATGDIIG P,C
#
# COMPACT_ATOMS: atom_id res chain seq x y z
N SER A 1 4.46 -17.46 -43.82
CA SER A 1 4.91 -17.86 -42.45
C SER A 1 6.39 -18.27 -42.46
N TYR A 2 6.81 -18.74 -43.64
CA TYR A 2 8.01 -19.57 -43.89
C TYR A 2 9.28 -19.34 -43.06
N ASP A 3 10.19 -20.29 -43.16
CA ASP A 3 11.35 -20.35 -42.28
C ASP A 3 12.63 -19.99 -43.00
N LEU A 4 13.53 -19.30 -42.28
CA LEU A 4 14.87 -19.05 -42.79
C LEU A 4 15.85 -20.14 -42.32
N THR A 5 16.61 -20.69 -43.25
CA THR A 5 17.58 -21.72 -42.95
C THR A 5 18.97 -21.12 -43.07
N GLN A 6 19.78 -21.22 -42.00
CA GLN A 6 21.24 -21.05 -42.15
C GLN A 6 21.96 -22.31 -41.65
N PRO A 7 23.19 -22.57 -42.11
CA PRO A 7 23.97 -23.70 -41.60
C PRO A 7 24.30 -23.40 -40.15
N PRO A 8 24.27 -24.39 -39.27
CA PRO A 8 24.57 -24.11 -37.86
C PRO A 8 26.04 -23.74 -37.54
N SER A 9 27.00 -24.20 -38.32
CA SER A 9 28.37 -23.82 -37.99
C SER A 9 29.21 -23.52 -39.22
N VAL A 10 30.20 -22.64 -39.06
CA VAL A 10 31.21 -22.44 -40.09
C VAL A 10 32.53 -22.20 -39.40
N SER A 11 33.60 -22.69 -40.00
CA SER A 11 34.94 -22.59 -39.41
C SER A 11 35.92 -22.16 -40.48
N VAL A 12 36.79 -21.24 -40.13
CA VAL A 12 37.64 -20.63 -41.11
C VAL A 12 38.95 -20.32 -40.40
N SER A 13 40.05 -20.11 -41.14
CA SER A 13 41.36 -19.74 -40.55
C SER A 13 41.56 -18.24 -40.68
N PRO A 14 42.39 -17.65 -39.80
CA PRO A 14 42.45 -16.18 -39.89
C PRO A 14 42.79 -15.78 -41.32
N GLY A 15 42.14 -14.79 -41.89
CA GLY A 15 42.45 -14.44 -43.26
C GLY A 15 41.52 -15.06 -44.28
N GLN A 16 41.06 -16.30 -44.09
CA GLN A 16 40.16 -16.92 -45.07
C GLN A 16 38.90 -16.10 -45.08
N THR A 17 38.16 -16.12 -46.18
CA THR A 17 36.88 -15.39 -46.22
C THR A 17 35.81 -16.34 -45.72
N ALA A 18 34.95 -15.87 -44.83
CA ALA A 18 33.87 -16.73 -44.34
C ALA A 18 32.57 -16.35 -45.04
N SER A 19 31.77 -17.39 -45.29
CA SER A 19 30.52 -17.29 -46.02
C SER A 19 29.39 -17.95 -45.25
N ILE A 20 28.32 -17.20 -45.04
CA ILE A 20 27.13 -17.68 -44.34
C ILE A 20 25.86 -17.51 -45.21
N SER A 21 25.25 -18.63 -45.55
CA SER A 21 24.04 -18.62 -46.39
C SER A 21 22.72 -18.54 -45.58
N CYS A 22 21.69 -17.98 -46.18
CA CYS A 22 20.37 -17.91 -45.61
C CYS A 22 19.25 -18.12 -46.68
N SER A 23 18.49 -19.21 -46.59
CA SER A 23 17.43 -19.55 -47.59
C SER A 23 16.03 -19.37 -47.07
N GLY A 24 15.11 -19.01 -47.96
CA GLY A 24 13.71 -19.08 -47.59
C GLY A 24 12.68 -18.73 -48.65
N ASP A 25 11.47 -19.28 -48.43
CA ASP A 25 10.45 -19.31 -49.46
C ASP A 25 10.29 -18.01 -50.27
N LYS A 26 10.14 -16.86 -49.62
CA LYS A 26 9.97 -15.69 -50.48
C LYS A 26 11.15 -14.72 -50.53
N LEU A 27 12.35 -15.21 -50.18
CA LEU A 27 13.51 -14.35 -49.96
C LEU A 27 13.84 -13.42 -51.12
N ASP A 28 13.56 -13.86 -52.34
CA ASP A 28 13.92 -13.09 -53.53
C ASP A 28 13.18 -11.78 -53.73
N ASP A 29 11.92 -11.70 -53.29
CA ASP A 29 11.25 -10.40 -53.25
C ASP A 29 11.30 -9.84 -51.81
N LYS A 30 12.25 -10.28 -50.99
CA LYS A 30 12.29 -9.77 -49.62
C LYS A 30 13.65 -9.25 -49.15
N TYR A 31 13.64 -8.07 -48.57
CA TYR A 31 14.86 -7.48 -48.04
C TYR A 31 15.34 -8.34 -46.89
N VAL A 32 16.62 -8.72 -46.91
CA VAL A 32 17.27 -9.46 -45.82
C VAL A 32 18.24 -8.55 -45.00
N SER A 33 18.18 -8.67 -43.67
CA SER A 33 19.09 -8.00 -42.79
C SER A 33 19.91 -9.09 -42.12
N TRP A 34 21.13 -8.72 -41.67
CA TRP A 34 22.08 -9.65 -41.00
C TRP A 34 22.54 -9.03 -39.71
N TYR A 35 22.67 -9.87 -38.69
CA TYR A 35 23.02 -9.43 -37.36
C TYR A 35 24.15 -10.26 -36.79
N TYR A 36 25.03 -9.58 -36.07
CA TYR A 36 26.06 -10.24 -35.30
C TYR A 36 25.73 -10.25 -33.80
N GLN A 37 25.97 -11.38 -33.14
CA GLN A 37 25.94 -11.39 -31.68
C GLN A 37 27.14 -12.14 -31.09
N ARG A 38 27.97 -11.46 -30.30
CA ARG A 38 28.99 -12.11 -29.48
C ARG A 38 28.30 -12.57 -28.22
N PRO A 39 28.50 -13.84 -27.84
CA PRO A 39 27.75 -14.41 -26.70
C PRO A 39 27.86 -13.53 -25.44
N GLY A 40 26.77 -13.43 -24.70
CA GLY A 40 26.72 -12.50 -23.59
C GLY A 40 26.42 -11.07 -23.96
N GLN A 41 26.63 -10.66 -25.22
CA GLN A 41 26.36 -9.27 -25.64
C GLN A 41 25.04 -9.12 -26.43
N SER A 42 24.70 -7.88 -26.81
CA SER A 42 23.54 -7.54 -27.65
C SER A 42 23.75 -7.73 -29.13
N PRO A 43 22.71 -8.09 -29.92
CA PRO A 43 22.96 -8.19 -31.36
C PRO A 43 23.43 -6.88 -31.96
N VAL A 44 24.14 -6.94 -33.09
CA VAL A 44 24.60 -5.75 -33.81
C VAL A 44 24.21 -5.86 -35.26
N LEU A 45 23.66 -4.81 -35.83
CA LEU A 45 23.20 -4.82 -37.21
C LEU A 45 24.38 -4.67 -38.18
N LEU A 46 24.55 -5.63 -39.07
CA LEU A 46 25.69 -5.53 -39.96
C LEU A 46 25.34 -5.15 -41.35
N MET A 47 24.05 -5.28 -41.71
CA MET A 47 23.65 -5.31 -43.13
C MET A 47 22.14 -5.15 -43.20
N TYR A 48 21.63 -4.23 -44.02
CA TYR A 48 20.19 -4.11 -44.26
C TYR A 48 19.94 -3.99 -45.76
N GLN A 49 18.70 -4.21 -46.19
CA GLN A 49 18.34 -4.25 -47.64
C GLN A 49 19.29 -5.13 -48.46
N ASP A 50 19.56 -6.36 -48.00
CA ASP A 50 20.44 -7.32 -48.69
C ASP A 50 21.93 -6.99 -48.63
N PHE A 51 22.31 -5.74 -48.90
CA PHE A 51 23.69 -5.41 -49.31
C PHE A 51 24.30 -4.10 -48.74
N LYS A 52 23.48 -3.32 -48.05
CA LYS A 52 23.87 -2.00 -47.52
C LYS A 52 24.32 -2.10 -46.06
N ARG A 53 25.47 -1.48 -45.76
CA ARG A 53 26.11 -1.48 -44.48
C ARG A 53 25.75 -0.24 -43.69
N PRO A 54 25.26 -0.42 -42.46
CA PRO A 54 25.05 0.72 -41.54
C PRO A 54 26.34 1.53 -41.37
N SER A 55 26.23 2.79 -41.07
CA SER A 55 27.44 3.56 -40.86
C SER A 55 28.31 2.94 -39.69
N GLY A 56 29.61 2.78 -39.93
CA GLY A 56 30.50 2.12 -38.94
C GLY A 56 30.87 0.66 -39.17
N ILE A 57 30.10 -0.06 -39.98
CA ILE A 57 30.34 -1.47 -40.27
C ILE A 57 31.40 -1.57 -41.34
N PRO A 58 32.44 -2.41 -41.16
CA PRO A 58 33.53 -2.25 -42.13
C PRO A 58 33.28 -2.89 -43.49
N GLU A 59 33.88 -2.31 -44.52
CA GLU A 59 33.78 -2.78 -45.93
C GLU A 59 34.10 -4.26 -46.16
N ARG A 60 34.91 -4.89 -45.32
CA ARG A 60 35.24 -6.32 -45.54
C ARG A 60 34.02 -7.27 -45.25
N LEU A 61 32.92 -6.69 -44.81
CA LEU A 61 31.73 -7.46 -44.67
C LEU A 61 30.82 -7.02 -45.81
N SER A 62 30.37 -7.99 -46.60
CA SER A 62 29.45 -7.67 -47.67
C SER A 62 28.27 -8.63 -47.86
N GLY A 63 27.14 -8.04 -48.20
CA GLY A 63 25.91 -8.81 -48.35
C GLY A 63 25.51 -8.98 -49.81
N SER A 64 25.05 -10.18 -50.17
CA SER A 64 24.60 -10.42 -51.53
C SER A 64 23.37 -11.35 -51.59
N LYS A 65 22.87 -11.59 -52.79
CA LYS A 65 21.62 -12.34 -52.98
C LYS A 65 21.58 -12.99 -54.32
N SER A 66 20.93 -14.14 -54.39
CA SER A 66 20.77 -14.92 -55.61
C SER A 66 19.64 -15.95 -55.41
N GLY A 67 18.55 -15.75 -56.17
CA GLY A 67 17.32 -16.56 -56.04
C GLY A 67 16.76 -16.31 -54.64
N LYS A 68 16.35 -17.39 -53.96
CA LYS A 68 15.85 -17.30 -52.58
C LYS A 68 16.98 -17.27 -51.52
N THR A 69 18.26 -17.23 -51.92
CA THR A 69 19.37 -17.34 -50.99
C THR A 69 20.11 -16.00 -50.74
N ALA A 70 20.12 -15.52 -49.51
CA ALA A 70 20.99 -14.41 -49.12
C ALA A 70 22.32 -14.95 -48.60
N THR A 71 23.42 -14.21 -48.80
CA THR A 71 24.72 -14.62 -48.27
C THR A 71 25.45 -13.47 -47.59
N LEU A 72 26.09 -13.79 -46.47
CA LEU A 72 26.94 -12.81 -45.82
C LEU A 72 28.34 -13.27 -45.97
N THR A 73 29.20 -12.36 -46.39
CA THR A 73 30.58 -12.70 -46.64
C THR A 73 31.43 -11.86 -45.71
N ILE A 74 32.35 -12.53 -45.07
CA ILE A 74 33.25 -11.85 -44.17
C ILE A 74 34.62 -12.13 -44.71
N SER A 75 35.32 -11.09 -45.12
CA SER A 75 36.69 -11.31 -45.51
C SER A 75 37.65 -10.69 -44.53
N GLY A 76 38.91 -11.14 -44.61
CA GLY A 76 39.91 -10.81 -43.64
C GLY A 76 39.41 -11.27 -42.30
N THR A 77 38.90 -12.51 -42.22
CA THR A 77 38.24 -12.94 -41.01
C THR A 77 39.26 -13.12 -39.90
N GLN A 78 38.99 -12.49 -38.77
CA GLN A 78 39.83 -12.52 -37.58
C GLN A 78 38.98 -12.92 -36.39
N SER A 79 39.65 -13.37 -35.33
CA SER A 79 39.01 -13.84 -34.10
C SER A 79 37.90 -12.99 -33.51
N LEU A 80 38.08 -11.67 -33.43
CA LEU A 80 37.01 -10.75 -33.03
C LEU A 80 35.65 -11.04 -33.73
N ASP A 81 35.69 -11.69 -34.91
CA ASP A 81 34.48 -11.96 -35.71
C ASP A 81 33.71 -13.19 -35.20
N GLU A 82 34.39 -14.01 -34.40
CA GLU A 82 33.79 -15.18 -33.80
C GLU A 82 32.48 -14.86 -33.06
N GLY A 83 31.49 -15.71 -33.24
CA GLY A 83 30.21 -15.48 -32.58
C GLY A 83 29.12 -16.01 -33.48
N ASP A 84 27.89 -15.52 -33.25
CA ASP A 84 26.69 -15.94 -33.98
C ASP A 84 26.17 -14.85 -34.93
N TYR A 85 25.77 -15.30 -36.12
CA TYR A 85 25.17 -14.48 -37.16
C TYR A 85 23.75 -14.90 -37.48
N TYR A 86 22.84 -13.93 -37.59
CA TYR A 86 21.43 -14.18 -37.85
C TYR A 86 20.95 -13.39 -39.03
N CYS A 87 20.24 -14.04 -39.94
CA CYS A 87 19.58 -13.28 -40.96
C CYS A 87 18.17 -13.01 -40.46
N GLN A 88 17.49 -12.04 -41.09
CA GLN A 88 16.11 -11.75 -40.79
C GLN A 88 15.44 -11.06 -41.95
N ALA A 89 14.18 -11.42 -42.17
CA ALA A 89 13.32 -10.72 -43.09
C ALA A 89 11.94 -10.62 -42.48
N TRP A 90 10.99 -10.24 -43.33
CA TRP A 90 9.61 -10.05 -42.94
C TRP A 90 8.73 -11.02 -43.68
N ASP A 91 7.56 -11.28 -43.13
CA ASP A 91 6.53 -11.97 -43.87
C ASP A 91 5.22 -11.30 -43.62
N ALA A 92 4.45 -11.13 -44.68
CA ALA A 92 3.10 -10.61 -44.57
C ALA A 92 2.12 -11.60 -45.19
N SER A 93 1.42 -12.35 -44.35
CA SER A 93 0.40 -13.30 -44.79
C SER A 93 -0.98 -12.70 -44.62
N THR A 94 -1.83 -12.87 -45.61
CA THR A 94 -3.26 -12.66 -45.38
C THR A 94 -3.75 -13.75 -44.38
N GLY A 95 -3.43 -15.02 -44.69
CA GLY A 95 -3.93 -16.18 -43.94
C GLY A 95 -5.38 -16.52 -44.33
N GLY A 99 -9.10 -13.11 -44.74
CA GLY A 99 -8.56 -11.79 -45.09
C GLY A 99 -7.67 -11.20 -43.98
N GLY A 100 -7.27 -9.93 -44.15
CA GLY A 100 -6.51 -9.19 -43.16
C GLY A 100 -5.04 -9.55 -43.14
N THR A 101 -4.17 -8.54 -43.00
CA THR A 101 -2.71 -8.76 -43.03
C THR A 101 -1.98 -8.98 -41.66
N LYS A 102 -1.41 -10.18 -41.55
CA LYS A 102 -0.67 -10.64 -40.41
C LYS A 102 0.86 -10.39 -40.64
N LEU A 103 1.46 -9.48 -39.86
CA LEU A 103 2.93 -9.21 -39.94
C LEU A 103 3.85 -10.11 -39.07
N THR A 104 5.01 -10.47 -39.61
CA THR A 104 5.92 -11.33 -38.88
C THR A 104 7.38 -11.01 -39.15
N VAL A 105 8.18 -10.92 -38.09
CA VAL A 105 9.62 -10.83 -38.20
C VAL A 105 10.17 -12.23 -38.17
N LEU A 106 10.91 -12.59 -39.21
CA LEU A 106 11.52 -13.89 -39.36
C LEU A 106 13.04 -13.90 -39.02
N PHE A 107 13.45 -14.78 -38.08
CA PHE A 107 14.89 -14.95 -37.82
C PHE A 107 15.38 -16.27 -38.34
N GLY A 108 16.67 -16.33 -38.69
CA GLY A 108 17.30 -17.59 -39.02
C GLY A 108 17.65 -18.26 -37.71
N ASP A 109 17.98 -19.54 -37.78
CA ASP A 109 18.40 -20.26 -36.60
C ASP A 109 19.75 -19.83 -36.09
N GLY A 110 20.53 -19.16 -36.93
CA GLY A 110 21.81 -18.66 -36.49
C GLY A 110 22.98 -19.54 -36.87
N THR A 111 24.15 -18.94 -37.06
CA THR A 111 25.29 -19.67 -37.52
C THR A 111 26.45 -19.31 -36.60
N ARG A 112 27.05 -20.34 -35.99
CA ARG A 112 28.25 -20.17 -35.16
C ARG A 112 29.50 -20.19 -36.01
N LEU A 113 30.20 -19.04 -36.07
CA LEU A 113 31.53 -18.92 -36.73
C LEU A 113 32.65 -19.11 -35.76
N THR A 114 33.55 -20.02 -36.13
CA THR A 114 34.78 -20.30 -35.43
C THR A 114 35.95 -19.87 -36.31
N VAL A 115 36.92 -19.17 -35.73
CA VAL A 115 38.13 -18.88 -36.41
C VAL A 115 39.25 -19.61 -35.71
N LEU A 116 39.96 -20.48 -36.44
CA LEU A 116 40.97 -21.36 -35.84
C LEU A 116 42.28 -20.60 -35.70
N GLY A 117 42.57 -20.05 -34.54
CA GLY A 117 43.77 -19.25 -34.43
C GLY A 117 44.97 -19.90 -33.77
N GLN A 118 44.96 -21.24 -33.65
CA GLN A 118 46.13 -21.94 -33.14
C GLN A 118 46.10 -23.42 -33.56
N PRO A 119 47.21 -24.15 -33.43
CA PRO A 119 47.10 -25.55 -33.90
C PRO A 119 46.18 -26.46 -33.06
N LYS A 120 45.70 -27.55 -33.66
CA LYS A 120 44.78 -28.43 -32.97
C LYS A 120 45.46 -29.02 -31.73
N ALA A 121 44.78 -29.05 -30.59
CA ALA A 121 45.36 -29.60 -29.36
C ALA A 121 44.40 -30.51 -28.61
N ALA A 122 44.82 -31.76 -28.40
CA ALA A 122 44.03 -32.76 -27.70
C ALA A 122 43.84 -32.39 -26.21
N PRO A 123 42.69 -32.75 -25.63
CA PRO A 123 42.36 -32.51 -24.21
C PRO A 123 43.08 -33.42 -23.24
N SER A 124 43.41 -32.92 -22.05
CA SER A 124 43.77 -33.79 -20.96
C SER A 124 42.43 -34.16 -20.28
N VAL A 125 42.17 -35.46 -20.10
CA VAL A 125 40.98 -35.88 -19.38
C VAL A 125 41.38 -36.35 -17.99
N THR A 126 40.60 -35.92 -16.99
CA THR A 126 40.72 -36.43 -15.62
C THR A 126 39.34 -36.86 -15.18
N LEU A 127 39.20 -38.16 -14.87
CA LEU A 127 37.99 -38.71 -14.24
C LEU A 127 38.24 -38.92 -12.74
N PHE A 128 37.43 -38.27 -11.88
CA PHE A 128 37.44 -38.49 -10.40
C PHE A 128 36.30 -39.39 -9.92
N PRO A 129 36.61 -40.26 -8.92
CA PRO A 129 35.56 -41.11 -8.41
C PRO A 129 34.97 -40.38 -7.23
N PRO A 130 33.73 -40.74 -6.84
CA PRO A 130 33.09 -40.17 -5.69
C PRO A 130 34.01 -40.27 -4.53
N SER A 131 34.11 -39.19 -3.76
CA SER A 131 34.93 -39.14 -2.56
C SER A 131 34.21 -39.93 -1.50
N SER A 132 34.93 -40.39 -0.50
CA SER A 132 34.28 -41.13 0.57
C SER A 132 33.26 -40.22 1.28
N GLU A 133 33.64 -38.96 1.51
CA GLU A 133 32.74 -37.94 2.05
C GLU A 133 31.39 -37.95 1.32
N GLU A 134 31.44 -37.79 0.01
CA GLU A 134 30.21 -37.80 -0.78
C GLU A 134 29.42 -39.12 -0.65
N LEU A 135 30.11 -40.14 -0.17
CA LEU A 135 29.51 -41.45 -0.12
C LEU A 135 28.68 -41.60 1.13
N GLN A 136 29.17 -41.08 2.26
CA GLN A 136 28.36 -40.96 3.49
C GLN A 136 27.44 -39.75 3.39
N ALA A 137 26.54 -39.79 2.41
CA ALA A 137 25.62 -38.71 2.14
C ALA A 137 24.67 -39.27 1.13
N ASN A 138 24.95 -40.53 0.79
CA ASN A 138 24.13 -41.33 -0.13
C ASN A 138 23.84 -40.69 -1.49
N LYS A 139 24.85 -39.97 -2.01
CA LYS A 139 24.93 -39.59 -3.44
C LYS A 139 26.29 -40.00 -4.03
N ALA A 140 26.32 -40.20 -5.35
CA ALA A 140 27.55 -40.55 -6.08
C ALA A 140 27.76 -39.67 -7.31
N THR A 141 28.90 -39.00 -7.33
CA THR A 141 29.27 -38.11 -8.44
C THR A 141 30.64 -38.42 -9.04
N LEU A 142 30.61 -38.81 -10.31
CA LEU A 142 31.78 -38.89 -11.16
C LEU A 142 32.01 -37.51 -11.84
N VAL A 143 33.27 -37.06 -11.76
CA VAL A 143 33.68 -35.73 -12.17
C VAL A 143 34.74 -35.87 -13.27
N CYS A 144 34.32 -35.69 -14.51
CA CYS A 144 35.20 -35.78 -15.69
C CYS A 144 35.63 -34.37 -16.10
N LEU A 145 36.89 -34.00 -15.82
CA LEU A 145 37.46 -32.67 -16.18
C LEU A 145 38.26 -32.75 -17.46
N ILE A 146 37.87 -31.93 -18.43
CA ILE A 146 38.42 -31.93 -19.78
C ILE A 146 39.08 -30.58 -20.00
N SER A 147 40.41 -30.58 -20.15
CA SER A 147 41.19 -29.33 -20.30
C SER A 147 42.14 -29.23 -21.49
N ASP A 148 42.59 -27.99 -21.77
CA ASP A 148 43.68 -27.69 -22.71
C ASP A 148 43.45 -28.14 -24.14
N PHE A 149 42.20 -28.12 -24.56
CA PHE A 149 41.91 -28.56 -25.89
C PHE A 149 41.67 -27.38 -26.79
N TYR A 150 41.92 -27.60 -28.06
CA TYR A 150 41.64 -26.59 -29.04
C TYR A 150 41.40 -27.32 -30.35
N PRO A 151 40.35 -26.92 -31.11
CA PRO A 151 39.35 -25.88 -30.79
C PRO A 151 38.33 -26.30 -29.76
N GLY A 152 37.55 -25.33 -29.28
CA GLY A 152 36.62 -25.56 -28.18
C GLY A 152 35.31 -26.26 -28.51
N ALA A 153 35.38 -27.50 -28.99
CA ALA A 153 34.19 -28.31 -29.19
C ALA A 153 34.56 -29.72 -28.83
N VAL A 154 33.79 -30.33 -27.95
CA VAL A 154 33.91 -31.77 -27.71
C VAL A 154 32.54 -32.44 -27.61
N THR A 155 32.54 -33.77 -27.64
CA THR A 155 31.40 -34.59 -27.22
C THR A 155 31.88 -35.60 -26.19
N VAL A 156 31.02 -35.84 -25.21
CA VAL A 156 31.32 -36.72 -24.11
C VAL A 156 30.36 -37.88 -24.15
N ALA A 157 30.91 -39.08 -24.02
CA ALA A 157 30.10 -40.30 -23.91
C ALA A 157 30.38 -40.91 -22.57
N TRP A 158 29.34 -41.39 -21.93
CA TRP A 158 29.55 -42.05 -20.67
C TRP A 158 29.27 -43.56 -20.82
N LYS A 159 29.77 -44.35 -19.87
CA LYS A 159 29.76 -45.79 -20.08
C LYS A 159 29.83 -46.58 -18.79
N ALA A 160 28.87 -47.50 -18.65
CA ALA A 160 28.83 -48.46 -17.57
C ALA A 160 29.35 -49.79 -18.13
N ASP A 161 30.55 -50.17 -17.67
CA ASP A 161 31.30 -51.34 -18.18
C ASP A 161 31.59 -51.21 -19.68
N SER A 162 30.56 -51.30 -20.51
CA SER A 162 30.62 -50.80 -21.88
C SER A 162 29.24 -50.41 -22.37
N SER A 163 28.35 -50.09 -21.43
CA SER A 163 26.99 -49.67 -21.78
C SER A 163 26.82 -48.15 -21.79
N PRO A 164 26.29 -47.60 -22.90
CA PRO A 164 26.09 -46.15 -23.00
C PRO A 164 25.01 -45.68 -22.03
N VAL A 165 25.40 -44.89 -21.03
CA VAL A 165 24.49 -44.37 -20.00
C VAL A 165 24.08 -42.94 -20.28
N LYS A 166 22.89 -42.55 -19.82
CA LYS A 166 22.42 -41.17 -19.99
C LYS A 166 21.74 -40.57 -18.76
N ALA A 167 21.51 -41.40 -17.74
CA ALA A 167 20.91 -40.96 -16.47
C ALA A 167 21.94 -40.20 -15.65
N GLY A 168 21.62 -38.96 -15.30
CA GLY A 168 22.48 -38.15 -14.41
C GLY A 168 23.63 -37.40 -15.09
N VAL A 169 23.75 -37.58 -16.40
CA VAL A 169 24.80 -36.98 -17.24
C VAL A 169 24.54 -35.50 -17.47
N GLU A 170 25.38 -34.68 -16.85
CA GLU A 170 25.37 -33.23 -17.09
C GLU A 170 26.72 -32.75 -17.59
N THR A 171 26.69 -32.02 -18.69
CA THR A 171 27.92 -31.58 -19.36
C THR A 171 27.89 -30.07 -19.67
N THR A 172 28.97 -29.36 -19.33
CA THR A 172 29.04 -27.92 -19.59
C THR A 172 29.56 -27.67 -20.99
N THR A 173 29.15 -26.54 -21.55
CA THR A 173 29.67 -25.98 -22.78
C THR A 173 31.11 -25.57 -22.51
N PRO A 174 32.01 -25.86 -23.46
CA PRO A 174 33.41 -25.49 -23.32
C PRO A 174 33.52 -24.01 -23.17
N SER A 175 34.51 -23.54 -22.43
CA SER A 175 34.74 -22.12 -22.23
C SER A 175 36.23 -21.80 -22.19
N LYS A 176 36.61 -20.65 -22.72
CA LYS A 176 38.02 -20.28 -22.90
C LYS A 176 38.69 -20.18 -21.56
N GLN A 177 39.78 -20.91 -21.38
CA GLN A 177 40.62 -20.83 -20.19
C GLN A 177 41.55 -19.58 -20.20
N SER A 178 42.26 -19.42 -19.10
CA SER A 178 43.40 -18.52 -18.95
C SER A 178 44.31 -18.54 -20.22
N ASN A 179 44.88 -19.72 -20.53
CA ASN A 179 45.91 -19.85 -21.55
C ASN A 179 45.35 -19.88 -22.96
N ASN A 180 44.05 -19.65 -23.08
CA ASN A 180 43.41 -19.53 -24.37
C ASN A 180 43.05 -20.85 -25.03
N LYS A 181 43.28 -21.93 -24.29
CA LYS A 181 42.75 -23.24 -24.69
C LYS A 181 41.37 -23.46 -24.01
N TYR A 182 40.63 -24.52 -24.36
CA TYR A 182 39.33 -24.68 -23.75
C TYR A 182 39.26 -25.68 -22.62
N ALA A 183 38.23 -25.51 -21.79
CA ALA A 183 37.85 -26.50 -20.77
C ALA A 183 36.37 -26.85 -20.82
N ALA A 184 36.04 -28.06 -20.36
CA ALA A 184 34.62 -28.41 -20.16
C ALA A 184 34.60 -29.44 -19.06
N SER A 185 33.43 -29.68 -18.50
CA SER A 185 33.27 -30.74 -17.51
C SER A 185 31.94 -31.45 -17.64
N SER A 186 32.01 -32.75 -17.43
CA SER A 186 30.86 -33.64 -17.47
C SER A 186 30.66 -34.21 -16.06
N TYR A 187 29.40 -34.36 -15.66
CA TYR A 187 29.08 -34.92 -14.35
C TYR A 187 28.21 -36.14 -14.52
N LEU A 188 28.57 -37.22 -13.82
CA LEU A 188 27.71 -38.42 -13.76
C LEU A 188 27.20 -38.63 -12.36
N SER A 189 25.92 -38.31 -12.19
CA SER A 189 25.27 -38.41 -10.87
C SER A 189 24.55 -39.74 -10.70
N LEU A 190 25.07 -40.55 -9.79
CA LEU A 190 24.46 -41.84 -9.50
C LEU A 190 24.23 -42.09 -8.00
N THR A 191 23.71 -43.28 -7.67
CA THR A 191 23.52 -43.72 -6.29
C THR A 191 24.76 -44.50 -5.86
N PRO A 192 25.11 -44.49 -4.57
CA PRO A 192 26.18 -45.40 -4.14
C PRO A 192 25.90 -46.84 -4.58
N GLU A 193 24.63 -47.18 -4.81
CA GLU A 193 24.23 -48.54 -5.24
C GLU A 193 24.66 -48.83 -6.66
N GLN A 194 24.47 -47.86 -7.55
CA GLN A 194 24.88 -48.01 -8.93
C GLN A 194 26.42 -48.00 -9.07
N TRP A 195 27.10 -47.24 -8.21
CA TRP A 195 28.57 -47.15 -8.18
C TRP A 195 29.18 -48.51 -7.86
N LYS A 196 28.55 -49.23 -6.94
CA LYS A 196 28.92 -50.59 -6.57
C LYS A 196 28.38 -51.55 -7.64
N SER A 197 27.15 -51.27 -8.09
CA SER A 197 26.41 -52.04 -9.10
C SER A 197 27.17 -52.33 -10.41
N HIS A 198 28.35 -51.74 -10.58
CA HIS A 198 29.14 -51.95 -11.79
C HIS A 198 30.62 -52.05 -11.50
N LYS A 199 31.32 -52.80 -12.35
CA LYS A 199 32.76 -53.06 -12.18
C LYS A 199 33.57 -51.79 -12.48
N SER A 200 33.33 -51.20 -13.66
CA SER A 200 33.99 -49.96 -14.09
C SER A 200 33.02 -48.92 -14.67
N TYR A 201 33.44 -47.65 -14.62
CA TYR A 201 32.75 -46.54 -15.32
C TYR A 201 33.65 -45.78 -16.31
N SER A 202 33.10 -45.42 -17.47
CA SER A 202 33.90 -44.76 -18.51
C SER A 202 33.45 -43.37 -18.97
N CYS A 203 34.43 -42.45 -19.06
CA CYS A 203 34.30 -41.11 -19.71
C CYS A 203 35.19 -41.08 -20.96
N GLN A 204 34.57 -40.86 -22.12
CA GLN A 204 35.24 -40.85 -23.42
C GLN A 204 34.96 -39.54 -24.14
N VAL A 205 35.94 -38.66 -24.06
CA VAL A 205 35.89 -37.38 -24.75
C VAL A 205 36.38 -37.58 -26.16
N THR A 206 35.55 -37.20 -27.13
CA THR A 206 35.92 -37.09 -28.55
C THR A 206 36.18 -35.64 -28.94
N HIS A 207 37.38 -35.40 -29.46
CA HIS A 207 37.77 -34.08 -29.91
C HIS A 207 38.34 -34.21 -31.33
N GLU A 208 37.72 -33.50 -32.27
CA GLU A 208 38.06 -33.51 -33.70
C GLU A 208 38.30 -34.89 -34.21
N GLY A 209 37.43 -35.83 -33.88
CA GLY A 209 37.59 -37.17 -34.38
C GLY A 209 38.47 -38.15 -33.63
N SER A 210 39.22 -37.67 -32.64
CA SER A 210 40.04 -38.54 -31.77
C SER A 210 39.46 -38.60 -30.36
N THR A 211 39.55 -39.76 -29.71
CA THR A 211 38.91 -39.87 -28.41
C THR A 211 39.82 -40.27 -27.27
N VAL A 212 39.56 -39.69 -26.10
CA VAL A 212 40.41 -39.91 -24.93
C VAL A 212 39.51 -40.43 -23.81
N GLU A 213 39.93 -41.54 -23.23
CA GLU A 213 39.09 -42.26 -22.28
C GLU A 213 39.84 -42.34 -20.96
N LYS A 214 39.16 -41.93 -19.90
CA LYS A 214 39.59 -42.35 -18.59
C LYS A 214 38.53 -43.29 -18.02
N THR A 215 38.94 -44.12 -17.07
CA THR A 215 38.07 -45.13 -16.48
C THR A 215 38.29 -45.16 -14.97
N VAL A 216 37.20 -45.38 -14.22
CA VAL A 216 37.31 -45.70 -12.78
C VAL A 216 36.45 -46.90 -12.32
N ALA A 217 36.75 -47.35 -11.10
CA ALA A 217 36.21 -48.59 -10.52
C ALA A 217 36.09 -48.55 -8.99
N PRO A 218 34.98 -49.09 -8.45
CA PRO A 218 34.90 -49.29 -7.00
C PRO A 218 35.83 -50.42 -6.52
N THR A 219 36.70 -50.13 -5.55
CA THR A 219 36.87 -48.78 -4.97
C THR A 219 38.34 -48.34 -4.74
N GLU B 1 23.07 9.32 -24.61
CA GLU B 1 23.08 9.46 -26.10
C GLU B 1 21.76 8.93 -26.72
N VAL B 2 21.87 8.42 -27.95
CA VAL B 2 20.80 7.66 -28.59
C VAL B 2 20.92 6.22 -28.05
N GLN B 3 20.04 5.85 -27.12
CA GLN B 3 20.03 4.47 -26.61
C GLN B 3 18.70 3.90 -26.11
N LEU B 4 18.71 2.58 -25.87
CA LEU B 4 17.67 1.82 -25.20
C LEU B 4 18.28 1.15 -23.97
N VAL B 5 17.72 1.50 -22.81
CA VAL B 5 18.22 1.10 -21.51
C VAL B 5 17.15 0.28 -20.84
N GLU B 6 17.44 -0.98 -20.59
CA GLU B 6 16.45 -1.91 -20.08
C GLU B 6 16.59 -2.00 -18.56
N SER B 7 15.54 -2.46 -17.88
CA SER B 7 15.53 -2.63 -16.44
C SER B 7 16.33 -3.86 -16.06
N GLY B 8 16.59 -4.04 -14.76
CA GLY B 8 17.54 -5.07 -14.25
C GLY B 8 17.06 -6.50 -14.25
N GLY B 9 17.97 -7.43 -13.91
CA GLY B 9 17.67 -8.85 -13.90
C GLY B 9 16.57 -9.19 -12.91
N GLU B 10 15.88 -10.30 -13.12
CA GLU B 10 14.69 -10.66 -12.37
C GLU B 10 14.72 -12.14 -12.07
N VAL B 11 14.39 -12.46 -10.81
CA VAL B 11 14.24 -13.86 -10.34
C VAL B 11 12.85 -13.95 -9.72
N LYS B 12 12.02 -14.85 -10.25
CA LYS B 12 10.58 -14.92 -9.90
C LYS B 12 10.23 -16.37 -9.68
N GLN B 13 9.27 -16.62 -8.79
CA GLN B 13 8.77 -18.01 -8.61
C GLN B 13 7.62 -18.17 -9.62
N PRO B 14 7.38 -19.39 -10.14
CA PRO B 14 6.27 -19.59 -11.11
C PRO B 14 4.93 -19.13 -10.57
N GLY B 15 4.09 -18.57 -11.45
CA GLY B 15 2.80 -18.01 -11.03
C GLY B 15 2.88 -16.54 -10.65
N GLN B 16 4.08 -16.01 -10.49
CA GLN B 16 4.15 -14.58 -10.33
C GLN B 16 4.01 -13.81 -11.65
N SER B 17 3.67 -12.55 -11.53
CA SER B 17 3.48 -11.72 -12.67
C SER B 17 4.74 -10.88 -12.81
N LEU B 18 4.91 -10.15 -13.93
CA LEU B 18 6.12 -9.33 -14.12
C LEU B 18 5.98 -8.29 -15.23
N LYS B 19 6.61 -7.14 -15.04
CA LYS B 19 6.63 -6.08 -16.02
C LYS B 19 8.04 -5.52 -16.14
N ILE B 20 8.67 -5.73 -17.29
CA ILE B 20 10.03 -5.25 -17.51
C ILE B 20 9.97 -4.05 -18.43
N SER B 21 10.99 -3.18 -18.32
CA SER B 21 10.92 -1.95 -19.08
C SER B 21 12.08 -1.70 -20.03
N CYS B 22 11.91 -0.67 -20.88
CA CYS B 22 12.82 -0.34 -21.97
C CYS B 22 12.74 1.17 -22.23
N LYS B 23 13.65 1.92 -21.64
CA LYS B 23 13.56 3.37 -21.71
C LYS B 23 14.40 3.92 -22.88
N SER B 24 13.74 4.55 -23.85
CA SER B 24 14.49 5.16 -24.97
C SER B 24 14.99 6.54 -24.62
N SER B 25 16.05 6.99 -25.29
CA SER B 25 16.51 8.35 -25.15
C SER B 25 17.24 8.76 -26.45
N GLY B 26 17.31 10.07 -26.74
CA GLY B 26 18.16 10.58 -27.86
C GLY B 26 17.54 10.64 -29.24
N TYR B 27 16.29 10.19 -29.36
CA TYR B 27 15.53 10.26 -30.62
C TYR B 27 14.04 10.28 -30.30
N ASN B 28 13.23 10.60 -31.31
CA ASN B 28 11.79 10.67 -31.15
C ASN B 28 11.14 9.29 -30.98
N PHE B 29 10.87 8.95 -29.71
CA PHE B 29 10.39 7.63 -29.31
C PHE B 29 9.11 7.22 -30.07
N LEU B 30 8.29 8.20 -30.45
CA LEU B 30 6.95 7.90 -30.96
C LEU B 30 7.03 7.38 -32.37
N ASP B 31 8.10 7.73 -33.07
CA ASP B 31 8.10 7.59 -34.52
C ASP B 31 8.79 6.34 -35.09
N SER B 32 9.43 5.52 -34.25
CA SER B 32 9.96 4.18 -34.69
C SER B 32 9.36 2.97 -33.95
N TRP B 33 9.11 1.87 -34.68
CA TRP B 33 8.67 0.67 -34.00
C TRP B 33 9.74 0.14 -32.99
N ILE B 34 9.23 -0.32 -31.85
CA ILE B 34 9.96 -1.08 -30.86
C ILE B 34 9.72 -2.59 -31.02
N GLY B 35 10.79 -3.38 -31.18
CA GLY B 35 10.65 -4.85 -31.21
C GLY B 35 11.06 -5.52 -29.89
N TRP B 36 10.74 -6.80 -29.75
CA TRP B 36 11.15 -7.55 -28.60
C TRP B 36 11.52 -8.89 -29.07
N VAL B 37 12.67 -9.32 -28.60
CA VAL B 37 13.27 -10.56 -29.00
C VAL B 37 13.68 -11.32 -27.75
N ARG B 38 13.41 -12.62 -27.71
CA ARG B 38 13.94 -13.45 -26.63
C ARG B 38 15.04 -14.38 -27.09
N GLN B 39 15.96 -14.66 -26.20
CA GLN B 39 16.99 -15.64 -26.47
C GLN B 39 17.20 -16.51 -25.23
N ILE B 40 16.78 -17.77 -25.33
CA ILE B 40 17.09 -18.77 -24.33
C ILE B 40 18.59 -19.00 -24.34
N PRO B 41 19.18 -19.36 -23.18
CA PRO B 41 20.65 -19.53 -23.06
C PRO B 41 21.24 -20.53 -24.07
N GLY B 42 22.06 -20.04 -24.97
CA GLY B 42 22.69 -20.90 -25.97
C GLY B 42 21.77 -21.33 -27.11
N LYS B 43 20.71 -20.53 -27.37
CA LYS B 43 19.91 -20.70 -28.58
C LYS B 43 19.77 -19.40 -29.35
N GLY B 44 19.08 -19.45 -30.48
CA GLY B 44 18.96 -18.30 -31.37
C GLY B 44 17.98 -17.25 -30.88
N LEU B 45 17.79 -16.21 -31.68
CA LEU B 45 16.88 -15.10 -31.36
C LEU B 45 15.44 -15.49 -31.72
N GLU B 46 14.50 -15.11 -30.88
CA GLU B 46 13.08 -15.43 -31.12
C GLU B 46 12.25 -14.15 -31.11
N TRP B 47 11.53 -13.96 -32.19
CA TRP B 47 10.67 -12.82 -32.27
C TRP B 47 9.52 -12.98 -31.30
N ILE B 48 9.24 -11.91 -30.56
CA ILE B 48 8.10 -11.88 -29.70
C ILE B 48 7.03 -10.95 -30.29
N GLY B 49 7.47 -9.77 -30.75
CA GLY B 49 6.55 -8.69 -31.13
C GLY B 49 7.18 -7.35 -31.48
N ILE B 50 6.35 -6.48 -32.08
CA ILE B 50 6.67 -5.07 -32.37
C ILE B 50 5.51 -4.22 -31.96
N ILE B 51 5.75 -2.97 -31.63
CA ILE B 51 4.68 -2.06 -31.24
C ILE B 51 5.09 -0.63 -31.62
N TYR B 52 4.10 0.13 -32.08
CA TYR B 52 4.38 1.47 -32.55
C TYR B 52 3.98 2.42 -31.47
N PRO B 53 4.97 3.06 -30.83
CA PRO B 53 4.68 3.90 -29.68
C PRO B 53 3.62 4.98 -29.95
N ASP B 54 3.79 5.80 -30.99
CA ASP B 54 2.80 6.82 -31.35
C ASP B 54 1.35 6.42 -31.08
N ASP B 55 0.93 5.23 -31.49
CA ASP B 55 -0.49 4.84 -31.35
C ASP B 55 -0.76 3.49 -30.70
N SER B 56 0.31 2.77 -30.32
CA SER B 56 0.26 1.37 -29.79
C SER B 56 -0.25 0.25 -30.70
N ASP B 57 -0.19 0.45 -31.99
CA ASP B 57 -0.34 -0.62 -32.97
C ASP B 57 0.65 -1.74 -32.67
N ALA B 58 0.20 -2.99 -32.71
CA ALA B 58 1.04 -4.11 -32.26
C ALA B 58 0.88 -5.29 -33.19
N HIS B 59 1.92 -6.10 -33.32
CA HIS B 59 1.88 -7.37 -34.04
C HIS B 59 2.66 -8.34 -33.19
N TYR B 60 2.13 -9.55 -33.06
CA TYR B 60 2.77 -10.55 -32.21
C TYR B 60 3.19 -11.77 -32.97
N SER B 61 4.24 -12.40 -32.46
CA SER B 61 4.57 -13.75 -32.82
C SER B 61 3.45 -14.64 -32.34
N PRO B 62 3.05 -15.59 -33.19
CA PRO B 62 2.04 -16.53 -32.71
C PRO B 62 2.54 -17.31 -31.52
N SER B 63 3.86 -17.41 -31.33
CA SER B 63 4.48 -18.13 -30.18
C SER B 63 4.31 -17.44 -28.83
N PHE B 64 3.92 -16.17 -28.84
CA PHE B 64 3.91 -15.38 -27.60
C PHE B 64 2.62 -14.64 -27.39
N GLU B 65 1.79 -14.50 -28.43
CA GLU B 65 0.60 -13.64 -28.33
C GLU B 65 -0.21 -14.12 -27.15
N GLY B 66 -0.84 -13.21 -26.44
CA GLY B 66 -1.52 -13.58 -25.18
C GLY B 66 -0.71 -14.20 -24.05
N GLN B 67 0.48 -14.73 -24.31
CA GLN B 67 1.29 -15.20 -23.17
C GLN B 67 1.88 -13.93 -22.50
N VAL B 68 2.13 -12.90 -23.32
CA VAL B 68 2.86 -11.72 -22.91
C VAL B 68 2.21 -10.53 -23.60
N THR B 69 2.26 -9.35 -22.98
CA THR B 69 1.67 -8.11 -23.51
C THR B 69 2.63 -6.93 -23.72
N MET B 70 2.58 -6.28 -24.90
CA MET B 70 3.41 -5.09 -25.15
C MET B 70 2.66 -3.80 -24.83
N SER B 71 3.37 -2.78 -24.38
CA SER B 71 2.75 -1.50 -24.10
C SER B 71 3.82 -0.43 -24.05
N VAL B 72 3.40 0.81 -24.11
CA VAL B 72 4.31 1.94 -23.95
C VAL B 72 3.68 2.98 -23.04
N ASP B 73 4.51 3.88 -22.55
CA ASP B 73 4.07 5.07 -21.85
C ASP B 73 4.87 6.23 -22.42
N LYS B 74 4.19 7.03 -23.23
CA LYS B 74 4.83 8.08 -24.00
C LYS B 74 5.29 9.19 -23.07
N SER B 75 4.51 9.41 -22.04
CA SER B 75 4.82 10.41 -21.03
C SER B 75 6.27 10.27 -20.55
N ILE B 76 6.79 9.04 -20.58
CA ILE B 76 8.18 8.76 -20.15
C ILE B 76 9.02 7.99 -21.14
N SER B 77 8.54 7.83 -22.37
CA SER B 77 9.38 7.22 -23.40
C SER B 77 9.75 5.77 -23.09
N THR B 78 8.83 5.01 -22.50
CA THR B 78 9.18 3.67 -22.06
C THR B 78 8.35 2.64 -22.83
N ALA B 79 8.99 1.53 -23.24
CA ALA B 79 8.23 0.34 -23.68
C ALA B 79 8.27 -0.72 -22.58
N TYR B 80 7.26 -1.57 -22.54
CA TYR B 80 7.05 -2.58 -21.48
C TYR B 80 6.61 -3.91 -22.04
N LEU B 81 6.99 -4.96 -21.34
CA LEU B 81 6.57 -6.31 -21.65
C LEU B 81 6.04 -6.88 -20.33
N GLN B 82 4.85 -7.47 -20.36
CA GLN B 82 4.11 -7.82 -19.13
C GLN B 82 3.65 -9.25 -19.20
N TRP B 83 3.91 -10.00 -18.15
CA TRP B 83 3.32 -11.32 -17.99
C TRP B 83 2.38 -11.24 -16.82
N THR B 84 1.31 -12.02 -16.93
CA THR B 84 0.35 -12.10 -15.89
C THR B 84 0.80 -13.24 -15.03
N THR B 85 1.24 -14.35 -15.64
CA THR B 85 1.57 -15.59 -14.90
C THR B 85 2.84 -16.31 -15.40
N LEU B 86 3.96 -16.16 -14.69
CA LEU B 86 5.20 -16.71 -15.21
C LEU B 86 5.23 -18.25 -15.19
N GLN B 87 6.10 -18.84 -16.01
CA GLN B 87 6.24 -20.29 -16.13
C GLN B 87 7.72 -20.59 -16.26
N ALA B 88 8.15 -21.80 -15.94
CA ALA B 88 9.57 -22.18 -16.13
C ALA B 88 10.12 -21.76 -17.51
N SER B 89 9.34 -22.00 -18.58
CA SER B 89 9.80 -21.76 -19.96
C SER B 89 9.81 -20.26 -20.39
N ASP B 90 9.60 -19.36 -19.45
CA ASP B 90 9.81 -17.95 -19.70
C ASP B 90 11.25 -17.49 -19.38
N THR B 91 12.02 -18.37 -18.77
CA THR B 91 13.41 -18.11 -18.45
C THR B 91 14.11 -17.74 -19.71
N GLY B 92 14.87 -16.66 -19.67
CA GLY B 92 15.70 -16.28 -20.81
C GLY B 92 16.14 -14.85 -20.71
N LYS B 93 16.83 -14.40 -21.73
CA LYS B 93 17.22 -12.99 -21.87
C LYS B 93 16.29 -12.25 -22.86
N TYR B 94 15.70 -11.15 -22.43
CA TYR B 94 14.78 -10.43 -23.29
C TYR B 94 15.44 -9.14 -23.77
N PHE B 95 15.50 -8.90 -25.09
CA PHE B 95 15.99 -7.60 -25.60
C PHE B 95 14.87 -6.75 -26.17
N CYS B 96 14.89 -5.45 -25.95
CA CYS B 96 14.09 -4.56 -26.79
C CYS B 96 14.97 -3.93 -27.85
N THR B 97 14.34 -3.51 -28.95
CA THR B 97 15.08 -2.96 -30.06
C THR B 97 14.24 -1.99 -30.90
N ARG B 98 14.90 -0.98 -31.45
CA ARG B 98 14.26 -0.04 -32.36
C ARG B 98 14.41 -0.43 -33.83
N LEU B 99 13.31 -0.44 -34.57
CA LEU B 99 13.34 -0.59 -36.02
C LEU B 99 13.66 0.75 -36.67
N TYR B 100 14.70 0.82 -37.48
CA TYR B 100 15.07 2.05 -38.17
C TYR B 100 14.55 2.04 -39.62
N LEU B 101 14.10 3.18 -40.11
CA LEU B 101 13.69 3.29 -41.50
C LEU B 101 14.86 3.85 -42.30
N PHE B 102 15.43 3.04 -43.18
CA PHE B 102 16.48 3.53 -44.09
C PHE B 102 15.84 3.98 -45.38
N GLU B 103 15.95 5.25 -45.71
CA GLU B 103 15.19 5.80 -46.85
C GLU B 103 15.97 5.94 -48.15
N GLY B 104 15.23 5.97 -49.25
CA GLY B 104 15.86 6.16 -50.55
C GLY B 104 15.00 5.72 -51.69
N ALA B 105 15.60 5.55 -52.85
CA ALA B 105 14.88 4.98 -53.97
C ALA B 105 14.28 3.68 -53.45
N GLN B 106 15.07 2.97 -52.64
CA GLN B 106 14.67 1.73 -51.96
C GLN B 106 14.55 1.96 -50.45
N SER B 107 13.36 2.02 -49.87
CA SER B 107 13.32 2.16 -48.42
C SER B 107 13.25 0.81 -47.79
N SER B 108 13.92 0.63 -46.64
CA SER B 108 13.85 -0.63 -45.88
C SER B 108 13.81 -0.36 -44.40
N ASN B 109 13.76 -1.44 -43.63
CA ASN B 109 13.80 -1.30 -42.19
C ASN B 109 14.76 -2.34 -41.61
N ALA B 110 15.32 -2.07 -40.45
CA ALA B 110 16.14 -3.04 -39.75
C ALA B 110 16.26 -2.55 -38.32
N PHE B 111 16.57 -3.49 -37.42
CA PHE B 111 16.69 -3.22 -36.01
C PHE B 111 18.10 -2.76 -35.68
N ASP B 112 18.31 -1.42 -35.63
CA ASP B 112 19.69 -0.86 -35.58
C ASP B 112 20.29 -0.74 -34.18
N LEU B 113 19.41 -0.43 -33.22
CA LEU B 113 19.71 -0.07 -31.82
C LEU B 113 19.12 -1.09 -30.89
N TRP B 114 19.92 -1.62 -29.97
CA TRP B 114 19.37 -2.65 -29.07
C TRP B 114 19.56 -2.37 -27.61
N GLY B 115 18.57 -2.74 -26.78
CA GLY B 115 18.77 -2.75 -25.33
C GLY B 115 19.95 -3.67 -24.95
N GLN B 116 20.33 -3.64 -23.68
CA GLN B 116 21.43 -4.48 -23.21
C GLN B 116 20.90 -5.87 -22.78
N GLY B 117 19.58 -6.03 -22.69
CA GLY B 117 19.02 -7.32 -22.36
C GLY B 117 18.62 -7.36 -20.90
N THR B 118 17.42 -7.90 -20.65
CA THR B 118 16.91 -8.20 -19.33
C THR B 118 16.89 -9.70 -19.11
N MET B 119 17.58 -10.20 -18.11
CA MET B 119 17.53 -11.62 -17.80
C MET B 119 16.43 -11.91 -16.87
N ILE B 120 15.73 -12.99 -17.17
CA ILE B 120 14.63 -13.44 -16.36
C ILE B 120 14.89 -14.89 -16.06
N LEU B 121 14.78 -15.21 -14.77
CA LEU B 121 14.88 -16.56 -14.27
C LEU B 121 13.65 -16.86 -13.45
N VAL B 122 12.99 -17.95 -13.81
CA VAL B 122 11.80 -18.38 -13.10
C VAL B 122 12.18 -19.68 -12.43
N SER B 123 12.20 -19.68 -11.11
CA SER B 123 12.70 -20.82 -10.36
C SER B 123 11.96 -20.87 -9.03
N SER B 124 11.81 -22.07 -8.48
CA SER B 124 11.35 -22.18 -7.10
C SER B 124 12.48 -22.60 -6.12
N GLY B 125 13.72 -22.62 -6.61
CA GLY B 125 14.89 -22.85 -5.75
C GLY B 125 14.81 -21.89 -4.56
N THR B 126 15.18 -22.34 -3.38
CA THR B 126 15.45 -21.36 -2.32
C THR B 126 16.96 -21.38 -2.09
N THR B 127 17.48 -20.34 -1.42
CA THR B 127 18.92 -20.19 -1.24
C THR B 127 19.45 -21.48 -0.65
N LYS B 128 20.57 -21.96 -1.17
CA LYS B 128 21.23 -23.08 -0.53
C LYS B 128 22.75 -22.98 -0.59
N GLY B 129 23.39 -23.25 0.53
CA GLY B 129 24.85 -23.25 0.65
C GLY B 129 25.39 -24.51 0.02
N PRO B 130 26.68 -24.49 -0.37
CA PRO B 130 27.18 -25.69 -1.01
C PRO B 130 27.85 -26.63 -0.02
N SER B 131 27.77 -27.93 -0.30
CA SER B 131 28.71 -28.88 0.30
C SER B 131 30.00 -28.95 -0.52
N VAL B 132 31.12 -29.08 0.19
CA VAL B 132 32.40 -29.20 -0.43
C VAL B 132 33.00 -30.58 -0.21
N PHE B 133 33.25 -31.30 -1.31
CA PHE B 133 33.88 -32.64 -1.29
C PHE B 133 35.30 -32.63 -1.90
N PRO B 134 36.28 -33.32 -1.28
CA PRO B 134 37.64 -33.22 -1.85
C PRO B 134 37.76 -34.11 -3.08
N LEU B 135 38.52 -33.65 -4.08
CA LEU B 135 38.79 -34.47 -5.23
C LEU B 135 40.26 -34.87 -5.17
N ALA B 136 40.50 -35.93 -4.39
CA ALA B 136 41.84 -36.39 -4.04
C ALA B 136 42.63 -36.77 -5.29
N PRO B 137 43.92 -36.39 -5.33
CA PRO B 137 44.73 -36.70 -6.53
C PRO B 137 45.11 -38.18 -6.69
N GLY B 145 53.92 -36.72 -15.26
CA GLY B 145 54.33 -35.35 -14.97
C GLY B 145 53.44 -34.64 -13.95
N THR B 146 52.29 -34.13 -14.44
CA THR B 146 51.28 -33.40 -13.63
C THR B 146 50.33 -34.30 -12.81
N ALA B 147 49.57 -33.67 -11.91
CA ALA B 147 48.59 -34.39 -11.07
C ALA B 147 47.37 -33.52 -10.80
N ALA B 148 46.20 -34.02 -11.21
CA ALA B 148 44.95 -33.34 -10.98
C ALA B 148 44.41 -33.64 -9.58
N LEU B 149 44.04 -32.58 -8.85
CA LEU B 149 43.28 -32.68 -7.58
C LEU B 149 42.06 -31.76 -7.61
N GLY B 150 41.55 -31.33 -6.45
CA GLY B 150 40.46 -30.34 -6.42
C GLY B 150 39.29 -30.51 -5.46
N CYS B 151 38.24 -29.70 -5.67
CA CYS B 151 37.05 -29.62 -4.83
C CYS B 151 35.84 -29.61 -5.68
N LEU B 152 34.90 -30.49 -5.36
CA LEU B 152 33.61 -30.49 -6.02
C LEU B 152 32.65 -29.72 -5.11
N VAL B 153 32.18 -28.56 -5.58
CA VAL B 153 31.36 -27.66 -4.80
C VAL B 153 29.93 -27.93 -5.17
N LYS B 154 29.14 -28.36 -4.20
CA LYS B 154 27.88 -29.02 -4.52
C LYS B 154 26.56 -28.41 -3.98
N ASP B 155 25.61 -28.29 -4.90
CA ASP B 155 24.22 -27.95 -4.58
C ASP B 155 24.05 -26.58 -3.90
N TYR B 156 24.15 -25.55 -4.72
CA TYR B 156 24.05 -24.19 -4.24
C TYR B 156 23.12 -23.35 -5.13
N PHE B 157 22.44 -22.43 -4.49
CA PHE B 157 21.55 -21.49 -5.17
C PHE B 157 21.52 -20.24 -4.34
N PRO B 158 21.66 -19.08 -4.99
CA PRO B 158 21.94 -18.93 -6.43
C PRO B 158 23.43 -18.80 -6.75
N GLU B 159 23.78 -18.51 -8.00
CA GLU B 159 25.13 -18.03 -8.35
C GLU B 159 25.48 -16.74 -7.56
N PRO B 160 26.79 -16.45 -7.37
CA PRO B 160 27.99 -17.22 -7.73
C PRO B 160 28.71 -17.93 -6.54
N VAL B 161 29.64 -18.83 -6.82
CA VAL B 161 30.68 -19.10 -5.83
C VAL B 161 32.05 -18.75 -6.38
N THR B 162 32.90 -18.14 -5.58
CA THR B 162 34.27 -17.98 -5.94
C THR B 162 35.03 -19.06 -5.16
N VAL B 163 36.22 -19.45 -5.65
CA VAL B 163 37.00 -20.56 -5.10
C VAL B 163 38.46 -20.20 -5.25
N SER B 164 39.19 -20.15 -4.15
CA SER B 164 40.62 -19.91 -4.25
C SER B 164 41.42 -21.07 -3.58
N TRP B 165 42.72 -21.12 -3.78
CA TRP B 165 43.57 -22.12 -3.15
C TRP B 165 44.63 -21.46 -2.29
N ASN B 166 45.01 -22.15 -1.22
CA ASN B 166 46.07 -21.68 -0.29
C ASN B 166 45.88 -20.23 0.16
N SER B 167 44.61 -19.79 0.19
CA SER B 167 44.20 -18.42 0.53
C SER B 167 44.59 -17.44 -0.56
N GLY B 168 44.55 -17.93 -1.79
CA GLY B 168 44.90 -17.12 -2.96
C GLY B 168 46.39 -17.16 -3.23
N ALA B 169 47.12 -17.77 -2.27
CA ALA B 169 48.58 -17.90 -2.32
C ALA B 169 49.02 -18.72 -3.51
N LEU B 170 48.11 -19.56 -4.00
CA LEU B 170 48.39 -20.49 -5.09
C LEU B 170 47.46 -20.19 -6.29
N THR B 171 48.04 -19.64 -7.36
CA THR B 171 47.25 -19.11 -8.50
C THR B 171 47.42 -19.90 -9.82
N SER B 172 48.65 -20.33 -10.07
CA SER B 172 48.95 -21.05 -11.30
C SER B 172 48.59 -22.53 -11.12
N GLY B 173 48.19 -23.17 -12.21
CA GLY B 173 47.70 -24.52 -12.09
C GLY B 173 46.32 -24.56 -11.47
N VAL B 174 45.61 -23.41 -11.47
CA VAL B 174 44.21 -23.29 -10.98
C VAL B 174 43.16 -22.97 -12.06
N HIS B 175 42.37 -23.98 -12.44
CA HIS B 175 41.16 -23.74 -13.22
C HIS B 175 39.92 -24.14 -12.42
N THR B 176 38.85 -23.38 -12.63
CA THR B 176 37.63 -23.47 -11.83
C THR B 176 36.59 -23.43 -12.89
N PHE B 177 35.65 -24.36 -12.85
CA PHE B 177 34.78 -24.57 -13.97
C PHE B 177 33.50 -23.75 -14.03
N PRO B 178 33.06 -23.38 -15.23
CA PRO B 178 31.66 -22.96 -15.33
C PRO B 178 30.82 -23.98 -14.54
N ALA B 179 29.59 -23.60 -14.18
CA ALA B 179 28.81 -24.39 -13.25
C ALA B 179 27.57 -24.95 -13.89
N VAL B 180 27.16 -26.13 -13.42
CA VAL B 180 26.07 -26.88 -14.01
C VAL B 180 24.76 -26.58 -13.31
N LEU B 181 23.74 -26.14 -14.04
CA LEU B 181 22.45 -25.90 -13.42
C LEU B 181 21.63 -27.18 -13.42
N GLN B 182 22.03 -28.13 -12.58
CA GLN B 182 21.39 -29.45 -12.51
C GLN B 182 19.88 -29.42 -12.54
N SER B 183 19.30 -30.40 -13.25
CA SER B 183 17.86 -30.56 -13.36
C SER B 183 17.11 -30.23 -12.08
N SER B 184 17.76 -30.49 -10.95
CA SER B 184 17.25 -30.18 -9.62
C SER B 184 16.92 -28.71 -9.37
N GLY B 185 17.49 -27.83 -10.19
CA GLY B 185 17.37 -26.39 -9.98
C GLY B 185 18.42 -25.78 -9.05
N LEU B 186 19.48 -26.54 -8.77
CA LEU B 186 20.63 -26.06 -7.99
C LEU B 186 21.83 -26.24 -8.86
N TYR B 187 22.86 -25.41 -8.64
CA TYR B 187 24.13 -25.43 -9.39
C TYR B 187 25.19 -26.22 -8.68
N SER B 188 26.12 -26.81 -9.43
CA SER B 188 27.36 -27.28 -8.85
C SER B 188 28.46 -26.94 -9.81
N LEU B 189 29.68 -26.84 -9.28
CA LEU B 189 30.90 -26.65 -10.09
C LEU B 189 32.05 -27.39 -9.38
N SER B 190 33.19 -27.49 -10.05
CA SER B 190 34.39 -27.99 -9.37
C SER B 190 35.59 -27.13 -9.73
N SER B 191 36.62 -27.17 -8.90
CA SER B 191 37.79 -26.41 -9.18
C SER B 191 39.01 -27.25 -8.94
N VAL B 192 39.71 -27.55 -10.04
CA VAL B 192 40.86 -28.45 -10.04
C VAL B 192 42.19 -27.70 -10.09
N VAL B 193 43.19 -28.26 -9.44
CA VAL B 193 44.53 -27.73 -9.55
C VAL B 193 45.49 -28.83 -10.02
N THR B 194 45.97 -28.72 -11.27
CA THR B 194 47.03 -29.62 -11.75
C THR B 194 48.39 -29.13 -11.25
N VAL B 195 49.13 -30.01 -10.58
CA VAL B 195 50.43 -29.66 -9.99
C VAL B 195 51.56 -30.71 -10.10
N PRO B 196 52.82 -30.28 -9.84
CA PRO B 196 53.95 -31.16 -9.47
C PRO B 196 53.95 -31.55 -7.98
N GLY B 201 52.05 -35.09 -3.78
CA GLY B 201 53.32 -34.62 -3.26
C GLY B 201 53.36 -34.51 -1.74
N THR B 202 54.20 -33.59 -1.25
CA THR B 202 54.16 -33.15 0.17
C THR B 202 54.23 -31.62 0.27
N GLN B 203 53.04 -31.05 0.47
CA GLN B 203 52.78 -29.63 0.63
C GLN B 203 51.30 -29.59 1.02
N THR B 204 50.87 -28.52 1.64
CA THR B 204 49.55 -28.50 2.28
C THR B 204 48.32 -28.58 1.37
N TYR B 205 48.08 -27.58 0.53
CA TYR B 205 46.97 -27.63 -0.43
C TYR B 205 45.53 -27.54 0.05
N ILE B 206 45.01 -26.35 0.33
CA ILE B 206 43.62 -26.15 0.75
C ILE B 206 42.71 -25.27 -0.14
N CYS B 207 41.55 -25.80 -0.50
CA CYS B 207 40.61 -25.05 -1.34
C CYS B 207 39.59 -24.28 -0.51
N ASN B 208 39.49 -22.97 -0.80
CA ASN B 208 38.61 -22.00 -0.10
C ASN B 208 37.40 -21.60 -0.95
N VAL B 209 36.22 -22.01 -0.49
CA VAL B 209 34.99 -21.84 -1.21
C VAL B 209 34.16 -20.76 -0.50
N ASN B 210 33.65 -19.82 -1.30
CA ASN B 210 32.94 -18.68 -0.80
C ASN B 210 31.65 -18.60 -1.59
N HIS B 211 30.53 -18.58 -0.91
CA HIS B 211 29.24 -18.47 -1.58
C HIS B 211 28.46 -17.39 -0.86
N LYS B 212 28.76 -16.13 -1.18
CA LYS B 212 28.18 -15.04 -0.42
C LYS B 212 26.67 -14.98 -0.39
N PRO B 213 25.98 -15.46 -1.43
CA PRO B 213 24.51 -15.44 -1.21
C PRO B 213 24.02 -16.13 0.10
N SER B 214 24.66 -17.20 0.57
CA SER B 214 24.24 -17.78 1.85
C SER B 214 25.23 -17.51 2.95
N ASN B 215 26.23 -16.70 2.69
CA ASN B 215 27.33 -16.56 3.64
C ASN B 215 27.95 -17.90 4.09
N THR B 216 28.22 -18.79 3.14
CA THR B 216 28.96 -20.02 3.38
C THR B 216 30.43 -19.79 3.02
N LYS B 217 31.32 -20.01 3.98
CA LYS B 217 32.79 -20.11 3.77
C LYS B 217 33.22 -21.48 4.24
N VAL B 218 33.76 -22.27 3.32
CA VAL B 218 34.24 -23.61 3.63
C VAL B 218 35.67 -23.79 3.13
N ASP B 219 36.55 -24.19 4.05
CA ASP B 219 37.94 -24.51 3.76
C ASP B 219 38.07 -26.02 3.84
N LYS B 220 38.50 -26.62 2.73
CA LYS B 220 38.64 -28.08 2.65
C LYS B 220 40.10 -28.51 2.40
N LYS B 221 40.60 -29.39 3.27
CA LYS B 221 41.92 -29.99 3.10
C LYS B 221 41.85 -31.04 2.01
N VAL B 222 42.70 -30.92 1.00
CA VAL B 222 42.84 -31.98 0.00
C VAL B 222 44.17 -32.77 0.14
N GLU B 223 44.01 -34.06 0.44
CA GLU B 223 45.10 -35.05 0.51
C GLU B 223 44.68 -36.25 -0.37
N PRO B 224 45.67 -37.06 -0.83
CA PRO B 224 45.31 -38.22 -1.68
C PRO B 224 44.93 -39.47 -0.87
N LYS B 225 44.48 -40.53 -1.57
CA LYS B 225 44.12 -41.82 -0.94
C LYS B 225 45.24 -42.35 -0.05
N SER B 226 44.95 -42.35 1.25
CA SER B 226 45.93 -42.36 2.36
C SER B 226 47.42 -42.67 2.08
N THR C 3 5.82 9.32 -44.18
CA THR C 3 5.55 8.65 -42.85
C THR C 3 6.71 7.76 -42.33
N ARG C 4 6.82 7.73 -41.01
CA ARG C 4 7.90 7.04 -40.33
C ARG C 4 7.41 5.70 -39.71
N LYS C 5 6.11 5.43 -39.85
CA LYS C 5 5.51 4.14 -39.46
C LYS C 5 5.67 3.10 -40.58
N SER C 6 6.36 3.51 -41.62
CA SER C 6 6.64 2.70 -42.80
C SER C 6 7.42 1.36 -42.49
N ILE C 7 6.85 0.21 -42.85
CA ILE C 7 7.60 -1.06 -42.86
C ILE C 7 7.68 -1.63 -44.27
N HIS C 8 8.90 -1.74 -44.79
CA HIS C 8 9.13 -2.20 -46.15
C HIS C 8 9.65 -3.64 -46.14
N LEU C 9 9.00 -4.55 -46.86
CA LEU C 9 9.45 -5.96 -46.86
C LEU C 9 10.34 -6.25 -48.03
N GLY C 10 10.07 -5.52 -49.12
CA GLY C 10 10.78 -5.69 -50.34
C GLY C 10 10.50 -4.59 -51.34
N PRO C 11 11.07 -4.75 -52.55
CA PRO C 11 10.89 -3.72 -53.59
C PRO C 11 9.39 -3.60 -53.90
N GLY C 12 8.84 -2.39 -53.76
CA GLY C 12 7.41 -2.12 -53.95
C GLY C 12 6.44 -2.82 -53.01
N ARG C 13 6.93 -3.30 -51.87
CA ARG C 13 6.05 -3.96 -50.93
C ARG C 13 6.20 -3.32 -49.54
N ALA C 14 5.21 -2.54 -49.17
CA ALA C 14 5.30 -1.61 -48.06
C ALA C 14 4.02 -1.60 -47.29
N PHE C 15 4.09 -1.10 -46.06
CA PHE C 15 2.93 -0.98 -45.18
C PHE C 15 2.99 0.33 -44.40
N TYR C 16 1.80 0.88 -44.13
CA TYR C 16 1.63 2.16 -43.43
C TYR C 16 2.29 3.32 -44.21
N SER D 1 -27.61 11.93 -34.39
CA SER D 1 -27.37 10.47 -34.23
C SER D 1 -25.89 10.11 -34.35
N TYR D 2 -25.20 10.77 -35.29
CA TYR D 2 -23.75 10.55 -35.56
C TYR D 2 -22.91 11.05 -34.38
N ASP D 3 -22.51 10.16 -33.48
CA ASP D 3 -21.95 10.62 -32.21
C ASP D 3 -20.57 11.27 -32.27
N LEU D 4 -20.27 12.00 -31.20
CA LEU D 4 -18.99 12.69 -31.04
C LEU D 4 -18.10 11.81 -30.17
N THR D 5 -16.81 11.79 -30.45
CA THR D 5 -15.96 10.87 -29.77
C THR D 5 -14.81 11.63 -29.17
N GLN D 6 -14.69 11.56 -27.86
CA GLN D 6 -13.55 12.13 -27.18
C GLN D 6 -12.76 11.12 -26.37
N PRO D 7 -11.47 11.41 -26.11
CA PRO D 7 -10.73 10.47 -25.28
C PRO D 7 -11.32 10.41 -23.87
N PRO D 8 -11.64 9.20 -23.39
CA PRO D 8 -12.13 9.05 -22.03
C PRO D 8 -11.27 9.70 -20.94
N SER D 9 -9.99 9.93 -21.20
CA SER D 9 -9.10 10.53 -20.19
C SER D 9 -7.90 11.27 -20.79
N VAL D 10 -7.59 12.42 -20.21
CA VAL D 10 -6.38 13.14 -20.53
C VAL D 10 -5.66 13.50 -19.24
N SER D 11 -4.32 13.46 -19.33
CA SER D 11 -3.43 13.87 -18.25
C SER D 11 -2.25 14.70 -18.81
N VAL D 12 -1.69 15.56 -17.95
CA VAL D 12 -0.82 16.67 -18.31
C VAL D 12 -0.19 17.29 -17.03
N SER D 13 0.80 18.17 -17.19
CA SER D 13 1.58 18.62 -16.07
C SER D 13 1.51 20.12 -15.84
N PRO D 14 1.43 20.54 -14.54
CA PRO D 14 1.39 21.96 -14.16
C PRO D 14 2.06 22.82 -15.23
N GLY D 15 1.64 24.09 -15.35
CA GLY D 15 2.08 25.00 -16.41
C GLY D 15 2.13 24.54 -17.86
N GLN D 16 1.83 23.28 -18.15
CA GLN D 16 2.00 22.79 -19.49
C GLN D 16 0.64 22.55 -20.21
N THR D 17 0.65 22.58 -21.54
CA THR D 17 -0.56 22.74 -22.39
C THR D 17 -1.42 21.47 -22.56
N ALA D 18 -2.72 21.53 -22.24
CA ALA D 18 -3.57 20.35 -22.42
C ALA D 18 -4.44 20.39 -23.67
N SER D 19 -4.68 19.23 -24.27
CA SER D 19 -5.38 19.21 -25.53
C SER D 19 -6.41 18.08 -25.58
N ILE D 20 -7.60 18.37 -26.12
CA ILE D 20 -8.78 17.48 -26.03
C ILE D 20 -9.56 17.44 -27.35
N SER D 21 -9.56 16.28 -27.98
CA SER D 21 -10.12 16.16 -29.31
C SER D 21 -11.55 15.65 -29.21
N CYS D 22 -12.36 16.02 -30.19
CA CYS D 22 -13.74 15.58 -30.30
C CYS D 22 -13.87 15.30 -31.79
N SER D 23 -14.43 14.16 -32.15
CA SER D 23 -14.56 13.84 -33.58
C SER D 23 -15.91 13.17 -33.86
N GLY D 24 -16.48 13.45 -35.05
CA GLY D 24 -17.82 12.98 -35.41
C GLY D 24 -18.09 13.16 -36.89
N ASP D 25 -18.97 12.34 -37.45
CA ASP D 25 -19.12 12.25 -38.89
C ASP D 25 -19.30 13.56 -39.62
N LYS D 26 -20.21 14.42 -39.15
CA LYS D 26 -20.49 15.63 -39.92
C LYS D 26 -19.81 16.89 -39.38
N LEU D 27 -18.87 16.72 -38.44
CA LEU D 27 -18.23 17.85 -37.77
C LEU D 27 -17.64 18.92 -38.68
N ASP D 28 -17.51 18.63 -39.97
CA ASP D 28 -16.98 19.59 -40.93
C ASP D 28 -17.99 20.74 -41.16
N ASP D 29 -19.29 20.42 -41.20
CA ASP D 29 -20.34 21.46 -41.38
C ASP D 29 -21.20 21.64 -40.14
N LYS D 30 -20.60 21.49 -38.97
CA LYS D 30 -21.34 21.65 -37.72
C LYS D 30 -20.55 22.46 -36.74
N TYR D 31 -21.18 23.47 -36.18
CA TYR D 31 -20.55 24.19 -35.10
C TYR D 31 -20.48 23.31 -33.86
N VAL D 32 -19.35 23.38 -33.18
CA VAL D 32 -19.10 22.62 -31.98
C VAL D 32 -19.01 23.57 -30.79
N SER D 33 -19.70 23.21 -29.70
CA SER D 33 -19.52 23.93 -28.44
C SER D 33 -18.78 23.08 -27.44
N TRP D 34 -18.17 23.71 -26.44
CA TRP D 34 -17.46 23.01 -25.36
C TRP D 34 -17.95 23.44 -23.97
N TYR D 35 -18.02 22.47 -23.07
CA TYR D 35 -18.42 22.78 -21.70
C TYR D 35 -17.42 22.22 -20.74
N TYR D 36 -17.25 22.92 -19.63
CA TYR D 36 -16.48 22.38 -18.54
C TYR D 36 -17.39 22.04 -17.39
N GLN D 37 -17.10 20.96 -16.68
CA GLN D 37 -17.82 20.64 -15.44
C GLN D 37 -16.91 20.18 -14.34
N ARG D 38 -16.98 20.86 -13.20
CA ARG D 38 -16.39 20.36 -11.99
C ARG D 38 -17.45 19.59 -11.24
N PRO D 39 -17.23 18.30 -11.00
CA PRO D 39 -18.21 17.45 -10.26
C PRO D 39 -18.72 18.17 -9.00
N GLY D 40 -20.04 18.13 -8.84
CA GLY D 40 -20.71 18.99 -7.90
C GLY D 40 -21.45 20.02 -8.70
N GLN D 41 -20.73 20.73 -9.59
CA GLN D 41 -21.16 22.00 -10.18
C GLN D 41 -21.99 21.89 -11.45
N SER D 42 -22.61 22.99 -11.85
CA SER D 42 -23.25 23.08 -13.15
C SER D 42 -22.23 23.20 -14.30
N PRO D 43 -22.53 22.62 -15.48
CA PRO D 43 -21.68 22.80 -16.65
C PRO D 43 -21.43 24.30 -16.97
N VAL D 44 -20.23 24.63 -17.49
CA VAL D 44 -19.87 26.00 -17.84
C VAL D 44 -19.47 26.01 -19.30
N LEU D 45 -20.03 26.94 -20.08
CA LEU D 45 -19.75 27.08 -21.54
C LEU D 45 -18.45 27.80 -21.79
N LEU D 46 -17.53 27.16 -22.48
CA LEU D 46 -16.19 27.71 -22.73
C LEU D 46 -16.01 28.11 -24.17
N MET D 47 -16.81 27.55 -25.07
CA MET D 47 -16.57 27.70 -26.49
C MET D 47 -17.84 27.46 -27.30
N TYR D 48 -18.08 28.29 -28.31
CA TYR D 48 -19.17 28.07 -29.27
C TYR D 48 -18.67 28.43 -30.65
N GLN D 49 -19.41 28.03 -31.69
CA GLN D 49 -18.96 28.17 -33.09
C GLN D 49 -17.49 27.77 -33.25
N ASP D 50 -17.14 26.61 -32.74
CA ASP D 50 -15.76 26.07 -32.82
C ASP D 50 -14.64 26.77 -32.03
N PHE D 51 -14.55 28.10 -32.13
CA PHE D 51 -13.33 28.78 -31.70
C PHE D 51 -13.60 30.04 -30.85
N LYS D 52 -14.86 30.43 -30.69
CA LYS D 52 -15.25 31.65 -29.98
C LYS D 52 -15.55 31.50 -28.48
N ARG D 53 -14.89 32.32 -27.67
CA ARG D 53 -15.09 32.36 -26.24
C ARG D 53 -16.18 33.32 -25.86
N PRO D 54 -17.14 32.85 -25.00
CA PRO D 54 -18.15 33.69 -24.36
C PRO D 54 -17.43 34.67 -23.46
N SER D 55 -17.96 35.87 -23.27
CA SER D 55 -17.29 36.81 -22.37
C SER D 55 -16.94 36.17 -20.99
N GLY D 56 -15.77 36.49 -20.51
CA GLY D 56 -15.38 35.98 -19.21
C GLY D 56 -14.37 34.85 -19.38
N ILE D 57 -14.48 34.07 -20.45
CA ILE D 57 -13.58 32.94 -20.67
C ILE D 57 -12.14 33.33 -21.05
N PRO D 58 -11.15 32.86 -20.25
CA PRO D 58 -9.75 33.36 -20.41
C PRO D 58 -9.18 32.88 -21.71
N GLU D 59 -8.19 33.62 -22.21
CA GLU D 59 -7.61 33.35 -23.53
C GLU D 59 -6.75 32.12 -23.55
N ARG D 60 -6.31 31.67 -22.39
CA ARG D 60 -5.59 30.39 -22.33
C ARG D 60 -6.43 29.18 -22.78
N LEU D 61 -7.73 29.38 -22.95
CA LEU D 61 -8.55 28.39 -23.63
C LEU D 61 -8.79 28.80 -25.09
N SER D 62 -8.50 27.92 -26.02
CA SER D 62 -8.90 28.20 -27.38
C SER D 62 -9.38 26.93 -28.09
N GLY D 63 -10.15 27.11 -29.15
CA GLY D 63 -10.71 26.00 -29.90
C GLY D 63 -10.38 26.01 -31.37
N SER D 64 -10.25 24.83 -31.97
CA SER D 64 -9.96 24.79 -33.40
C SER D 64 -10.69 23.63 -34.01
N LYS D 65 -10.67 23.56 -35.33
CA LYS D 65 -11.20 22.43 -36.06
C LYS D 65 -10.29 22.06 -37.22
N SER D 66 -10.51 20.88 -37.78
CA SER D 66 -9.65 20.40 -38.84
C SER D 66 -10.09 19.02 -39.28
N GLY D 67 -10.85 18.96 -40.36
CA GLY D 67 -11.43 17.69 -40.79
C GLY D 67 -12.67 17.48 -39.99
N LYS D 68 -12.86 16.26 -39.49
CA LYS D 68 -14.02 15.86 -38.64
C LYS D 68 -13.70 15.98 -37.15
N THR D 69 -12.62 16.70 -36.84
CA THR D 69 -12.13 16.78 -35.47
C THR D 69 -12.17 18.21 -34.94
N ALA D 70 -12.82 18.36 -33.77
CA ALA D 70 -12.66 19.59 -32.98
C ALA D 70 -11.65 19.41 -31.83
N THR D 71 -10.90 20.44 -31.48
CA THR D 71 -9.92 20.34 -30.40
C THR D 71 -9.97 21.55 -29.44
N LEU D 72 -9.93 21.28 -28.15
CA LEU D 72 -9.90 22.31 -27.15
C LEU D 72 -8.53 22.27 -26.50
N THR D 73 -7.92 23.43 -26.33
CA THR D 73 -6.54 23.53 -25.97
C THR D 73 -6.47 24.40 -24.70
N ILE D 74 -5.93 23.82 -23.65
CA ILE D 74 -5.82 24.52 -22.40
C ILE D 74 -4.34 24.71 -22.16
N SER D 75 -3.96 25.96 -22.13
CA SER D 75 -2.57 26.23 -22.11
C SER D 75 -2.23 26.73 -20.71
N GLY D 76 -1.05 26.37 -20.22
CA GLY D 76 -0.60 26.89 -18.93
C GLY D 76 -1.58 26.45 -17.87
N THR D 77 -1.87 25.15 -17.87
CA THR D 77 -2.91 24.58 -17.06
C THR D 77 -2.47 24.42 -15.60
N GLN D 78 -3.46 24.39 -14.70
CA GLN D 78 -3.21 24.35 -13.29
C GLN D 78 -4.25 23.42 -12.66
N SER D 79 -4.27 23.39 -11.33
CA SER D 79 -5.04 22.38 -10.58
C SER D 79 -6.54 22.60 -10.70
N LEU D 80 -6.95 23.87 -10.68
CA LEU D 80 -8.34 24.27 -10.88
C LEU D 80 -8.96 23.95 -12.24
N ASP D 81 -8.12 23.56 -13.23
CA ASP D 81 -8.59 23.11 -14.54
C ASP D 81 -9.10 21.70 -14.55
N GLU D 82 -8.82 20.95 -13.48
CA GLU D 82 -9.22 19.54 -13.45
C GLU D 82 -10.73 19.38 -13.57
N GLY D 83 -11.18 18.28 -14.15
CA GLY D 83 -12.61 18.02 -14.20
C GLY D 83 -12.93 17.47 -15.55
N ASP D 84 -14.18 17.57 -15.98
CA ASP D 84 -14.69 16.95 -17.18
C ASP D 84 -15.04 17.98 -18.28
N TYR D 85 -14.85 17.60 -19.53
CA TYR D 85 -15.01 18.53 -20.64
C TYR D 85 -15.84 17.86 -21.68
N TYR D 86 -16.86 18.54 -22.18
CA TYR D 86 -17.71 17.93 -23.22
C TYR D 86 -17.77 18.81 -24.45
N CYS D 87 -17.72 18.19 -25.60
CA CYS D 87 -18.13 18.87 -26.80
C CYS D 87 -19.59 18.50 -27.03
N GLN D 88 -20.38 19.41 -27.60
CA GLN D 88 -21.66 19.09 -28.19
C GLN D 88 -21.77 19.72 -29.57
N ALA D 89 -22.63 19.14 -30.41
CA ALA D 89 -22.92 19.62 -31.74
C ALA D 89 -24.37 19.25 -31.94
N TRP D 90 -24.93 19.58 -33.09
CA TRP D 90 -26.33 19.24 -33.37
C TRP D 90 -26.50 18.24 -34.50
N ASP D 91 -27.66 17.60 -34.54
CA ASP D 91 -28.08 16.90 -35.72
C ASP D 91 -29.50 17.30 -36.08
N ALA D 92 -29.74 17.43 -37.37
CA ALA D 92 -31.08 17.63 -37.86
C ALA D 92 -31.33 16.41 -38.68
N SER D 93 -32.37 15.67 -38.31
CA SER D 93 -32.75 14.50 -39.08
C SER D 93 -34.02 14.75 -39.88
N THR D 94 -34.13 13.95 -40.93
CA THR D 94 -34.86 14.29 -42.16
C THR D 94 -36.40 14.50 -42.05
N GLY D 95 -37.05 13.85 -41.06
CA GLY D 95 -38.47 14.10 -40.75
C GLY D 95 -39.44 13.70 -41.85
N GLY D 100 -41.79 18.66 -40.84
CA GLY D 100 -41.20 18.78 -39.50
C GLY D 100 -39.81 18.16 -39.42
N THR D 101 -38.80 18.98 -39.14
CA THR D 101 -37.40 18.50 -39.05
C THR D 101 -36.98 18.14 -37.61
N LYS D 102 -36.43 16.95 -37.42
CA LYS D 102 -36.05 16.54 -36.08
C LYS D 102 -34.64 17.00 -35.66
N LEU D 103 -34.57 17.79 -34.59
CA LEU D 103 -33.31 18.23 -33.99
C LEU D 103 -32.84 17.32 -32.89
N THR D 104 -31.52 17.26 -32.75
CA THR D 104 -30.86 16.49 -31.74
C THR D 104 -29.66 17.25 -31.19
N VAL D 105 -29.59 17.35 -29.86
CA VAL D 105 -28.38 17.82 -29.21
C VAL D 105 -27.50 16.60 -28.95
N LEU D 106 -26.29 16.65 -29.50
CA LEU D 106 -25.33 15.59 -29.36
C LEU D 106 -24.23 15.98 -28.40
N PHE D 107 -23.90 15.11 -27.44
CA PHE D 107 -22.78 15.40 -26.53
C PHE D 107 -21.67 14.36 -26.62
N GLY D 108 -20.42 14.76 -26.54
CA GLY D 108 -19.34 13.77 -26.37
C GLY D 108 -19.53 13.00 -25.06
N ASP D 109 -18.78 11.91 -24.88
CA ASP D 109 -18.83 11.11 -23.65
C ASP D 109 -18.14 11.85 -22.52
N GLY D 110 -17.28 12.80 -22.87
CA GLY D 110 -16.52 13.54 -21.88
C GLY D 110 -15.09 13.09 -21.78
N THR D 111 -14.23 14.01 -21.34
CA THR D 111 -12.84 13.75 -21.05
C THR D 111 -12.52 14.26 -19.65
N ARG D 112 -11.87 13.42 -18.83
CA ARG D 112 -11.48 13.86 -17.50
C ARG D 112 -10.06 14.42 -17.57
N LEU D 113 -9.91 15.67 -17.18
CA LEU D 113 -8.60 16.28 -17.12
C LEU D 113 -7.91 16.08 -15.76
N THR D 114 -6.91 15.20 -15.76
CA THR D 114 -6.09 14.93 -14.58
C THR D 114 -4.79 15.72 -14.73
N VAL D 115 -4.49 16.53 -13.73
CA VAL D 115 -3.28 17.38 -13.74
C VAL D 115 -2.29 16.90 -12.65
N LEU D 116 -1.24 16.20 -13.10
CA LEU D 116 -0.26 15.52 -12.24
C LEU D 116 0.58 16.48 -11.44
N GLY D 117 0.13 16.81 -10.23
CA GLY D 117 0.82 17.80 -9.39
C GLY D 117 1.75 17.18 -8.36
N GLN D 118 1.80 15.85 -8.33
CA GLN D 118 2.65 15.11 -7.39
C GLN D 118 3.07 13.83 -8.09
N PRO D 119 4.12 13.15 -7.58
CA PRO D 119 4.61 12.00 -8.34
C PRO D 119 3.74 10.79 -8.12
N LYS D 120 3.82 9.85 -9.06
CA LYS D 120 3.05 8.63 -9.01
C LYS D 120 3.18 7.97 -7.63
N ALA D 121 2.10 7.40 -7.13
CA ALA D 121 2.17 6.57 -5.95
C ALA D 121 1.33 5.34 -6.15
N ALA D 122 1.96 4.16 -6.06
CA ALA D 122 1.29 2.89 -6.25
C ALA D 122 0.36 2.65 -5.06
N PRO D 123 -0.70 1.85 -5.25
CA PRO D 123 -1.63 1.67 -4.14
C PRO D 123 -1.10 0.77 -3.02
N SER D 124 -1.84 0.76 -1.91
CA SER D 124 -1.69 -0.22 -0.87
C SER D 124 -3.08 -0.72 -0.57
N VAL D 125 -3.22 -2.03 -0.60
CA VAL D 125 -4.49 -2.67 -0.37
C VAL D 125 -4.53 -3.27 1.05
N THR D 126 -5.71 -3.69 1.48
CA THR D 126 -5.90 -4.29 2.79
C THR D 126 -7.24 -4.95 2.70
N LEU D 127 -7.34 -6.20 3.16
CA LEU D 127 -8.54 -6.98 2.98
C LEU D 127 -9.08 -7.58 4.27
N PHE D 128 -10.11 -6.94 4.80
CA PHE D 128 -10.80 -7.41 5.98
C PHE D 128 -11.85 -8.40 5.55
N PRO D 129 -11.93 -9.55 6.23
CA PRO D 129 -13.00 -10.50 5.99
C PRO D 129 -14.21 -10.23 6.93
N PRO D 130 -15.21 -11.12 6.95
CA PRO D 130 -16.33 -10.75 7.79
C PRO D 130 -16.05 -10.93 9.28
N SER D 131 -16.33 -9.88 10.03
CA SER D 131 -16.36 -9.93 11.46
C SER D 131 -17.21 -11.13 11.95
N SER D 132 -16.73 -11.81 12.98
CA SER D 132 -17.55 -12.80 13.65
C SER D 132 -19.00 -12.31 13.77
N GLU D 133 -19.15 -11.07 14.27
CA GLU D 133 -20.45 -10.44 14.52
C GLU D 133 -21.32 -10.36 13.28
N GLU D 134 -20.73 -9.99 12.15
CA GLU D 134 -21.51 -9.93 10.94
C GLU D 134 -22.03 -11.32 10.62
N LEU D 135 -21.11 -12.29 10.71
CA LEU D 135 -21.42 -13.68 10.39
C LEU D 135 -22.53 -14.24 11.29
N GLN D 136 -22.43 -13.98 12.59
CA GLN D 136 -23.39 -14.51 13.56
C GLN D 136 -24.66 -13.67 13.69
N ALA D 137 -24.99 -13.00 12.59
CA ALA D 137 -26.28 -12.34 12.41
C ALA D 137 -26.69 -12.68 10.98
N ASN D 138 -26.03 -13.70 10.44
CA ASN D 138 -26.35 -14.31 9.13
C ASN D 138 -26.04 -13.49 7.88
N LYS D 139 -25.22 -12.47 8.04
CA LYS D 139 -24.74 -11.68 6.90
C LYS D 139 -23.25 -11.91 6.60
N ALA D 140 -22.82 -11.50 5.40
CA ALA D 140 -21.42 -11.58 5.03
C ALA D 140 -20.99 -10.65 3.89
N THR D 141 -19.81 -10.05 4.07
CA THR D 141 -19.24 -8.99 3.22
C THR D 141 -17.73 -8.97 3.42
N LEU D 142 -16.96 -8.92 2.33
CA LEU D 142 -15.54 -8.59 2.40
C LEU D 142 -15.33 -7.15 2.01
N VAL D 143 -14.27 -6.57 2.54
CA VAL D 143 -14.01 -5.13 2.48
C VAL D 143 -12.58 -4.97 2.09
N CYS D 144 -12.38 -4.42 0.90
CA CYS D 144 -11.08 -4.15 0.32
C CYS D 144 -10.83 -2.68 0.40
N LEU D 145 -9.68 -2.29 0.93
CA LEU D 145 -9.42 -0.87 1.22
C LEU D 145 -8.13 -0.33 0.60
N ILE D 146 -8.31 0.53 -0.38
CA ILE D 146 -7.23 0.92 -1.26
C ILE D 146 -6.87 2.34 -0.90
N SER D 147 -5.58 2.58 -0.63
CA SER D 147 -5.13 3.88 -0.16
C SER D 147 -3.70 4.17 -0.60
N ASP D 148 -3.26 5.40 -0.33
CA ASP D 148 -1.92 5.90 -0.63
C ASP D 148 -1.45 5.77 -2.08
N PHE D 149 -2.28 6.25 -3.01
CA PHE D 149 -1.95 6.16 -4.44
C PHE D 149 -2.05 7.49 -5.22
N TYR D 150 -1.68 7.42 -6.51
CA TYR D 150 -1.69 8.58 -7.42
C TYR D 150 -1.35 8.16 -8.84
N PRO D 151 -1.99 8.80 -9.85
CA PRO D 151 -3.09 9.75 -9.73
C PRO D 151 -4.31 8.99 -9.19
N GLY D 152 -5.44 9.68 -8.99
CA GLY D 152 -6.60 9.07 -8.39
C GLY D 152 -7.57 8.31 -9.29
N ALA D 153 -7.13 7.20 -9.88
CA ALA D 153 -8.06 6.16 -10.41
C ALA D 153 -7.45 4.77 -10.65
N VAL D 154 -8.30 3.75 -10.60
CA VAL D 154 -7.90 2.35 -10.49
C VAL D 154 -9.00 1.35 -10.89
N THR D 155 -8.63 0.23 -11.50
CA THR D 155 -9.59 -0.87 -11.70
C THR D 155 -9.60 -1.68 -10.42
N VAL D 156 -10.65 -2.44 -10.18
CA VAL D 156 -10.67 -3.39 -9.07
C VAL D 156 -11.37 -4.66 -9.54
N ALA D 157 -10.69 -5.79 -9.39
CA ALA D 157 -11.21 -7.08 -9.86
C ALA D 157 -11.31 -8.08 -8.73
N TRP D 158 -12.50 -8.66 -8.57
CA TRP D 158 -12.76 -9.60 -7.49
C TRP D 158 -12.69 -11.06 -7.93
N LYS D 159 -11.51 -11.66 -7.77
CA LYS D 159 -11.22 -13.04 -8.18
C LYS D 159 -11.57 -14.11 -7.13
N ALA D 160 -12.71 -14.76 -7.33
CA ALA D 160 -13.10 -15.92 -6.56
C ALA D 160 -12.28 -17.14 -7.00
N ASP D 161 -11.31 -17.51 -6.15
CA ASP D 161 -10.39 -18.64 -6.34
C ASP D 161 -9.49 -18.47 -7.56
N SER D 162 -10.11 -18.44 -8.73
CA SER D 162 -9.39 -18.26 -9.98
C SER D 162 -10.32 -17.53 -10.92
N SER D 163 -11.62 -17.78 -10.73
CA SER D 163 -12.69 -17.20 -11.55
C SER D 163 -13.25 -15.89 -10.96
N PRO D 164 -12.87 -14.73 -11.55
CA PRO D 164 -13.34 -13.46 -10.97
C PRO D 164 -14.88 -13.36 -10.89
N VAL D 165 -15.39 -12.97 -9.72
CA VAL D 165 -16.83 -12.80 -9.49
C VAL D 165 -17.18 -11.30 -9.53
N LYS D 166 -18.16 -10.95 -10.36
CA LYS D 166 -18.73 -9.56 -10.46
C LYS D 166 -20.12 -9.42 -9.80
N ALA D 167 -20.62 -10.54 -9.27
CA ALA D 167 -21.89 -10.58 -8.56
C ALA D 167 -21.79 -10.05 -7.12
N GLY D 168 -22.43 -8.90 -6.87
CA GLY D 168 -22.40 -8.25 -5.55
C GLY D 168 -21.11 -7.51 -5.25
N VAL D 169 -20.57 -6.81 -6.25
CA VAL D 169 -19.31 -6.07 -6.12
C VAL D 169 -19.52 -4.57 -6.33
N GLU D 170 -19.09 -3.78 -5.34
CA GLU D 170 -19.44 -2.39 -5.29
C GLU D 170 -18.20 -1.57 -5.00
N THR D 171 -17.95 -0.54 -5.82
CA THR D 171 -16.70 0.24 -5.73
C THR D 171 -16.99 1.74 -5.61
N THR D 172 -16.09 2.48 -4.96
CA THR D 172 -16.21 3.93 -4.88
C THR D 172 -15.29 4.65 -5.85
N THR D 173 -15.72 5.81 -6.30
CA THR D 173 -14.89 6.67 -7.09
C THR D 173 -13.94 7.34 -6.12
N PRO D 174 -12.63 7.13 -6.30
CA PRO D 174 -11.55 7.60 -5.43
C PRO D 174 -11.77 8.99 -4.81
N SER D 175 -10.99 9.34 -3.79
CA SER D 175 -11.21 10.58 -3.04
C SER D 175 -9.96 10.98 -2.25
N LYS D 176 -9.75 12.29 -2.09
CA LYS D 176 -8.50 12.86 -1.58
C LYS D 176 -8.33 12.62 -0.07
N GLN D 177 -7.13 12.21 0.34
CA GLN D 177 -6.85 12.07 1.77
C GLN D 177 -6.32 13.38 2.33
N SER D 178 -6.08 13.37 3.64
CA SER D 178 -5.56 14.53 4.35
C SER D 178 -4.14 14.86 3.89
N ASN D 179 -3.34 13.80 3.67
CA ASN D 179 -2.00 13.94 3.09
C ASN D 179 -1.99 14.10 1.56
N ASN D 180 -3.13 14.50 0.99
CA ASN D 180 -3.26 14.88 -0.44
C ASN D 180 -3.05 13.76 -1.45
N LYS D 181 -3.03 12.52 -1.00
CA LYS D 181 -3.06 11.39 -1.91
C LYS D 181 -4.49 10.89 -1.93
N TYR D 182 -4.76 9.90 -2.78
CA TYR D 182 -6.11 9.40 -2.97
C TYR D 182 -6.32 8.05 -2.31
N ALA D 183 -7.59 7.65 -2.15
CA ALA D 183 -8.02 6.35 -1.61
C ALA D 183 -9.29 5.88 -2.33
N ALA D 184 -9.70 4.64 -2.12
CA ALA D 184 -10.85 4.07 -2.82
C ALA D 184 -11.26 2.77 -2.13
N SER D 185 -12.42 2.20 -2.47
CA SER D 185 -12.93 1.05 -1.73
C SER D 185 -13.78 0.09 -2.58
N SER D 186 -13.61 -1.21 -2.36
CA SER D 186 -14.50 -2.24 -2.91
C SER D 186 -15.08 -3.20 -1.88
N TYR D 187 -16.29 -3.67 -2.15
CA TYR D 187 -16.97 -4.62 -1.26
C TYR D 187 -17.39 -5.82 -2.07
N LEU D 188 -17.47 -6.98 -1.41
CA LEU D 188 -18.18 -8.12 -1.97
C LEU D 188 -19.07 -8.79 -0.92
N SER D 189 -20.35 -8.90 -1.23
CA SER D 189 -21.26 -9.60 -0.33
C SER D 189 -21.29 -11.09 -0.66
N LEU D 190 -21.11 -11.91 0.38
CA LEU D 190 -21.30 -13.33 0.25
C LEU D 190 -22.38 -13.71 1.24
N THR D 191 -22.83 -14.97 1.16
CA THR D 191 -23.66 -15.56 2.20
C THR D 191 -22.68 -16.24 3.17
N PRO D 192 -23.07 -16.40 4.46
CA PRO D 192 -22.21 -17.18 5.39
C PRO D 192 -21.91 -18.60 4.85
N GLU D 193 -22.50 -18.94 3.71
CA GLU D 193 -22.16 -20.16 3.00
C GLU D 193 -20.91 -19.98 2.15
N GLN D 194 -21.05 -19.24 1.05
CA GLN D 194 -19.96 -19.13 0.05
C GLN D 194 -18.67 -18.61 0.66
N TRP D 195 -18.73 -18.03 1.86
CA TRP D 195 -17.53 -17.57 2.53
C TRP D 195 -16.63 -18.75 2.93
N LYS D 196 -17.19 -19.69 3.68
CA LYS D 196 -16.43 -20.86 4.10
C LYS D 196 -16.05 -21.75 2.90
N SER D 197 -17.00 -21.94 1.98
CA SER D 197 -16.87 -22.86 0.84
C SER D 197 -16.01 -22.38 -0.34
N HIS D 198 -14.90 -21.70 -0.07
CA HIS D 198 -13.89 -21.39 -1.11
C HIS D 198 -12.47 -21.31 -0.54
N LYS D 199 -11.47 -21.26 -1.42
CA LYS D 199 -10.08 -21.19 -0.98
C LYS D 199 -9.61 -19.75 -0.78
N SER D 200 -9.26 -19.07 -1.87
CA SER D 200 -8.74 -17.71 -1.78
C SER D 200 -9.51 -16.72 -2.63
N TYR D 201 -10.28 -15.86 -1.96
CA TYR D 201 -10.90 -14.70 -2.61
C TYR D 201 -9.84 -13.64 -2.73
N SER D 202 -9.60 -13.20 -3.95
CA SER D 202 -8.61 -12.19 -4.19
C SER D 202 -9.29 -10.81 -4.25
N CYS D 203 -8.52 -9.77 -3.89
CA CYS D 203 -8.90 -8.42 -4.23
C CYS D 203 -7.80 -7.90 -5.14
N GLN D 204 -8.16 -7.57 -6.37
CA GLN D 204 -7.18 -7.19 -7.36
C GLN D 204 -7.37 -5.78 -7.89
N VAL D 205 -6.67 -4.86 -7.24
CA VAL D 205 -6.59 -3.47 -7.66
C VAL D 205 -5.65 -3.47 -8.86
N THR D 206 -5.72 -2.40 -9.68
CA THR D 206 -4.88 -2.22 -10.87
C THR D 206 -4.67 -0.73 -11.15
N HIS D 207 -3.45 -0.30 -11.33
CA HIS D 207 -3.12 1.10 -11.34
C HIS D 207 -2.16 1.36 -12.49
N GLU D 208 -2.69 1.61 -13.67
CA GLU D 208 -1.86 1.65 -14.82
C GLU D 208 -1.51 0.22 -15.15
N GLY D 209 -0.23 -0.10 -15.24
CA GLY D 209 0.10 -1.47 -15.60
C GLY D 209 0.13 -2.27 -14.33
N SER D 210 0.80 -1.67 -13.36
CA SER D 210 1.19 -2.26 -12.13
C SER D 210 0.03 -2.69 -11.29
N THR D 211 -0.21 -3.99 -11.23
CA THR D 211 -1.20 -4.50 -10.31
C THR D 211 -0.63 -4.58 -8.90
N VAL D 212 -1.53 -4.91 -7.97
CA VAL D 212 -1.22 -5.12 -6.56
C VAL D 212 -2.44 -5.86 -6.01
N GLU D 213 -2.25 -7.07 -5.47
CA GLU D 213 -3.38 -7.86 -4.98
C GLU D 213 -3.19 -8.41 -3.55
N LYS D 214 -4.31 -8.55 -2.82
CA LYS D 214 -4.31 -9.15 -1.49
C LYS D 214 -5.44 -10.16 -1.38
N THR D 215 -5.15 -11.31 -0.77
CA THR D 215 -6.04 -12.47 -0.79
C THR D 215 -6.37 -12.93 0.63
N VAL D 216 -7.57 -13.49 0.85
CA VAL D 216 -7.92 -14.11 2.15
C VAL D 216 -8.73 -15.42 2.03
N ALA D 217 -8.88 -16.11 3.17
CA ALA D 217 -9.59 -17.40 3.34
C ALA D 217 -10.09 -17.54 4.79
N PRO D 218 -11.13 -18.38 5.04
CA PRO D 218 -11.67 -18.54 6.41
C PRO D 218 -10.79 -19.32 7.42
N THR D 219 -9.48 -19.37 7.16
CA THR D 219 -8.49 -20.13 7.98
C THR D 219 -8.69 -20.06 9.51
N GLU E 1 -30.91 38.92 -11.26
CA GLU E 1 -30.28 39.02 -12.61
C GLU E 1 -30.52 37.72 -13.36
N VAL E 2 -29.69 37.49 -14.37
CA VAL E 2 -29.94 36.45 -15.33
C VAL E 2 -29.63 35.08 -14.75
N GLN E 3 -30.68 34.36 -14.33
CA GLN E 3 -30.46 33.03 -13.78
C GLN E 3 -31.53 32.03 -14.10
N LEU E 4 -31.19 30.76 -13.86
CA LEU E 4 -32.18 29.70 -13.88
C LEU E 4 -32.12 29.03 -12.52
N VAL E 5 -33.27 28.90 -11.86
CA VAL E 5 -33.29 28.37 -10.50
C VAL E 5 -34.21 27.16 -10.39
N GLU E 6 -33.61 25.97 -10.35
CA GLU E 6 -34.42 24.79 -10.32
C GLU E 6 -35.02 24.53 -8.94
N SER E 7 -35.99 23.62 -8.89
CA SER E 7 -36.64 23.21 -7.65
C SER E 7 -35.80 22.19 -6.83
N GLY E 8 -36.23 21.94 -5.60
CA GLY E 8 -35.39 21.16 -4.66
C GLY E 8 -35.17 19.71 -5.05
N GLY E 9 -34.23 19.06 -4.39
CA GLY E 9 -33.94 17.67 -4.73
C GLY E 9 -35.13 16.84 -4.30
N GLU E 10 -35.27 15.65 -4.90
CA GLU E 10 -36.44 14.80 -4.76
C GLU E 10 -36.09 13.35 -4.50
N VAL E 11 -36.82 12.75 -3.56
CA VAL E 11 -36.72 11.32 -3.28
C VAL E 11 -38.13 10.72 -3.44
N LYS E 12 -38.25 9.73 -4.31
CA LYS E 12 -39.56 9.30 -4.73
C LYS E 12 -39.50 7.82 -4.86
N GLN E 13 -40.66 7.17 -4.88
CA GLN E 13 -40.75 5.72 -5.02
C GLN E 13 -41.29 5.38 -6.39
N PRO E 14 -40.86 4.22 -6.94
CA PRO E 14 -41.43 3.69 -8.18
C PRO E 14 -42.93 3.85 -8.25
N GLY E 15 -43.44 3.96 -9.47
CA GLY E 15 -44.85 4.23 -9.67
C GLY E 15 -45.31 5.64 -9.40
N GLN E 16 -44.61 6.38 -8.52
CA GLN E 16 -45.03 7.77 -8.19
C GLN E 16 -44.80 8.73 -9.35
N SER E 17 -45.59 9.81 -9.39
CA SER E 17 -45.43 10.89 -10.38
C SER E 17 -44.65 12.10 -9.81
N LEU E 18 -44.13 12.96 -10.71
CA LEU E 18 -43.23 14.05 -10.33
C LEU E 18 -43.11 15.10 -11.42
N LYS E 19 -43.38 16.35 -11.05
CA LYS E 19 -43.04 17.49 -11.85
C LYS E 19 -41.97 18.28 -11.08
N ILE E 20 -40.87 18.57 -11.76
CA ILE E 20 -39.78 19.37 -11.23
C ILE E 20 -39.79 20.68 -12.00
N SER E 21 -39.41 21.77 -11.36
CA SER E 21 -39.54 23.07 -12.00
C SER E 21 -38.18 23.74 -12.27
N CYS E 22 -38.19 24.70 -13.19
CA CYS E 22 -37.03 25.50 -13.59
C CYS E 22 -37.56 26.87 -13.92
N LYS E 23 -37.29 27.81 -13.02
CA LYS E 23 -37.86 29.13 -13.17
C LYS E 23 -36.80 30.16 -13.56
N SER E 24 -37.08 30.91 -14.63
CA SER E 24 -36.14 31.86 -15.23
C SER E 24 -36.44 33.26 -14.76
N SER E 25 -35.39 34.05 -14.54
CA SER E 25 -35.58 35.47 -14.35
C SER E 25 -34.54 36.24 -15.15
N GLY E 26 -34.79 37.54 -15.34
CA GLY E 26 -33.79 38.50 -15.84
C GLY E 26 -33.55 38.60 -17.35
N TYR E 27 -34.33 37.89 -18.14
CA TYR E 27 -34.29 37.99 -19.59
C TYR E 27 -35.67 37.59 -20.11
N ASN E 28 -35.90 37.66 -21.41
CA ASN E 28 -37.24 37.37 -21.93
C ASN E 28 -37.44 35.87 -22.12
N PHE E 29 -38.00 35.25 -21.10
CA PHE E 29 -38.21 33.82 -21.09
C PHE E 29 -38.84 33.34 -22.43
N LEU E 30 -39.76 34.11 -23.01
CA LEU E 30 -40.50 33.63 -24.19
C LEU E 30 -39.65 33.26 -25.42
N ASP E 31 -38.49 33.91 -25.57
CA ASP E 31 -37.80 33.87 -26.85
C ASP E 31 -36.54 33.03 -27.00
N SER E 32 -36.20 32.21 -25.99
CA SER E 32 -35.03 31.31 -26.02
C SER E 32 -35.43 29.88 -25.68
N TRP E 33 -35.02 28.94 -26.52
CA TRP E 33 -35.26 27.55 -26.24
C TRP E 33 -34.70 27.20 -24.89
N ILE E 34 -35.44 26.36 -24.16
CA ILE E 34 -34.95 25.78 -22.90
C ILE E 34 -34.61 24.29 -23.12
N GLY E 35 -33.43 23.91 -22.66
CA GLY E 35 -33.01 22.52 -22.71
C GLY E 35 -32.94 21.88 -21.34
N TRP E 36 -32.90 20.53 -21.35
CA TRP E 36 -32.88 19.68 -20.20
C TRP E 36 -31.88 18.59 -20.41
N VAL E 37 -31.11 18.28 -19.37
CA VAL E 37 -29.97 17.37 -19.50
C VAL E 37 -29.89 16.61 -18.21
N ARG E 38 -29.58 15.33 -18.34
CA ARG E 38 -29.50 14.41 -17.22
C ARG E 38 -28.05 14.04 -16.97
N GLN E 39 -27.72 13.80 -15.73
CA GLN E 39 -26.40 13.30 -15.39
C GLN E 39 -26.46 12.30 -14.23
N ILE E 40 -26.12 11.06 -14.53
CA ILE E 40 -25.94 10.04 -13.52
C ILE E 40 -24.58 10.20 -12.86
N PRO E 41 -24.51 10.27 -11.49
CA PRO E 41 -23.27 10.14 -10.71
C PRO E 41 -22.11 9.41 -11.41
N GLY E 42 -21.01 10.13 -11.65
CA GLY E 42 -19.87 9.61 -12.41
C GLY E 42 -20.13 9.31 -13.89
N LYS E 43 -21.30 9.68 -14.43
CA LYS E 43 -21.56 9.56 -15.88
C LYS E 43 -21.63 10.93 -16.59
N GLY E 44 -21.73 10.90 -17.92
CA GLY E 44 -21.66 12.10 -18.74
C GLY E 44 -22.98 12.82 -18.88
N LEU E 45 -22.98 13.95 -19.56
CA LEU E 45 -24.21 14.63 -19.82
C LEU E 45 -24.96 13.87 -20.88
N GLU E 46 -26.28 13.85 -20.73
CA GLU E 46 -27.18 13.12 -21.59
C GLU E 46 -28.35 14.06 -21.93
N TRP E 47 -28.56 14.33 -23.21
CA TRP E 47 -29.55 15.27 -23.56
C TRP E 47 -30.92 14.64 -23.53
N ILE E 48 -31.91 15.38 -23.03
CA ILE E 48 -33.28 14.92 -22.86
C ILE E 48 -34.16 15.68 -23.84
N GLY E 49 -33.97 16.99 -23.94
CA GLY E 49 -34.85 17.73 -24.85
C GLY E 49 -34.78 19.24 -24.76
N ILE E 50 -35.31 19.89 -25.79
CA ILE E 50 -35.48 21.33 -25.78
C ILE E 50 -36.93 21.63 -26.07
N ILE E 51 -37.35 22.78 -25.56
CA ILE E 51 -38.65 23.32 -25.72
C ILE E 51 -38.55 24.83 -25.90
N TYR E 52 -39.50 25.37 -26.65
CA TYR E 52 -39.58 26.77 -26.93
C TYR E 52 -40.77 27.41 -26.16
N PRO E 53 -40.48 28.21 -25.14
CA PRO E 53 -41.56 28.66 -24.28
C PRO E 53 -42.69 29.48 -24.97
N ASP E 54 -42.41 30.09 -26.11
CA ASP E 54 -43.46 30.93 -26.72
C ASP E 54 -44.63 30.12 -27.31
N ASP E 55 -44.32 29.01 -27.95
CA ASP E 55 -45.34 28.19 -28.56
C ASP E 55 -45.25 26.74 -28.12
N SER E 56 -44.35 26.43 -27.18
CA SER E 56 -44.19 25.08 -26.60
C SER E 56 -43.78 24.03 -27.61
N ASP E 57 -43.17 24.48 -28.70
CA ASP E 57 -42.51 23.61 -29.64
C ASP E 57 -41.35 22.86 -28.99
N ALA E 58 -41.07 21.65 -29.45
CA ALA E 58 -40.26 20.71 -28.67
C ALA E 58 -39.53 19.66 -29.50
N HIS E 59 -38.38 19.19 -29.03
CA HIS E 59 -37.71 18.08 -29.70
C HIS E 59 -37.10 17.13 -28.67
N TYR E 60 -37.62 15.92 -28.52
CA TYR E 60 -37.18 15.01 -27.47
C TYR E 60 -35.99 14.16 -27.88
N SER E 61 -35.11 13.86 -26.93
CA SER E 61 -34.14 12.84 -27.19
C SER E 61 -34.99 11.61 -27.52
N PRO E 62 -34.61 10.86 -28.57
CA PRO E 62 -35.40 9.66 -28.82
C PRO E 62 -35.30 8.72 -27.62
N SER E 63 -34.24 8.87 -26.81
CA SER E 63 -34.07 8.14 -25.55
C SER E 63 -35.09 8.49 -24.46
N PHE E 64 -35.78 9.63 -24.58
CA PHE E 64 -36.65 10.12 -23.51
C PHE E 64 -38.07 10.38 -23.98
N GLU E 65 -38.30 10.20 -25.26
CA GLU E 65 -39.56 10.61 -25.86
C GLU E 65 -40.73 9.75 -25.44
N GLY E 66 -41.66 10.31 -24.69
CA GLY E 66 -42.79 9.53 -24.25
C GLY E 66 -42.56 9.05 -22.84
N GLN E 67 -41.33 8.64 -22.51
CA GLN E 67 -41.01 8.35 -21.10
C GLN E 67 -41.01 9.65 -20.21
N VAL E 68 -41.16 10.84 -20.84
CA VAL E 68 -41.18 12.12 -20.11
C VAL E 68 -41.87 13.27 -20.90
N THR E 69 -42.24 14.35 -20.22
CA THR E 69 -43.00 15.47 -20.78
C THR E 69 -42.42 16.83 -20.43
N MET E 70 -41.92 17.56 -21.42
CA MET E 70 -41.53 18.95 -21.21
C MET E 70 -42.76 19.82 -21.44
N SER E 71 -42.91 20.89 -20.65
CA SER E 71 -44.06 21.76 -20.65
C SER E 71 -43.56 23.10 -20.13
N VAL E 72 -44.37 24.16 -20.23
CA VAL E 72 -43.99 25.49 -19.69
C VAL E 72 -45.19 26.31 -19.23
N ASP E 73 -44.95 27.21 -18.31
CA ASP E 73 -45.95 28.16 -17.91
C ASP E 73 -45.45 29.59 -18.13
N LYS E 74 -45.90 30.19 -19.25
CA LYS E 74 -45.46 31.52 -19.69
C LYS E 74 -45.64 32.53 -18.59
N SER E 75 -46.73 32.38 -17.84
CA SER E 75 -47.09 33.39 -16.86
C SER E 75 -46.17 33.43 -15.64
N ILE E 76 -45.50 32.32 -15.33
CA ILE E 76 -44.50 32.35 -14.23
C ILE E 76 -43.05 32.14 -14.70
N SER E 77 -42.84 32.11 -16.02
CA SER E 77 -41.50 32.01 -16.54
C SER E 77 -40.86 30.71 -16.02
N THR E 78 -41.67 29.66 -15.93
CA THR E 78 -41.18 28.42 -15.40
C THR E 78 -41.38 27.32 -16.44
N ALA E 79 -40.33 26.53 -16.65
CA ALA E 79 -40.42 25.30 -17.44
C ALA E 79 -40.44 24.12 -16.49
N TYR E 80 -40.80 22.98 -17.03
CA TYR E 80 -41.22 21.86 -16.22
C TYR E 80 -40.81 20.58 -16.89
N LEU E 81 -40.49 19.58 -16.09
CA LEU E 81 -40.24 18.26 -16.61
C LEU E 81 -41.09 17.36 -15.78
N GLN E 82 -41.86 16.50 -16.43
CA GLN E 82 -42.95 15.73 -15.80
C GLN E 82 -42.78 14.26 -16.08
N TRP E 83 -43.07 13.44 -15.08
CA TRP E 83 -43.20 12.00 -15.30
C TRP E 83 -44.55 11.59 -14.76
N THR E 84 -45.17 10.59 -15.39
CA THR E 84 -46.41 10.05 -14.82
C THR E 84 -46.13 8.81 -14.00
N THR E 85 -45.01 8.15 -14.26
CA THR E 85 -44.62 6.95 -13.56
C THR E 85 -43.10 6.90 -13.44
N LEU E 86 -42.56 7.39 -12.32
CA LEU E 86 -41.13 7.21 -12.08
C LEU E 86 -40.77 5.72 -12.05
N GLN E 87 -39.57 5.38 -12.46
CA GLN E 87 -39.06 4.01 -12.38
C GLN E 87 -37.61 4.13 -11.90
N ALA E 88 -36.98 3.04 -11.49
CA ALA E 88 -35.63 3.10 -10.93
C ALA E 88 -34.66 3.87 -11.81
N SER E 89 -34.53 3.43 -13.07
CA SER E 89 -33.55 4.05 -14.00
C SER E 89 -33.81 5.55 -14.35
N ASP E 90 -34.80 6.16 -13.70
CA ASP E 90 -35.00 7.60 -13.79
C ASP E 90 -34.05 8.40 -12.85
N THR E 91 -33.30 7.71 -11.98
CA THR E 91 -32.41 8.35 -11.02
C THR E 91 -31.40 9.24 -11.74
N GLY E 92 -31.05 10.39 -11.14
CA GLY E 92 -29.94 11.24 -11.60
C GLY E 92 -30.18 12.70 -11.31
N LYS E 93 -29.25 13.54 -11.73
CA LYS E 93 -29.34 14.99 -11.56
C LYS E 93 -29.84 15.65 -12.85
N TYR E 94 -30.88 16.45 -12.76
CA TYR E 94 -31.47 17.01 -13.98
C TYR E 94 -31.21 18.49 -14.05
N PHE E 95 -30.62 18.92 -15.18
CA PHE E 95 -30.34 20.34 -15.39
C PHE E 95 -31.26 20.96 -16.43
N CYS E 96 -31.82 22.13 -16.14
CA CYS E 96 -32.39 22.93 -17.20
C CYS E 96 -31.33 23.98 -17.62
N THR E 97 -31.40 24.41 -18.87
CA THR E 97 -30.38 25.32 -19.39
C THR E 97 -30.96 26.20 -20.49
N ARG E 98 -30.40 27.39 -20.65
CA ARG E 98 -30.81 28.24 -21.73
C ARG E 98 -29.90 28.14 -22.97
N LEU E 99 -30.53 27.73 -24.08
CA LEU E 99 -29.92 27.85 -25.40
C LEU E 99 -29.90 29.32 -25.85
N TYR E 100 -28.71 29.89 -25.91
CA TYR E 100 -28.53 31.29 -26.32
C TYR E 100 -28.19 31.43 -27.83
N LEU E 101 -28.77 32.44 -28.48
CA LEU E 101 -28.42 32.71 -29.90
C LEU E 101 -27.26 33.67 -29.97
N PHE E 102 -26.13 33.18 -30.47
CA PHE E 102 -25.01 34.03 -30.74
C PHE E 102 -25.10 34.46 -32.21
N GLU E 103 -25.51 35.70 -32.41
CA GLU E 103 -25.86 36.15 -33.75
C GLU E 103 -24.73 36.80 -34.47
N GLY E 104 -24.79 36.74 -35.79
CA GLY E 104 -23.77 37.33 -36.66
C GLY E 104 -23.74 36.77 -38.08
N ALA E 105 -22.58 36.82 -38.70
CA ALA E 105 -22.37 36.26 -40.03
C ALA E 105 -22.81 34.84 -39.94
N GLN E 106 -22.22 34.15 -38.97
CA GLN E 106 -22.52 32.74 -38.73
C GLN E 106 -23.18 32.74 -37.40
N SER E 107 -24.46 32.47 -37.37
CA SER E 107 -25.20 32.48 -36.14
C SER E 107 -25.14 31.08 -35.58
N SER E 108 -24.89 30.97 -34.26
CA SER E 108 -24.77 29.67 -33.61
C SER E 108 -25.56 29.65 -32.33
N ASN E 109 -25.93 28.45 -31.88
CA ASN E 109 -26.55 28.25 -30.57
C ASN E 109 -25.67 27.43 -29.61
N ALA E 110 -25.67 27.81 -28.35
CA ALA E 110 -25.02 26.98 -27.33
C ALA E 110 -25.67 27.30 -26.01
N PHE E 111 -25.49 26.40 -25.06
CA PHE E 111 -26.13 26.52 -23.78
C PHE E 111 -25.32 27.35 -22.86
N ASP E 112 -25.71 28.61 -22.69
CA ASP E 112 -24.88 29.52 -21.90
C ASP E 112 -25.21 29.57 -20.42
N LEU E 113 -26.50 29.50 -20.09
CA LEU E 113 -26.98 29.64 -18.71
C LEU E 113 -27.44 28.27 -18.15
N TRP E 114 -26.98 27.88 -16.98
CA TRP E 114 -27.37 26.57 -16.47
C TRP E 114 -28.02 26.67 -15.06
N GLY E 115 -29.16 26.02 -14.82
CA GLY E 115 -29.72 25.89 -13.44
C GLY E 115 -28.76 25.12 -12.54
N GLN E 116 -29.09 24.98 -11.26
CA GLN E 116 -28.17 24.32 -10.30
C GLN E 116 -28.38 22.81 -10.21
N GLY E 117 -29.26 22.29 -11.07
CA GLY E 117 -29.63 20.89 -11.05
C GLY E 117 -30.63 20.52 -9.98
N THR E 118 -31.57 19.64 -10.31
CA THR E 118 -32.45 19.01 -9.34
C THR E 118 -32.03 17.54 -9.26
N MET E 119 -31.69 17.07 -8.05
CA MET E 119 -31.40 15.62 -7.84
C MET E 119 -32.68 14.79 -7.67
N ILE E 120 -32.75 13.70 -8.41
CA ILE E 120 -33.89 12.80 -8.35
C ILE E 120 -33.44 11.40 -7.96
N LEU E 121 -34.06 10.90 -6.90
CA LEU E 121 -33.77 9.55 -6.44
C LEU E 121 -35.07 8.75 -6.38
N VAL E 122 -35.06 7.63 -7.11
CA VAL E 122 -36.18 6.70 -7.06
C VAL E 122 -35.65 5.50 -6.32
N SER E 123 -36.18 5.27 -5.12
CA SER E 123 -35.76 4.12 -4.32
C SER E 123 -36.94 3.60 -3.57
N SER E 124 -37.02 2.28 -3.44
CA SER E 124 -38.02 1.66 -2.56
C SER E 124 -37.65 1.94 -1.10
N GLY E 125 -36.37 1.70 -0.78
CA GLY E 125 -35.75 1.96 0.54
C GLY E 125 -36.47 2.89 1.49
N THR E 126 -36.54 2.48 2.75
CA THR E 126 -37.15 3.26 3.83
C THR E 126 -36.05 3.56 4.86
N THR E 127 -36.20 4.67 5.59
CA THR E 127 -35.17 5.20 6.47
C THR E 127 -34.64 4.20 7.50
N LYS E 128 -33.45 3.69 7.26
CA LYS E 128 -32.85 2.70 8.12
C LYS E 128 -31.57 3.28 8.70
N GLY E 129 -31.43 3.26 10.02
CA GLY E 129 -30.11 3.36 10.68
C GLY E 129 -29.22 2.21 10.23
N PRO E 130 -27.90 2.38 10.31
CA PRO E 130 -27.02 1.31 9.83
C PRO E 130 -26.64 0.27 10.91
N SER E 131 -26.13 -0.87 10.49
CA SER E 131 -25.53 -1.80 11.44
C SER E 131 -24.00 -1.64 11.39
N VAL E 132 -23.38 -1.49 12.55
CA VAL E 132 -21.93 -1.26 12.59
C VAL E 132 -21.10 -2.51 12.96
N PHE E 133 -20.17 -2.89 12.10
CA PHE E 133 -19.34 -4.06 12.34
C PHE E 133 -17.86 -3.70 12.34
N PRO E 134 -17.10 -4.17 13.34
CA PRO E 134 -15.69 -3.82 13.43
C PRO E 134 -14.90 -4.46 12.31
N LEU E 135 -13.94 -3.72 11.78
CA LEU E 135 -12.92 -4.29 10.92
C LEU E 135 -11.57 -4.49 11.68
N ALA E 136 -11.48 -5.61 12.42
CA ALA E 136 -10.26 -6.05 13.14
C ALA E 136 -8.93 -6.00 12.35
N PRO E 137 -7.93 -5.26 12.90
CA PRO E 137 -6.63 -4.91 12.34
C PRO E 137 -6.07 -5.92 11.32
N GLY E 145 5.79 -0.51 10.12
CA GLY E 145 5.37 -1.18 11.35
C GLY E 145 4.02 -0.68 11.86
N THR E 146 3.03 -0.69 10.97
CA THR E 146 1.69 -0.15 11.23
C THR E 146 0.58 -1.12 10.87
N ALA E 147 -0.59 -0.91 11.47
CA ALA E 147 -1.81 -1.69 11.15
C ALA E 147 -3.00 -0.81 10.74
N ALA E 148 -3.91 -1.40 9.98
CA ALA E 148 -5.11 -0.71 9.53
C ALA E 148 -6.33 -1.30 10.22
N LEU E 149 -7.11 -0.44 10.89
CA LEU E 149 -8.38 -0.88 11.47
C LEU E 149 -9.54 -0.02 11.00
N GLY E 150 -10.76 -0.44 11.31
CA GLY E 150 -11.91 0.30 10.83
C GLY E 150 -13.30 -0.07 11.31
N CYS E 151 -14.28 0.57 10.68
CA CYS E 151 -15.65 0.25 10.92
C CYS E 151 -16.31 0.12 9.58
N LEU E 152 -17.16 -0.89 9.50
CA LEU E 152 -18.05 -1.13 8.39
C LEU E 152 -19.42 -0.59 8.77
N VAL E 153 -19.84 0.45 8.06
CA VAL E 153 -21.13 1.07 8.35
C VAL E 153 -22.13 0.65 7.27
N LYS E 154 -23.08 -0.19 7.68
CA LYS E 154 -23.78 -1.05 6.73
C LYS E 154 -25.31 -0.87 6.75
N ASP E 155 -25.88 -0.69 5.55
CA ASP E 155 -27.34 -0.78 5.31
C ASP E 155 -28.13 0.32 5.98
N TYR E 156 -27.85 1.54 5.57
CA TYR E 156 -28.58 2.68 6.10
C TYR E 156 -29.17 3.55 4.98
N PHE E 157 -30.15 4.37 5.33
CA PHE E 157 -30.85 5.21 4.37
C PHE E 157 -31.64 6.34 5.04
N PRO E 158 -31.58 7.55 4.48
CA PRO E 158 -30.82 8.04 3.33
C PRO E 158 -29.39 8.39 3.75
N GLU E 159 -28.69 9.18 2.92
CA GLU E 159 -27.43 9.81 3.34
C GLU E 159 -27.76 11.03 4.21
N PRO E 160 -26.85 11.45 5.11
CA PRO E 160 -25.51 10.98 5.40
C PRO E 160 -25.29 10.31 6.77
N VAL E 161 -24.18 9.58 6.91
CA VAL E 161 -23.69 9.18 8.23
C VAL E 161 -22.40 9.95 8.50
N THR E 162 -22.03 10.10 9.77
CA THR E 162 -20.67 10.53 10.06
C THR E 162 -20.06 9.48 10.95
N VAL E 163 -18.72 9.39 10.92
CA VAL E 163 -18.00 8.51 11.82
C VAL E 163 -16.92 9.33 12.49
N SER E 164 -16.60 9.01 13.74
CA SER E 164 -15.39 9.54 14.31
C SER E 164 -14.67 8.46 15.13
N TRP E 165 -13.51 8.80 15.69
CA TRP E 165 -12.72 7.83 16.43
C TRP E 165 -12.42 8.36 17.84
N ASN E 166 -12.77 7.54 18.82
CA ASN E 166 -12.51 7.88 20.23
C ASN E 166 -13.02 9.29 20.46
N SER E 167 -14.28 9.52 20.09
CA SER E 167 -14.91 10.81 20.29
C SER E 167 -14.13 12.01 19.76
N GLY E 168 -13.32 11.81 18.75
CA GLY E 168 -12.59 12.96 18.23
C GLY E 168 -11.19 13.15 18.80
N ALA E 169 -10.75 12.22 19.65
CA ALA E 169 -9.40 12.24 20.19
C ALA E 169 -8.44 11.68 19.19
N LEU E 170 -8.93 10.84 18.29
CA LEU E 170 -8.10 10.21 17.28
C LEU E 170 -8.49 10.66 15.87
N THR E 171 -7.64 11.50 15.27
CA THR E 171 -7.84 11.98 13.87
C THR E 171 -6.72 11.65 12.88
N SER E 172 -5.58 11.16 13.35
CA SER E 172 -4.41 10.91 12.46
C SER E 172 -4.46 9.62 11.65
N GLY E 173 -4.56 9.73 10.33
CA GLY E 173 -4.59 8.53 9.49
C GLY E 173 -5.98 7.94 9.49
N VAL E 174 -6.98 8.76 9.79
CA VAL E 174 -8.36 8.34 9.62
C VAL E 174 -8.74 8.78 8.21
N HIS E 175 -9.28 7.86 7.41
CA HIS E 175 -9.99 8.26 6.20
C HIS E 175 -11.33 7.58 6.18
N THR E 176 -12.38 8.40 6.14
CA THR E 176 -13.73 7.87 6.03
C THR E 176 -14.16 7.97 4.57
N PHE E 177 -14.46 6.83 3.97
CA PHE E 177 -14.78 6.72 2.55
C PHE E 177 -16.15 7.27 2.22
N PRO E 178 -16.35 7.70 0.95
CA PRO E 178 -17.72 7.94 0.44
C PRO E 178 -18.55 6.65 0.46
N ALA E 179 -19.87 6.79 0.50
CA ALA E 179 -20.77 5.64 0.60
C ALA E 179 -20.97 4.95 -0.74
N VAL E 180 -21.03 3.62 -0.72
CA VAL E 180 -21.64 2.88 -1.86
C VAL E 180 -23.15 2.73 -1.69
N LEU E 181 -23.87 2.86 -2.80
CA LEU E 181 -25.30 2.56 -2.89
C LEU E 181 -25.42 1.19 -3.52
N GLN E 182 -26.30 0.38 -2.96
CA GLN E 182 -26.36 -1.03 -3.28
C GLN E 182 -27.61 -1.41 -4.10
N SER E 183 -27.54 -2.59 -4.70
CA SER E 183 -28.66 -3.24 -5.38
C SER E 183 -29.92 -3.21 -4.50
N SER E 184 -29.68 -3.26 -3.19
CA SER E 184 -30.71 -3.28 -2.17
C SER E 184 -31.45 -1.96 -2.12
N GLY E 185 -30.77 -0.90 -2.57
CA GLY E 185 -31.24 0.47 -2.39
C GLY E 185 -30.76 1.08 -1.08
N LEU E 186 -29.84 0.38 -0.39
CA LEU E 186 -29.29 0.83 0.86
C LEU E 186 -27.84 1.28 0.68
N TYR E 187 -27.36 2.15 1.56
CA TYR E 187 -25.96 2.58 1.50
C TYR E 187 -25.08 1.79 2.42
N SER E 188 -23.79 1.87 2.13
CA SER E 188 -22.74 1.34 2.99
C SER E 188 -21.47 2.18 2.85
N LEU E 189 -20.71 2.32 3.95
CA LEU E 189 -19.38 2.94 3.91
C LEU E 189 -18.47 2.40 4.98
N SER E 190 -17.20 2.78 4.92
CA SER E 190 -16.23 2.32 5.91
C SER E 190 -15.44 3.48 6.46
N SER E 191 -14.87 3.27 7.62
CA SER E 191 -13.87 4.18 8.10
C SER E 191 -12.69 3.32 8.46
N VAL E 192 -11.48 3.77 8.10
CA VAL E 192 -10.28 3.01 8.43
C VAL E 192 -9.30 3.90 9.18
N VAL E 193 -8.45 3.29 10.00
CA VAL E 193 -7.38 4.01 10.67
C VAL E 193 -6.04 3.30 10.54
N THR E 194 -5.01 4.05 10.13
CA THR E 194 -3.62 3.59 10.16
C THR E 194 -3.04 3.91 11.54
N VAL E 195 -2.59 2.88 12.27
CA VAL E 195 -2.03 3.08 13.62
C VAL E 195 -0.78 2.24 13.95
N PRO E 196 0.18 2.80 14.71
CA PRO E 196 1.28 2.00 15.27
C PRO E 196 0.83 0.61 15.75
N SER E 197 1.41 -0.44 15.17
CA SER E 197 0.99 -1.83 15.50
C SER E 197 1.41 -2.27 16.90
N SER E 198 2.48 -1.68 17.41
CA SER E 198 2.90 -1.96 18.76
C SER E 198 1.95 -1.36 19.82
N SER E 199 0.90 -0.66 19.39
CA SER E 199 -0.04 -0.04 20.35
C SER E 199 -1.46 -0.68 20.45
N LEU E 200 -1.75 -1.66 19.60
CA LEU E 200 -3.05 -2.39 19.61
C LEU E 200 -3.45 -3.11 20.92
N GLY E 201 -2.47 -3.38 21.78
CA GLY E 201 -2.70 -4.09 23.05
C GLY E 201 -2.92 -3.13 24.20
N THR E 202 -2.36 -1.93 24.05
CA THR E 202 -2.47 -0.84 25.04
C THR E 202 -3.64 0.11 24.73
N GLN E 203 -3.86 0.40 23.45
CA GLN E 203 -4.79 1.44 23.06
C GLN E 203 -6.16 0.85 22.73
N THR E 204 -7.20 1.61 23.00
CA THR E 204 -8.54 1.15 22.67
C THR E 204 -9.13 2.08 21.59
N TYR E 205 -9.62 1.48 20.50
CA TYR E 205 -10.19 2.21 19.37
C TYR E 205 -11.69 2.00 19.30
N ILE E 206 -12.44 3.10 19.42
CA ILE E 206 -13.89 3.06 19.25
C ILE E 206 -14.29 3.96 18.07
N CYS E 207 -15.05 3.39 17.15
CA CYS E 207 -15.59 4.19 16.10
C CYS E 207 -16.99 4.68 16.51
N ASN E 208 -17.23 5.98 16.32
CA ASN E 208 -18.48 6.60 16.70
C ASN E 208 -19.31 6.92 15.43
N VAL E 209 -20.41 6.20 15.21
CA VAL E 209 -21.21 6.37 14.00
C VAL E 209 -22.53 7.09 14.27
N ASN E 210 -22.73 8.22 13.57
CA ASN E 210 -23.94 9.02 13.70
C ASN E 210 -24.75 9.13 12.39
N HIS E 211 -25.92 8.52 12.37
CA HIS E 211 -26.84 8.66 11.24
C HIS E 211 -28.06 9.43 11.72
N LYS E 212 -28.05 10.73 11.48
CA LYS E 212 -29.08 11.63 12.00
C LYS E 212 -30.47 11.50 11.37
N PRO E 213 -30.55 11.13 10.10
CA PRO E 213 -31.92 10.86 9.61
C PRO E 213 -32.78 10.01 10.51
N SER E 214 -32.21 8.92 11.06
CA SER E 214 -32.98 7.95 11.85
C SER E 214 -32.72 8.09 13.34
N ASN E 215 -32.02 9.16 13.69
CA ASN E 215 -31.36 9.31 14.97
C ASN E 215 -30.80 8.01 15.55
N THR E 216 -29.88 7.37 14.80
CA THR E 216 -29.19 6.16 15.23
C THR E 216 -27.74 6.51 15.58
N LYS E 217 -27.31 6.18 16.79
CA LYS E 217 -25.90 6.30 17.14
C LYS E 217 -25.32 4.95 17.52
N VAL E 218 -24.12 4.64 17.02
CA VAL E 218 -23.43 3.44 17.47
C VAL E 218 -21.95 3.67 17.79
N ASP E 219 -21.50 3.13 18.92
CA ASP E 219 -20.10 3.17 19.29
C ASP E 219 -19.48 1.79 19.31
N LYS E 220 -18.68 1.43 18.29
CA LYS E 220 -18.15 0.06 18.25
C LYS E 220 -16.69 -0.04 18.72
N LYS E 221 -16.46 -0.86 19.75
CA LYS E 221 -15.11 -1.20 20.17
C LYS E 221 -14.56 -2.07 19.06
N VAL E 222 -13.39 -1.70 18.52
CA VAL E 222 -12.74 -2.44 17.45
C VAL E 222 -11.52 -3.09 18.07
N GLU E 223 -11.44 -4.41 17.95
CA GLU E 223 -10.49 -5.17 18.73
C GLU E 223 -9.65 -6.12 17.93
N PRO E 224 -8.37 -6.28 18.35
CA PRO E 224 -7.39 -7.18 17.75
C PRO E 224 -7.93 -8.61 17.52
N LYS E 225 -7.62 -9.12 16.34
CA LYS E 225 -7.91 -10.50 15.93
C LYS E 225 -7.52 -11.57 16.98
N SER E 226 -8.26 -12.69 16.95
CA SER E 226 -7.99 -13.87 17.78
C SER E 226 -8.85 -15.07 17.31
N THR F 3 -35.95 36.58 -36.64
CA THR F 3 -36.51 35.64 -35.63
C THR F 3 -35.55 35.43 -34.43
N ARG F 4 -36.14 35.19 -33.27
CA ARG F 4 -35.37 34.83 -32.10
C ARG F 4 -35.62 33.34 -31.69
N LYS F 5 -36.11 32.52 -32.63
CA LYS F 5 -36.41 31.09 -32.40
C LYS F 5 -35.47 30.11 -33.14
N SER F 6 -34.59 30.67 -33.96
CA SER F 6 -33.80 29.87 -34.90
C SER F 6 -32.67 29.05 -34.23
N ILE F 7 -32.55 27.78 -34.61
CA ILE F 7 -31.37 26.96 -34.31
C ILE F 7 -30.47 26.83 -35.54
N HIS F 8 -29.15 26.88 -35.35
CA HIS F 8 -28.19 26.72 -36.45
C HIS F 8 -27.20 25.65 -36.09
N LEU F 9 -27.19 24.55 -36.85
CA LEU F 9 -26.28 23.44 -36.55
C LEU F 9 -24.89 23.56 -37.20
N GLY F 10 -24.81 24.43 -38.19
CA GLY F 10 -23.59 24.72 -38.92
C GLY F 10 -23.89 25.84 -39.90
N PRO F 11 -22.93 26.18 -40.77
CA PRO F 11 -23.19 27.17 -41.83
C PRO F 11 -24.20 26.72 -42.90
N GLY F 12 -25.16 27.58 -43.21
CA GLY F 12 -26.09 27.35 -44.32
C GLY F 12 -27.30 26.48 -44.04
N ARG F 13 -27.41 26.02 -42.78
CA ARG F 13 -28.57 25.22 -42.37
C ARG F 13 -29.11 25.48 -40.94
N ALA F 14 -30.39 25.86 -40.90
CA ALA F 14 -31.02 26.51 -39.76
C ALA F 14 -32.53 26.43 -39.81
N PHE F 15 -33.16 25.77 -38.83
CA PHE F 15 -34.63 25.74 -38.76
C PHE F 15 -35.18 26.83 -37.82
N TYR F 16 -36.45 27.17 -38.02
CA TYR F 16 -37.19 28.19 -37.28
C TYR F 16 -36.67 29.61 -37.54
N SER G 1 25.93 -17.74 36.76
CA SER G 1 25.71 -16.43 37.50
C SER G 1 26.81 -15.35 37.29
N TYR G 2 27.94 -15.48 37.99
CA TYR G 2 28.85 -14.35 38.23
C TYR G 2 29.36 -13.68 36.97
N ASP G 3 29.27 -12.36 36.88
CA ASP G 3 29.77 -11.70 35.70
C ASP G 3 31.28 -11.74 35.69
N LEU G 4 31.83 -11.83 34.48
CA LEU G 4 33.27 -11.78 34.23
C LEU G 4 33.59 -10.43 33.58
N THR G 5 34.51 -9.66 34.18
CA THR G 5 34.79 -8.34 33.64
C THR G 5 36.10 -8.24 32.92
N GLN G 6 36.01 -7.74 31.70
CA GLN G 6 37.10 -7.66 30.75
C GLN G 6 37.00 -6.24 30.11
N PRO G 7 38.13 -5.49 30.03
CA PRO G 7 38.12 -4.13 29.46
C PRO G 7 37.81 -4.20 27.98
N PRO G 8 36.89 -3.34 27.47
CA PRO G 8 36.46 -3.41 26.05
C PRO G 8 37.61 -3.32 25.08
N SER G 9 38.59 -2.51 25.44
CA SER G 9 39.65 -2.22 24.49
C SER G 9 41.02 -2.19 25.19
N VAL G 10 42.03 -2.67 24.45
CA VAL G 10 43.41 -2.54 24.85
C VAL G 10 44.23 -2.07 23.67
N SER G 11 45.13 -1.14 23.97
CA SER G 11 45.94 -0.52 22.92
C SER G 11 47.43 -0.57 23.27
N VAL G 12 48.24 -0.92 22.29
CA VAL G 12 49.63 -1.23 22.54
C VAL G 12 50.41 -0.83 21.28
N SER G 13 51.73 -0.67 21.35
CA SER G 13 52.53 -0.42 20.10
C SER G 13 53.26 -1.68 19.69
N PRO G 14 53.73 -1.78 18.43
CA PRO G 14 54.44 -3.02 18.06
C PRO G 14 55.57 -3.38 19.06
N GLY G 15 55.81 -4.67 19.27
CA GLY G 15 56.86 -5.05 20.21
C GLY G 15 56.57 -4.84 21.69
N GLN G 16 55.60 -3.96 22.05
CA GLN G 16 55.21 -3.79 23.46
C GLN G 16 54.53 -5.06 24.00
N THR G 17 54.51 -5.23 25.31
CA THR G 17 53.75 -6.33 25.91
C THR G 17 52.31 -5.88 26.12
N ALA G 18 51.36 -6.61 25.52
CA ALA G 18 49.96 -6.37 25.79
C ALA G 18 49.53 -7.18 27.00
N SER G 19 48.59 -6.63 27.73
CA SER G 19 48.17 -7.26 28.93
C SER G 19 46.65 -7.06 29.11
N ILE G 20 45.92 -8.17 29.23
CA ILE G 20 44.43 -8.18 29.25
C ILE G 20 43.96 -8.94 30.49
N SER G 21 43.15 -8.29 31.32
CA SER G 21 42.72 -8.93 32.59
C SER G 21 41.26 -9.31 32.54
N CYS G 22 40.83 -10.08 33.53
CA CYS G 22 39.49 -10.66 33.52
C CYS G 22 39.21 -11.08 34.93
N SER G 23 38.24 -10.43 35.55
CA SER G 23 37.99 -10.58 36.97
C SER G 23 36.58 -11.05 37.19
N GLY G 24 36.37 -11.73 38.29
CA GLY G 24 35.03 -12.22 38.60
C GLY G 24 35.07 -12.88 39.96
N ASP G 25 33.96 -12.86 40.65
CA ASP G 25 33.94 -13.15 42.09
C ASP G 25 34.22 -14.59 42.49
N LYS G 26 34.38 -15.49 41.53
CA LYS G 26 34.66 -16.88 41.88
C LYS G 26 35.97 -17.38 41.30
N LEU G 27 36.68 -16.51 40.59
CA LEU G 27 37.96 -16.87 39.95
C LEU G 27 39.11 -17.13 40.96
N ASP G 28 38.84 -17.05 42.24
CA ASP G 28 39.81 -17.58 43.19
C ASP G 28 39.61 -19.09 43.35
N ASP G 29 38.37 -19.56 43.28
CA ASP G 29 38.16 -21.01 43.30
C ASP G 29 38.12 -21.69 41.91
N LYS G 30 38.21 -20.91 40.83
CA LYS G 30 37.86 -21.43 39.51
C LYS G 30 38.84 -21.06 38.40
N TYR G 31 38.97 -21.94 37.42
CA TYR G 31 39.95 -21.73 36.38
C TYR G 31 39.37 -20.94 35.23
N VAL G 32 40.24 -20.16 34.59
CA VAL G 32 39.92 -19.37 33.40
C VAL G 32 40.52 -19.95 32.12
N SER G 33 39.81 -19.82 30.99
CA SER G 33 40.43 -20.01 29.65
C SER G 33 40.36 -18.74 28.82
N TRP G 34 41.29 -18.63 27.85
CA TRP G 34 41.32 -17.47 26.92
C TRP G 34 41.09 -17.91 25.47
N TYR G 35 40.37 -17.13 24.69
CA TYR G 35 40.21 -17.40 23.27
C TYR G 35 40.55 -16.16 22.48
N TYR G 36 41.27 -16.37 21.38
CA TYR G 36 41.52 -15.31 20.43
C TYR G 36 40.55 -15.46 19.26
N GLN G 37 40.13 -14.36 18.67
CA GLN G 37 39.30 -14.46 17.47
C GLN G 37 39.58 -13.37 16.48
N ARG G 38 40.05 -13.73 15.30
CA ARG G 38 40.07 -12.82 14.14
C ARG G 38 38.70 -12.68 13.54
N PRO G 39 38.31 -11.46 13.14
CA PRO G 39 36.92 -11.36 12.64
C PRO G 39 36.71 -12.29 11.42
N GLY G 40 35.58 -12.99 11.41
CA GLY G 40 35.27 -13.85 10.30
C GLY G 40 35.83 -15.25 10.42
N GLN G 41 36.51 -15.51 11.55
CA GLN G 41 37.21 -16.77 11.80
C GLN G 41 36.66 -17.36 13.06
N SER G 42 37.01 -18.61 13.34
CA SER G 42 36.54 -19.27 14.54
C SER G 42 37.47 -18.94 15.71
N PRO G 43 36.93 -18.82 16.93
CA PRO G 43 37.80 -18.57 18.12
C PRO G 43 38.93 -19.58 18.20
N VAL G 44 40.06 -19.20 18.80
CA VAL G 44 41.17 -20.13 18.95
C VAL G 44 41.54 -20.18 20.43
N LEU G 45 41.55 -21.38 21.01
CA LEU G 45 41.95 -21.50 22.42
C LEU G 45 43.44 -21.20 22.57
N LEU G 46 43.79 -20.44 23.59
CA LEU G 46 45.14 -19.91 23.70
C LEU G 46 45.67 -20.29 25.02
N MET G 47 44.78 -20.64 25.94
CA MET G 47 45.21 -20.82 27.34
C MET G 47 44.09 -21.43 28.20
N TYR G 48 44.40 -22.45 29.00
CA TYR G 48 43.41 -23.02 29.94
C TYR G 48 44.04 -23.25 31.30
N GLN G 49 43.17 -23.41 32.30
CA GLN G 49 43.61 -23.67 33.67
C GLN G 49 44.58 -22.53 34.04
N ASP G 50 44.08 -21.31 33.84
CA ASP G 50 44.80 -20.04 34.06
C ASP G 50 46.03 -19.78 33.16
N PHE G 51 46.86 -20.80 32.93
CA PHE G 51 48.22 -20.57 32.42
C PHE G 51 48.80 -21.70 31.53
N LYS G 52 48.00 -22.71 31.22
CA LYS G 52 48.53 -23.79 30.41
C LYS G 52 48.23 -23.51 28.95
N ARG G 53 49.27 -23.69 28.12
CA ARG G 53 49.15 -23.63 26.67
C ARG G 53 48.81 -24.95 25.94
N PRO G 54 47.77 -24.88 25.09
CA PRO G 54 47.50 -25.93 24.12
C PRO G 54 48.78 -26.22 23.30
N SER G 55 49.04 -27.49 22.99
CA SER G 55 50.15 -27.84 22.12
C SER G 55 50.16 -26.94 20.93
N GLY G 56 51.35 -26.49 20.56
CA GLY G 56 51.49 -25.57 19.45
C GLY G 56 51.23 -24.08 19.72
N ILE G 57 50.60 -23.72 20.84
CA ILE G 57 50.41 -22.28 21.15
C ILE G 57 51.74 -21.74 21.68
N PRO G 58 52.32 -20.75 21.00
CA PRO G 58 53.70 -20.31 21.27
C PRO G 58 53.95 -19.71 22.66
N GLU G 59 55.22 -19.68 23.08
CA GLU G 59 55.59 -19.23 24.41
C GLU G 59 55.38 -17.74 24.68
N ARG G 60 55.42 -16.88 23.64
CA ARG G 60 55.06 -15.46 23.81
C ARG G 60 53.72 -15.22 24.52
N LEU G 61 52.82 -16.19 24.45
CA LEU G 61 51.59 -16.11 25.25
C LEU G 61 51.76 -16.72 26.62
N SER G 62 51.41 -15.97 27.66
CA SER G 62 51.45 -16.49 29.03
C SER G 62 50.21 -16.09 29.81
N GLY G 63 49.79 -16.94 30.73
CA GLY G 63 48.68 -16.61 31.59
C GLY G 63 49.04 -16.65 33.08
N SER G 64 48.20 -16.03 33.90
CA SER G 64 48.46 -15.87 35.34
C SER G 64 47.21 -15.39 36.02
N LYS G 65 47.26 -15.44 37.33
CA LYS G 65 46.07 -15.38 38.13
C LYS G 65 46.49 -14.78 39.46
N SER G 66 45.77 -13.75 39.88
CA SER G 66 46.02 -13.13 41.17
C SER G 66 44.66 -12.85 41.81
N GLY G 67 44.36 -13.60 42.86
CA GLY G 67 43.10 -13.40 43.57
C GLY G 67 41.96 -13.71 42.64
N LYS G 68 41.08 -12.75 42.39
CA LYS G 68 39.89 -12.94 41.55
C LYS G 68 40.11 -12.51 40.09
N THR G 69 41.38 -12.26 39.76
CA THR G 69 41.77 -11.68 38.47
C THR G 69 42.77 -12.55 37.69
N ALA G 70 42.35 -12.96 36.48
CA ALA G 70 43.20 -13.71 35.58
C ALA G 70 43.76 -12.77 34.58
N THR G 71 44.95 -13.06 34.09
CA THR G 71 45.63 -12.16 33.22
C THR G 71 46.24 -12.93 32.07
N LEU G 72 45.95 -12.49 30.84
CA LEU G 72 46.61 -12.98 29.65
C LEU G 72 47.64 -11.96 29.22
N THR G 73 48.88 -12.42 29.01
CA THR G 73 50.01 -11.57 28.61
C THR G 73 50.58 -11.98 27.23
N ILE G 74 50.58 -11.04 26.26
CA ILE G 74 51.24 -11.29 24.99
C ILE G 74 52.52 -10.47 24.90
N SER G 75 53.66 -11.12 24.79
CA SER G 75 54.89 -10.35 24.70
C SER G 75 55.23 -10.23 23.21
N GLY G 76 56.06 -9.25 22.85
CA GLY G 76 56.32 -8.98 21.45
C GLY G 76 55.07 -8.83 20.56
N THR G 77 54.05 -8.10 21.06
CA THR G 77 52.79 -7.92 20.33
C THR G 77 53.00 -7.35 18.93
N GLN G 78 52.39 -7.97 17.92
CA GLN G 78 52.38 -7.39 16.56
C GLN G 78 51.00 -7.36 15.87
N SER G 79 50.99 -6.89 14.63
CA SER G 79 49.79 -6.81 13.79
C SER G 79 48.97 -8.08 13.92
N LEU G 80 49.64 -9.22 13.79
CA LEU G 80 48.99 -10.50 13.85
C LEU G 80 48.19 -10.73 15.14
N ASP G 81 48.62 -10.17 16.27
CA ASP G 81 47.83 -10.31 17.49
C ASP G 81 46.49 -9.56 17.50
N GLU G 82 46.25 -8.68 16.51
CA GLU G 82 45.04 -7.83 16.55
C GLU G 82 43.81 -8.65 16.44
N GLY G 83 42.86 -8.39 17.33
CA GLY G 83 41.61 -9.11 17.24
C GLY G 83 40.91 -9.11 18.55
N ASP G 84 39.95 -10.03 18.73
CA ASP G 84 39.21 -10.13 20.01
C ASP G 84 39.66 -11.31 20.89
N TYR G 85 39.70 -11.06 22.20
CA TYR G 85 40.13 -12.02 23.15
C TYR G 85 39.03 -12.23 24.12
N TYR G 86 38.70 -13.47 24.46
CA TYR G 86 37.65 -13.74 25.43
C TYR G 86 38.18 -14.60 26.58
N CYS G 87 37.89 -14.21 27.81
CA CYS G 87 38.16 -15.09 28.93
C CYS G 87 36.89 -15.83 29.14
N GLN G 88 36.99 -17.05 29.66
CA GLN G 88 35.80 -17.86 30.02
C GLN G 88 36.05 -18.75 31.23
N ALA G 89 34.97 -19.10 31.90
CA ALA G 89 35.05 -19.87 33.07
C ALA G 89 33.75 -20.66 33.27
N TRP G 90 33.62 -21.33 34.40
CA TRP G 90 32.48 -22.19 34.70
C TRP G 90 31.75 -21.77 35.97
N ASP G 91 30.45 -21.99 35.98
CA ASP G 91 29.76 -21.92 37.22
C ASP G 91 29.09 -23.26 37.43
N ALA G 92 29.06 -23.68 38.69
CA ALA G 92 28.48 -24.93 39.10
C ALA G 92 27.53 -24.63 40.23
N SER G 93 26.35 -25.24 40.16
CA SER G 93 25.35 -25.07 41.19
C SER G 93 24.97 -26.46 41.65
N GLY G 100 20.66 -32.78 40.82
CA GLY G 100 21.10 -32.19 39.54
C GLY G 100 22.07 -31.02 39.68
N THR G 101 23.29 -31.22 39.19
CA THR G 101 24.23 -30.11 39.05
C THR G 101 23.93 -29.28 37.77
N LYS G 102 23.67 -27.98 37.93
CA LYS G 102 23.56 -27.10 36.78
C LYS G 102 24.90 -26.43 36.42
N LEU G 103 25.29 -26.59 35.15
CA LEU G 103 26.55 -26.04 34.68
C LEU G 103 26.29 -24.83 33.79
N THR G 104 27.09 -23.80 34.00
CA THR G 104 27.01 -22.58 33.24
C THR G 104 28.40 -22.22 32.68
N VAL G 105 28.51 -22.00 31.38
CA VAL G 105 29.70 -21.45 30.74
C VAL G 105 29.50 -19.95 30.72
N LEU G 106 30.49 -19.25 31.29
CA LEU G 106 30.51 -17.80 31.30
C LEU G 106 31.62 -17.28 30.39
N PHE G 107 31.37 -16.18 29.70
CA PHE G 107 32.38 -15.50 28.89
C PHE G 107 32.45 -14.07 29.28
N GLY G 108 33.64 -13.47 29.38
CA GLY G 108 33.76 -12.01 29.40
C GLY G 108 33.18 -11.47 28.10
N ASP G 109 33.04 -10.15 28.00
CA ASP G 109 32.46 -9.53 26.81
C ASP G 109 33.51 -9.28 25.74
N GLY G 110 34.73 -9.70 26.04
CA GLY G 110 35.78 -9.62 25.05
C GLY G 110 36.47 -8.30 24.99
N THR G 111 37.76 -8.38 24.68
CA THR G 111 38.65 -7.23 24.61
C THR G 111 39.11 -7.11 23.20
N ARG G 112 38.89 -5.95 22.60
CA ARG G 112 39.49 -5.63 21.32
C ARG G 112 40.90 -5.12 21.55
N LEU G 113 41.88 -5.90 21.10
CA LEU G 113 43.29 -5.53 21.15
C LEU G 113 43.68 -4.69 19.94
N THR G 114 44.20 -3.48 20.14
CA THR G 114 44.76 -2.72 19.00
C THR G 114 46.30 -2.58 19.04
N VAL G 115 46.94 -2.81 17.90
CA VAL G 115 48.38 -2.63 17.68
C VAL G 115 48.63 -1.49 16.69
N LEU G 116 49.23 -0.41 17.19
CA LEU G 116 49.36 0.86 16.44
C LEU G 116 50.58 0.92 15.51
N GLY G 117 50.45 0.36 14.30
CA GLY G 117 51.56 0.31 13.34
C GLY G 117 51.66 1.48 12.37
N GLN G 118 51.06 2.61 12.75
CA GLN G 118 51.21 3.87 12.01
C GLN G 118 50.62 5.01 12.81
N PRO G 119 50.79 6.26 12.35
CA PRO G 119 50.36 7.33 13.24
C PRO G 119 48.88 7.63 13.07
N LYS G 120 48.34 8.44 13.96
CA LYS G 120 47.00 8.97 13.81
C LYS G 120 46.85 9.64 12.45
N ALA G 121 45.89 9.18 11.68
CA ALA G 121 45.51 9.87 10.45
C ALA G 121 44.04 10.25 10.56
N ALA G 122 43.77 11.55 10.71
CA ALA G 122 42.39 12.09 10.67
C ALA G 122 41.70 11.70 9.37
N PRO G 123 40.35 11.60 9.38
CA PRO G 123 39.62 11.18 8.19
C PRO G 123 39.30 12.37 7.26
N SER G 124 39.20 12.10 5.99
CA SER G 124 38.56 13.04 5.08
C SER G 124 37.15 12.52 4.75
N VAL G 125 36.23 13.48 4.55
CA VAL G 125 34.82 13.21 4.36
C VAL G 125 34.42 13.79 3.03
N THR G 126 33.58 13.05 2.32
CA THR G 126 32.95 13.55 1.10
C THR G 126 31.47 13.22 1.17
N LEU G 127 30.65 14.27 1.02
CA LEU G 127 29.21 14.16 1.12
C LEU G 127 28.54 14.35 -0.22
N PHE G 128 27.82 13.33 -0.67
CA PHE G 128 27.12 13.37 -1.95
C PHE G 128 25.65 13.60 -1.72
N PRO G 129 25.11 14.63 -2.39
CA PRO G 129 23.66 14.83 -2.38
C PRO G 129 23.03 13.75 -3.25
N PRO G 130 21.71 13.53 -3.11
CA PRO G 130 21.13 12.56 -4.05
C PRO G 130 21.41 13.01 -5.51
N SER G 131 21.61 12.06 -6.40
CA SER G 131 21.86 12.35 -7.80
C SER G 131 20.57 12.80 -8.40
N SER G 132 20.65 13.55 -9.49
CA SER G 132 19.44 13.97 -10.18
C SER G 132 18.62 12.74 -10.57
N GLU G 133 19.32 11.72 -11.10
CA GLU G 133 18.66 10.49 -11.56
C GLU G 133 17.83 9.78 -10.50
N GLU G 134 18.38 9.68 -9.29
CA GLU G 134 17.62 9.16 -8.16
C GLU G 134 16.39 10.00 -7.82
N LEU G 135 16.42 11.28 -8.19
CA LEU G 135 15.35 12.21 -7.82
C LEU G 135 14.06 12.04 -8.63
N GLN G 136 14.13 11.82 -9.94
CA GLN G 136 12.89 11.43 -10.67
C GLN G 136 12.30 10.14 -10.14
N ALA G 137 13.16 9.14 -9.90
CA ALA G 137 12.72 7.87 -9.38
C ALA G 137 12.05 8.09 -8.02
N ASN G 138 11.99 9.35 -7.64
CA ASN G 138 11.26 9.81 -6.44
C ASN G 138 11.85 9.35 -5.10
N LYS G 139 13.18 9.25 -5.06
CA LYS G 139 13.83 8.93 -3.80
C LYS G 139 15.10 9.74 -3.54
N ALA G 140 15.67 9.56 -2.34
CA ALA G 140 16.77 10.41 -1.89
C ALA G 140 17.74 9.69 -0.99
N THR G 141 19.00 9.74 -1.39
CA THR G 141 20.06 9.17 -0.59
C THR G 141 21.25 10.11 -0.58
N LEU G 142 21.71 10.38 0.64
CA LEU G 142 22.94 11.10 0.91
C LEU G 142 23.98 10.07 1.29
N VAL G 143 25.11 10.19 0.60
CA VAL G 143 26.23 9.31 0.79
C VAL G 143 27.35 10.11 1.44
N CYS G 144 27.81 9.60 2.57
CA CYS G 144 28.90 10.21 3.32
C CYS G 144 30.05 9.22 3.30
N LEU G 145 31.12 9.57 2.58
CA LEU G 145 32.20 8.62 2.40
C LEU G 145 33.42 9.04 3.17
N ILE G 146 33.79 8.22 4.16
CA ILE G 146 34.91 8.52 5.06
C ILE G 146 36.17 7.73 4.69
N SER G 147 37.31 8.41 4.56
CA SER G 147 38.54 7.72 4.13
C SER G 147 39.86 8.13 4.81
N ASP G 148 40.89 7.32 4.54
CA ASP G 148 42.28 7.59 4.90
C ASP G 148 42.48 7.94 6.37
N PHE G 149 42.02 7.06 7.27
CA PHE G 149 42.13 7.31 8.71
C PHE G 149 42.73 6.14 9.50
N TYR G 150 43.29 6.46 10.68
CA TYR G 150 43.94 5.46 11.53
C TYR G 150 43.95 5.95 12.96
N PRO G 151 43.60 5.09 13.93
CA PRO G 151 43.21 3.67 13.78
C PRO G 151 41.74 3.53 13.31
N GLY G 152 41.40 2.33 12.85
CA GLY G 152 40.09 2.02 12.20
C GLY G 152 38.91 1.94 13.14
N ALA G 153 38.37 3.10 13.51
CA ALA G 153 37.27 3.21 14.46
C ALA G 153 36.78 4.64 14.39
N VAL G 154 35.55 4.83 13.96
CA VAL G 154 34.98 6.16 13.92
C VAL G 154 33.53 6.08 14.38
N THR G 155 32.98 7.21 14.80
CA THR G 155 31.55 7.27 14.99
C THR G 155 31.01 8.40 14.15
N VAL G 156 29.79 8.21 13.64
CA VAL G 156 29.22 9.15 12.69
C VAL G 156 27.89 9.54 13.19
N ALA G 157 27.64 10.83 13.11
CA ALA G 157 26.35 11.36 13.44
C ALA G 157 25.88 12.29 12.30
N TRP G 158 24.60 12.19 11.98
CA TRP G 158 23.91 12.93 10.91
C TRP G 158 23.11 14.06 11.51
N LYS G 159 22.94 15.16 10.78
CA LYS G 159 22.13 16.27 11.26
C LYS G 159 21.35 16.93 10.16
N ALA G 160 20.08 17.20 10.44
CA ALA G 160 19.25 18.06 9.59
C ALA G 160 19.03 19.44 10.26
N ASP G 161 19.76 20.45 9.78
CA ASP G 161 19.77 21.82 10.37
C ASP G 161 20.03 21.79 11.87
N SER G 162 21.16 21.21 12.28
CA SER G 162 21.53 21.01 13.71
C SER G 162 20.83 19.87 14.46
N SER G 163 19.72 19.39 13.93
CA SER G 163 18.90 18.41 14.62
C SER G 163 19.32 16.98 14.24
N PRO G 164 19.69 16.17 15.24
CA PRO G 164 20.12 14.77 15.05
C PRO G 164 18.98 13.91 14.52
N VAL G 165 19.29 13.14 13.47
CA VAL G 165 18.30 12.26 12.87
C VAL G 165 18.86 10.84 12.88
N LYS G 166 18.30 9.97 13.73
CA LYS G 166 18.77 8.57 13.90
C LYS G 166 18.09 7.61 12.91
N ALA G 167 16.85 7.95 12.52
CA ALA G 167 16.03 7.13 11.63
C ALA G 167 16.55 7.14 10.18
N GLY G 168 16.54 5.96 9.54
CA GLY G 168 17.05 5.79 8.18
C GLY G 168 18.51 6.17 8.00
N VAL G 169 19.29 5.85 9.03
CA VAL G 169 20.72 6.04 9.02
C VAL G 169 21.30 4.66 8.99
N GLU G 170 22.30 4.49 8.14
CA GLU G 170 22.88 3.20 7.99
C GLU G 170 24.39 3.44 7.89
N THR G 171 25.17 2.72 8.69
CA THR G 171 26.62 2.98 8.72
C THR G 171 27.46 1.71 8.67
N THR G 172 28.47 1.72 7.83
CA THR G 172 29.30 0.56 7.70
C THR G 172 30.25 0.45 8.90
N THR G 173 30.91 -0.70 8.98
CA THR G 173 31.98 -0.91 9.92
C THR G 173 33.25 -0.54 9.19
N PRO G 174 34.10 0.32 9.82
CA PRO G 174 35.38 0.64 9.21
C PRO G 174 35.99 -0.61 8.61
N SER G 175 36.65 -0.49 7.48
CA SER G 175 37.25 -1.64 6.82
C SER G 175 38.62 -1.27 6.31
N LYS G 176 39.54 -2.24 6.31
CA LYS G 176 40.91 -1.95 5.88
C LYS G 176 40.98 -1.59 4.39
N GLN G 177 41.33 -0.32 4.14
CA GLN G 177 41.72 0.11 2.81
C GLN G 177 42.98 -0.66 2.45
N SER G 178 43.42 -0.52 1.21
CA SER G 178 44.62 -1.22 0.79
C SER G 178 45.86 -0.45 1.22
N ASN G 179 45.74 0.87 1.35
CA ASN G 179 46.84 1.69 1.87
C ASN G 179 46.98 1.50 3.39
N ASN G 180 46.24 0.52 3.90
CA ASN G 180 46.25 0.15 5.31
C ASN G 180 45.62 1.14 6.27
N LYS G 181 45.17 2.27 5.75
CA LYS G 181 44.26 3.11 6.52
C LYS G 181 42.86 2.51 6.46
N TYR G 182 41.92 3.17 7.11
CA TYR G 182 40.56 2.69 7.20
C TYR G 182 39.54 3.60 6.50
N ALA G 183 38.36 3.04 6.25
CA ALA G 183 37.26 3.75 5.57
C ALA G 183 35.92 3.31 6.08
N ALA G 184 34.99 4.22 6.03
CA ALA G 184 33.62 3.90 6.35
C ALA G 184 32.73 4.72 5.45
N SER G 185 31.46 4.36 5.43
CA SER G 185 30.45 5.16 4.77
C SER G 185 29.20 5.16 5.62
N SER G 186 28.38 6.17 5.43
CA SER G 186 27.11 6.30 6.10
C SER G 186 26.15 6.84 5.06
N TYR G 187 24.98 6.24 5.02
CA TYR G 187 23.98 6.63 4.07
C TYR G 187 22.83 7.10 4.93
N LEU G 188 22.24 8.21 4.53
CA LEU G 188 21.00 8.62 5.15
C LEU G 188 19.85 8.72 4.12
N SER G 189 18.88 7.84 4.30
CA SER G 189 17.72 7.77 3.44
C SER G 189 16.66 8.80 3.82
N LEU G 190 16.31 9.60 2.82
CA LEU G 190 15.30 10.64 2.90
C LEU G 190 14.21 10.46 1.85
N THR G 191 13.06 11.09 2.08
CA THR G 191 12.06 11.33 1.03
C THR G 191 12.52 12.57 0.29
N PRO G 192 12.03 12.80 -0.94
CA PRO G 192 12.37 14.08 -1.59
C PRO G 192 11.83 15.29 -0.83
N GLU G 193 10.77 15.07 -0.05
CA GLU G 193 10.25 16.12 0.82
C GLU G 193 11.22 16.45 1.97
N GLN G 194 11.57 15.46 2.79
CA GLN G 194 12.57 15.69 3.82
C GLN G 194 13.79 16.43 3.24
N TRP G 195 14.22 16.04 2.03
CA TRP G 195 15.29 16.75 1.31
C TRP G 195 14.93 18.23 1.14
N LYS G 196 13.75 18.48 0.57
CA LYS G 196 13.21 19.85 0.31
C LYS G 196 12.96 20.67 1.60
N SER G 197 12.68 19.96 2.70
CA SER G 197 12.18 20.56 3.95
C SER G 197 13.23 20.97 4.96
N HIS G 198 14.50 21.07 4.55
CA HIS G 198 15.57 21.46 5.48
C HIS G 198 16.61 22.24 4.76
N LYS G 199 17.10 23.30 5.39
CA LYS G 199 18.11 24.22 4.81
C LYS G 199 19.41 23.48 4.44
N SER G 200 19.83 22.59 5.33
CA SER G 200 21.06 21.85 5.15
C SER G 200 21.02 20.52 5.91
N TYR G 201 21.84 19.61 5.40
CA TYR G 201 22.14 18.34 6.03
C TYR G 201 23.66 18.26 6.22
N SER G 202 24.10 17.56 7.25
CA SER G 202 25.52 17.39 7.44
C SER G 202 25.94 16.04 7.97
N CYS G 203 27.15 15.67 7.56
CA CYS G 203 27.82 14.46 8.06
C CYS G 203 28.89 14.90 9.03
N GLN G 204 28.95 14.21 10.18
CA GLN G 204 29.92 14.46 11.22
C GLN G 204 30.54 13.18 11.67
N VAL G 205 31.87 13.12 11.55
CA VAL G 205 32.63 11.93 11.91
C VAL G 205 33.54 12.22 13.09
N THR G 206 33.55 11.33 14.08
CA THR G 206 34.46 11.48 15.21
C THR G 206 35.57 10.44 15.10
N HIS G 207 36.79 10.97 15.03
CA HIS G 207 37.98 10.17 15.10
C HIS G 207 38.90 10.69 16.22
N GLU G 208 39.00 9.92 17.32
CA GLU G 208 39.88 10.22 18.45
C GLU G 208 39.56 11.59 19.08
N GLY G 209 38.31 11.76 19.50
CA GLY G 209 37.90 13.01 20.14
C GLY G 209 37.92 14.21 19.21
N SER G 210 38.33 13.97 17.97
CA SER G 210 38.35 15.01 16.96
C SER G 210 37.29 14.71 15.86
N THR G 211 36.43 15.71 15.59
CA THR G 211 35.35 15.58 14.59
C THR G 211 35.59 16.38 13.31
N VAL G 212 35.42 15.70 12.16
CA VAL G 212 35.42 16.31 10.83
C VAL G 212 34.00 16.23 10.24
N GLU G 213 33.56 17.34 9.64
CA GLU G 213 32.18 17.49 9.21
C GLU G 213 32.05 18.21 7.84
N LYS G 214 31.20 17.67 6.98
CA LYS G 214 30.91 18.26 5.67
C LYS G 214 29.42 18.50 5.54
N THR G 215 29.04 19.33 4.57
CA THR G 215 27.69 19.91 4.56
C THR G 215 27.08 20.06 3.15
N VAL G 216 25.84 19.59 3.00
CA VAL G 216 25.09 19.82 1.75
C VAL G 216 23.72 20.48 1.91
N ALA G 217 23.37 21.24 0.87
CA ALA G 217 22.06 21.86 0.75
C ALA G 217 21.43 21.49 -0.61
N PRO G 218 20.08 21.30 -0.66
CA PRO G 218 19.34 21.04 -1.91
C PRO G 218 19.57 22.08 -2.98
N THR G 219 19.80 21.62 -4.21
CA THR G 219 20.03 22.50 -5.36
C THR G 219 18.84 23.45 -5.64
N GLU H 1 42.03 -35.55 9.46
CA GLU H 1 42.36 -35.30 10.90
C GLU H 1 41.12 -35.01 11.78
N VAL H 2 41.40 -34.55 12.99
CA VAL H 2 40.41 -34.13 13.93
C VAL H 2 39.64 -32.90 13.43
N GLN H 3 38.31 -32.97 13.46
CA GLN H 3 37.51 -31.80 13.04
C GLN H 3 36.01 -31.84 13.28
N LEU H 4 35.43 -30.64 13.18
CA LEU H 4 34.01 -30.36 13.32
C LEU H 4 33.58 -29.63 12.06
N VAL H 5 32.73 -30.27 11.26
CA VAL H 5 32.22 -29.73 9.99
C VAL H 5 30.72 -29.36 10.08
N GLU H 6 30.43 -28.09 9.86
CA GLU H 6 29.09 -27.55 10.09
C GLU H 6 28.33 -27.33 8.77
N SER H 7 27.00 -27.41 8.83
CA SER H 7 26.20 -27.21 7.62
C SER H 7 26.27 -25.77 7.11
N GLY H 8 25.86 -25.56 5.87
CA GLY H 8 26.07 -24.25 5.26
C GLY H 8 25.20 -23.12 5.79
N GLY H 9 25.50 -21.90 5.37
CA GLY H 9 24.70 -20.74 5.74
C GLY H 9 23.24 -20.88 5.31
N GLU H 10 22.38 -20.14 5.97
CA GLU H 10 20.95 -20.32 5.77
C GLU H 10 20.32 -18.94 5.70
N VAL H 11 19.33 -18.82 4.82
CA VAL H 11 18.52 -17.62 4.75
C VAL H 11 17.09 -18.08 4.93
N LYS H 12 16.50 -17.64 6.04
CA LYS H 12 15.20 -18.12 6.45
C LYS H 12 14.30 -16.95 6.78
N GLN H 13 13.02 -17.15 6.49
CA GLN H 13 12.04 -16.11 6.79
C GLN H 13 11.48 -16.39 8.18
N PRO H 14 11.14 -15.32 8.92
CA PRO H 14 10.57 -15.40 10.26
C PRO H 14 9.44 -16.46 10.36
N GLY H 15 9.34 -17.16 11.48
CA GLY H 15 8.32 -18.19 11.64
C GLY H 15 8.67 -19.56 11.08
N GLN H 16 9.65 -19.67 10.19
CA GLN H 16 10.06 -21.02 9.74
C GLN H 16 10.84 -21.75 10.82
N SER H 17 10.92 -23.06 10.69
CA SER H 17 11.80 -23.82 11.56
C SER H 17 13.17 -24.11 10.88
N LEU H 18 14.18 -24.43 11.70
CA LEU H 18 15.55 -24.72 11.22
C LEU H 18 16.33 -25.64 12.14
N LYS H 19 17.08 -26.55 11.54
CA LYS H 19 17.95 -27.42 12.28
C LYS H 19 19.30 -27.37 11.61
N ILE H 20 20.31 -26.88 12.33
CA ILE H 20 21.68 -26.88 11.76
C ILE H 20 22.53 -28.06 12.27
N SER H 21 23.51 -28.50 11.49
CA SER H 21 24.29 -29.68 11.92
C SER H 21 25.79 -29.39 12.17
N CYS H 22 26.46 -30.33 12.82
CA CYS H 22 27.86 -30.25 13.21
C CYS H 22 28.42 -31.68 13.19
N LYS H 23 29.02 -32.02 12.06
CA LYS H 23 29.57 -33.34 11.84
C LYS H 23 30.97 -33.48 12.46
N SER H 24 31.10 -34.47 13.33
CA SER H 24 32.33 -34.66 14.04
C SER H 24 33.17 -35.70 13.30
N SER H 25 34.50 -35.54 13.32
CA SER H 25 35.31 -36.63 12.84
C SER H 25 36.71 -36.65 13.42
N GLY H 26 37.24 -37.87 13.53
CA GLY H 26 38.65 -38.11 13.90
C GLY H 26 38.88 -38.35 15.36
N TYR H 27 37.84 -38.35 16.18
CA TYR H 27 38.03 -38.65 17.61
C TYR H 27 36.78 -39.27 18.18
N ASN H 28 36.87 -39.72 19.44
CA ASN H 28 35.73 -40.33 20.07
C ASN H 28 34.65 -39.32 20.38
N PHE H 29 33.75 -39.17 19.45
CA PHE H 29 32.51 -38.44 19.68
C PHE H 29 31.75 -38.85 20.95
N LEU H 30 31.89 -40.09 21.39
CA LEU H 30 31.07 -40.58 22.51
C LEU H 30 31.76 -40.45 23.86
N ASP H 31 32.78 -39.59 23.94
CA ASP H 31 33.63 -39.46 25.13
C ASP H 31 34.07 -37.95 25.30
N SER H 32 33.11 -37.04 25.13
CA SER H 32 33.37 -35.61 25.16
C SER H 32 32.08 -34.85 24.93
N TRP H 33 32.07 -33.56 25.23
CA TRP H 33 30.91 -32.73 25.00
C TRP H 33 31.15 -31.92 23.75
N ILE H 34 30.01 -31.52 23.18
CA ILE H 34 29.88 -30.53 22.14
C ILE H 34 29.22 -29.38 22.83
N GLY H 35 29.74 -28.19 22.60
CA GLY H 35 29.09 -26.96 23.00
C GLY H 35 28.71 -26.14 21.78
N TRP H 36 27.81 -25.19 22.00
CA TRP H 36 27.34 -24.32 20.96
C TRP H 36 27.42 -22.89 21.47
N VAL H 37 27.93 -22.01 20.61
CA VAL H 37 28.19 -20.60 20.93
C VAL H 37 27.62 -19.71 19.79
N ARG H 38 26.82 -18.71 20.15
CA ARG H 38 26.26 -17.78 19.16
C ARG H 38 27.15 -16.55 19.07
N GLN H 39 27.29 -16.02 17.87
CA GLN H 39 27.92 -14.73 17.77
C GLN H 39 27.16 -13.83 16.83
N ILE H 40 26.59 -12.79 17.43
CA ILE H 40 25.73 -11.85 16.76
C ILE H 40 26.69 -10.83 16.20
N PRO H 41 26.53 -10.45 14.91
CA PRO H 41 27.61 -9.74 14.15
C PRO H 41 28.08 -8.46 14.84
N GLY H 42 29.41 -8.34 14.99
CA GLY H 42 29.99 -7.27 15.78
C GLY H 42 29.92 -7.40 17.30
N LYS H 43 29.37 -8.51 17.81
CA LYS H 43 29.21 -8.65 19.26
C LYS H 43 30.12 -9.74 19.80
N GLY H 44 29.96 -10.05 21.10
CA GLY H 44 30.71 -11.09 21.78
C GLY H 44 30.14 -12.52 21.70
N LEU H 45 30.94 -13.46 22.19
CA LEU H 45 30.60 -14.86 22.23
C LEU H 45 29.48 -15.02 23.24
N GLU H 46 28.44 -15.78 22.88
CA GLU H 46 27.37 -16.13 23.81
C GLU H 46 27.23 -17.64 23.92
N TRP H 47 27.06 -18.13 25.13
CA TRP H 47 27.00 -19.55 25.27
C TRP H 47 25.58 -19.98 25.05
N ILE H 48 25.37 -21.08 24.31
CA ILE H 48 24.02 -21.54 24.12
C ILE H 48 23.74 -22.76 24.97
N GLY H 49 24.66 -23.72 24.96
CA GLY H 49 24.53 -24.91 25.76
C GLY H 49 25.68 -25.87 25.51
N ILE H 50 25.64 -27.00 26.23
CA ILE H 50 26.52 -28.14 26.02
C ILE H 50 25.67 -29.42 26.01
N ILE H 51 26.04 -30.40 25.21
CA ILE H 51 25.38 -31.69 25.25
C ILE H 51 26.44 -32.81 25.18
N TYR H 52 26.25 -33.87 25.98
CA TYR H 52 27.10 -35.06 25.96
C TYR H 52 26.51 -36.10 25.02
N PRO H 53 27.09 -36.24 23.81
CA PRO H 53 26.45 -37.06 22.79
C PRO H 53 26.14 -38.51 23.17
N ASP H 54 26.95 -39.12 24.00
CA ASP H 54 26.73 -40.52 24.33
C ASP H 54 25.36 -40.82 24.93
N ASP H 55 24.80 -39.87 25.68
CA ASP H 55 23.51 -40.09 26.30
C ASP H 55 22.67 -38.80 26.35
N SER H 56 22.99 -37.84 25.47
CA SER H 56 22.23 -36.60 25.36
C SER H 56 21.98 -35.77 26.64
N ASP H 57 22.75 -36.06 27.70
CA ASP H 57 22.89 -35.18 28.87
C ASP H 57 23.19 -33.70 28.43
N ALA H 58 22.51 -32.73 29.03
CA ALA H 58 22.66 -31.34 28.51
C ALA H 58 22.47 -30.25 29.54
N HIS H 59 23.12 -29.09 29.35
CA HIS H 59 22.86 -27.92 30.19
C HIS H 59 22.74 -26.76 29.25
N TYR H 60 21.65 -25.99 29.38
CA TYR H 60 21.44 -24.86 28.49
C TYR H 60 21.74 -23.54 29.22
N SER H 61 22.17 -22.54 28.48
CA SER H 61 22.10 -21.16 28.94
C SER H 61 20.63 -20.78 29.23
N PRO H 62 20.36 -20.11 30.36
CA PRO H 62 18.99 -19.58 30.58
C PRO H 62 18.46 -18.74 29.42
N SER H 63 19.37 -18.10 28.68
CA SER H 63 18.98 -17.30 27.52
C SER H 63 18.48 -18.15 26.34
N PHE H 64 18.68 -19.47 26.38
CA PHE H 64 18.36 -20.29 25.20
C PHE H 64 17.41 -21.47 25.42
N GLU H 65 17.22 -21.91 26.68
CA GLU H 65 16.20 -22.91 27.08
C GLU H 65 14.85 -22.59 26.46
N GLY H 66 14.18 -23.62 25.94
CA GLY H 66 12.89 -23.38 25.25
C GLY H 66 12.94 -22.48 24.00
N GLN H 67 14.05 -21.82 23.69
CA GLN H 67 14.07 -21.16 22.39
C GLN H 67 14.67 -22.09 21.33
N VAL H 68 15.49 -23.03 21.79
CA VAL H 68 16.32 -23.82 20.89
C VAL H 68 16.61 -25.20 21.53
N THR H 69 16.69 -26.24 20.70
CA THR H 69 16.94 -27.60 21.19
C THR H 69 18.25 -28.21 20.65
N MET H 70 19.09 -28.68 21.58
CA MET H 70 20.27 -29.50 21.25
C MET H 70 19.91 -31.01 21.12
N SER H 71 20.41 -31.64 20.06
CA SER H 71 20.30 -33.08 19.91
C SER H 71 21.47 -33.60 19.10
N VAL H 72 21.63 -34.92 19.10
CA VAL H 72 22.66 -35.60 18.32
C VAL H 72 22.14 -36.84 17.55
N ASP H 73 22.91 -37.31 16.58
CA ASP H 73 22.72 -38.64 15.97
C ASP H 73 24.08 -39.37 16.13
N LYS H 74 24.14 -40.31 17.06
CA LYS H 74 25.36 -41.06 17.30
C LYS H 74 25.85 -41.89 16.10
N SER H 75 24.95 -42.46 15.29
CA SER H 75 25.43 -43.34 14.24
C SER H 75 26.36 -42.60 13.27
N ILE H 76 26.10 -41.30 13.10
CA ILE H 76 26.87 -40.48 12.16
C ILE H 76 27.56 -39.30 12.83
N SER H 77 27.85 -39.42 14.12
CA SER H 77 28.69 -38.43 14.83
C SER H 77 28.25 -36.99 14.53
N THR H 78 26.98 -36.68 14.68
CA THR H 78 26.51 -35.36 14.28
C THR H 78 25.76 -34.71 15.39
N ALA H 79 26.03 -33.43 15.58
CA ALA H 79 25.27 -32.69 16.58
C ALA H 79 24.40 -31.63 15.92
N TYR H 80 23.23 -31.38 16.51
CA TYR H 80 22.21 -30.51 15.90
C TYR H 80 21.70 -29.44 16.84
N LEU H 81 21.38 -28.29 16.24
CA LEU H 81 20.71 -27.16 16.90
C LEU H 81 19.40 -26.90 16.17
N GLN H 82 18.33 -26.69 16.92
CA GLN H 82 17.05 -26.57 16.27
C GLN H 82 16.16 -25.50 16.85
N TRP H 83 15.46 -24.78 15.95
CA TRP H 83 14.44 -23.77 16.30
C TRP H 83 13.10 -24.19 15.73
N THR H 84 12.06 -24.28 16.54
CA THR H 84 10.73 -24.59 16.00
C THR H 84 10.23 -23.40 15.10
N THR H 85 10.54 -22.17 15.52
CA THR H 85 10.03 -20.95 14.88
C THR H 85 11.15 -19.90 14.88
N LEU H 86 11.59 -19.47 13.70
CA LEU H 86 12.70 -18.48 13.68
C LEU H 86 12.24 -17.04 13.73
N GLN H 87 13.04 -16.20 14.38
CA GLN H 87 12.78 -14.76 14.36
C GLN H 87 14.03 -13.92 14.15
N ALA H 88 13.87 -12.61 13.89
CA ALA H 88 14.97 -11.69 13.61
C ALA H 88 16.15 -11.90 14.54
N SER H 89 15.88 -12.01 15.83
CA SER H 89 16.95 -12.01 16.83
C SER H 89 17.72 -13.34 16.83
N ASP H 90 17.32 -14.29 16.00
CA ASP H 90 18.05 -15.53 15.87
C ASP H 90 19.22 -15.41 14.89
N THR H 91 19.21 -14.34 14.09
CA THR H 91 20.22 -13.97 13.09
C THR H 91 21.57 -13.80 13.75
N GLY H 92 22.60 -14.44 13.19
CA GLY H 92 23.95 -14.45 13.77
C GLY H 92 24.67 -15.71 13.32
N LYS H 93 25.90 -15.89 13.81
CA LYS H 93 26.78 -17.00 13.44
C LYS H 93 26.85 -18.03 14.59
N TYR H 94 26.66 -19.31 14.28
CA TYR H 94 26.65 -20.36 15.32
C TYR H 94 27.81 -21.31 15.20
N PHE H 95 28.51 -21.48 16.30
CA PHE H 95 29.69 -22.34 16.34
C PHE H 95 29.42 -23.61 17.12
N CYS H 96 29.90 -24.75 16.65
CA CYS H 96 30.01 -25.91 17.54
C CYS H 96 31.48 -26.15 17.93
N THR H 97 31.67 -26.83 19.06
CA THR H 97 32.99 -26.96 19.60
C THR H 97 33.14 -28.13 20.60
N ARG H 98 34.31 -28.73 20.65
CA ARG H 98 34.58 -29.88 21.50
C ARG H 98 35.14 -29.52 22.88
N LEU H 99 34.63 -30.22 23.88
CA LEU H 99 34.99 -29.97 25.27
C LEU H 99 35.25 -31.30 25.97
N TYR H 100 36.33 -31.37 26.73
CA TYR H 100 36.48 -32.44 27.74
C TYR H 100 36.33 -31.72 29.04
N LEU H 101 35.51 -32.30 29.92
CA LEU H 101 34.93 -31.59 31.04
C LEU H 101 35.05 -32.42 32.29
N PHE H 102 35.64 -31.80 33.32
CA PHE H 102 35.71 -32.33 34.70
C PHE H 102 35.96 -33.85 34.82
N GLU H 103 37.06 -34.28 34.22
CA GLU H 103 37.59 -35.63 34.39
C GLU H 103 38.88 -35.45 35.18
N GLY H 104 38.75 -35.52 36.52
CA GLY H 104 39.88 -35.24 37.41
C GLY H 104 40.42 -33.85 37.15
N ALA H 105 41.71 -33.70 37.42
CA ALA H 105 42.43 -32.45 37.16
C ALA H 105 43.07 -32.42 35.73
N GLN H 106 42.88 -33.49 34.95
CA GLN H 106 43.55 -33.57 33.65
C GLN H 106 42.81 -32.83 32.54
N SER H 107 41.49 -32.87 32.57
CA SER H 107 40.67 -32.18 31.58
C SER H 107 41.04 -30.72 31.52
N SER H 108 41.35 -30.19 30.34
CA SER H 108 41.28 -28.74 30.15
C SER H 108 39.80 -28.54 30.09
N ASN H 109 39.22 -27.72 30.94
CA ASN H 109 37.78 -27.70 30.81
C ASN H 109 37.35 -26.65 29.83
N ALA H 110 38.02 -26.67 28.67
CA ALA H 110 37.98 -25.63 27.66
C ALA H 110 37.62 -26.18 26.26
N PHE H 111 37.23 -25.27 25.37
CA PHE H 111 36.83 -25.57 24.01
C PHE H 111 37.99 -25.53 23.05
N ASP H 112 38.41 -26.74 22.65
CA ASP H 112 39.65 -26.85 21.89
C ASP H 112 39.46 -26.89 20.40
N LEU H 113 38.57 -27.77 19.94
CA LEU H 113 38.23 -27.81 18.51
C LEU H 113 37.02 -26.93 18.27
N TRP H 114 37.05 -26.17 17.17
CA TRP H 114 35.93 -25.34 16.77
C TRP H 114 35.55 -25.69 15.35
N GLY H 115 34.25 -25.70 15.09
CA GLY H 115 33.73 -25.71 13.74
C GLY H 115 33.91 -24.37 13.05
N GLN H 116 33.65 -24.34 11.75
CA GLN H 116 33.89 -23.14 10.94
C GLN H 116 32.73 -22.13 11.15
N GLY H 117 31.68 -22.56 11.86
CA GLY H 117 30.52 -21.73 12.07
C GLY H 117 29.47 -21.81 10.98
N THR H 118 28.21 -21.73 11.38
CA THR H 118 27.09 -21.65 10.45
C THR H 118 26.41 -20.27 10.55
N MET H 119 26.33 -19.54 9.44
CA MET H 119 25.61 -18.28 9.41
C MET H 119 24.07 -18.43 9.17
N ILE H 120 23.28 -17.77 10.01
CA ILE H 120 21.82 -17.77 9.90
C ILE H 120 21.33 -16.34 9.70
N LEU H 121 20.78 -16.04 8.53
CA LEU H 121 20.17 -14.70 8.30
C LEU H 121 18.65 -14.87 8.27
N VAL H 122 17.97 -14.17 9.17
CA VAL H 122 16.46 -14.17 9.21
C VAL H 122 15.87 -12.93 8.55
N SER H 123 15.36 -13.11 7.35
CA SER H 123 14.88 -11.98 6.60
C SER H 123 13.73 -12.37 5.69
N SER H 124 13.15 -11.35 5.06
CA SER H 124 12.03 -11.54 4.16
C SER H 124 12.41 -11.35 2.71
N GLY H 125 13.52 -10.64 2.44
CA GLY H 125 13.97 -10.30 1.08
C GLY H 125 13.72 -11.41 0.09
N THR H 126 13.14 -11.10 -1.06
CA THR H 126 13.33 -11.95 -2.26
C THR H 126 14.57 -11.39 -2.99
N THR H 127 15.19 -12.18 -3.87
CA THR H 127 16.26 -11.62 -4.70
C THR H 127 15.78 -10.35 -5.43
N LYS H 128 16.69 -9.40 -5.64
CA LYS H 128 16.36 -8.18 -6.35
C LYS H 128 17.68 -7.49 -6.80
N GLY H 129 17.71 -7.02 -8.07
CA GLY H 129 18.85 -6.30 -8.62
C GLY H 129 18.89 -4.83 -8.18
N PRO H 130 20.07 -4.23 -8.22
CA PRO H 130 20.27 -2.89 -7.71
C PRO H 130 19.69 -1.76 -8.55
N SER H 131 19.50 -0.59 -7.95
CA SER H 131 19.36 0.66 -8.70
C SER H 131 20.74 1.27 -8.67
N VAL H 132 21.24 1.66 -9.82
CA VAL H 132 22.54 2.30 -9.87
C VAL H 132 22.34 3.80 -10.17
N PHE H 133 22.96 4.62 -9.31
CA PHE H 133 22.94 6.05 -9.49
C PHE H 133 24.35 6.61 -9.52
N PRO H 134 24.56 7.62 -10.38
CA PRO H 134 25.86 8.28 -10.42
C PRO H 134 26.06 9.16 -9.18
N LEU H 135 27.31 9.26 -8.74
CA LEU H 135 27.69 10.25 -7.74
C LEU H 135 28.57 11.29 -8.42
N ALA H 136 27.91 12.22 -9.10
CA ALA H 136 28.57 13.27 -9.90
C ALA H 136 29.75 13.96 -9.17
N PRO H 137 30.66 14.59 -9.93
CA PRO H 137 31.85 15.13 -9.29
C PRO H 137 31.67 16.62 -8.99
N GLY H 145 41.91 20.47 -8.25
CA GLY H 145 42.73 19.39 -8.80
C GLY H 145 42.28 17.99 -8.40
N THR H 146 42.01 17.80 -7.11
CA THR H 146 41.58 16.48 -6.59
C THR H 146 40.05 16.42 -6.43
N ALA H 147 39.38 15.90 -7.47
CA ALA H 147 37.93 15.68 -7.45
C ALA H 147 37.53 14.29 -6.90
N ALA H 148 36.24 14.12 -6.61
CA ALA H 148 35.67 12.80 -6.28
C ALA H 148 34.31 12.53 -6.96
N LEU H 149 34.29 11.47 -7.75
CA LEU H 149 33.06 10.94 -8.32
C LEU H 149 32.95 9.50 -7.84
N GLY H 150 31.81 8.87 -8.13
CA GLY H 150 31.53 7.56 -7.59
C GLY H 150 30.23 6.99 -8.10
N CYS H 151 29.82 5.86 -7.52
CA CYS H 151 28.61 5.18 -7.92
C CYS H 151 27.88 4.59 -6.73
N LEU H 152 26.57 4.83 -6.70
CA LEU H 152 25.72 4.29 -5.63
C LEU H 152 24.92 3.09 -6.11
N VAL H 153 25.13 1.96 -5.45
CA VAL H 153 24.45 0.72 -5.80
C VAL H 153 23.42 0.42 -4.73
N LYS H 154 22.18 0.78 -5.04
CA LYS H 154 21.13 0.80 -4.06
C LYS H 154 20.14 -0.37 -4.11
N ASP H 155 19.83 -0.91 -2.94
CA ASP H 155 18.64 -1.75 -2.73
C ASP H 155 18.60 -3.06 -3.43
N TYR H 156 19.63 -3.90 -3.18
CA TYR H 156 19.72 -5.21 -3.80
C TYR H 156 19.77 -6.26 -2.74
N PHE H 157 19.49 -7.50 -3.13
CA PHE H 157 19.53 -8.70 -2.29
C PHE H 157 19.62 -9.91 -3.20
N PRO H 158 20.42 -10.91 -2.81
CA PRO H 158 21.37 -10.97 -1.71
C PRO H 158 22.74 -10.49 -2.15
N GLU H 159 23.72 -10.61 -1.28
CA GLU H 159 25.09 -10.31 -1.64
C GLU H 159 25.56 -11.35 -2.66
N PRO H 160 26.59 -11.02 -3.44
CA PRO H 160 27.40 -9.81 -3.54
C PRO H 160 27.19 -9.03 -4.83
N VAL H 161 27.71 -7.79 -4.84
CA VAL H 161 27.93 -7.03 -6.03
C VAL H 161 29.37 -6.61 -6.07
N THR H 162 29.93 -6.61 -7.27
CA THR H 162 31.26 -6.16 -7.51
C THR H 162 31.21 -5.02 -8.52
N VAL H 163 32.06 -4.03 -8.32
CA VAL H 163 32.08 -2.87 -9.18
C VAL H 163 33.44 -2.80 -9.83
N SER H 164 33.49 -2.35 -11.08
CA SER H 164 34.76 -2.05 -11.75
C SER H 164 34.58 -0.70 -12.38
N TRP H 165 35.62 -0.11 -12.93
CA TRP H 165 35.46 1.16 -13.58
C TRP H 165 35.91 1.19 -15.05
N ASN H 166 35.08 1.76 -15.87
CA ASN H 166 35.43 1.88 -17.25
C ASN H 166 35.35 0.55 -17.92
N SER H 167 36.22 -0.36 -17.55
CA SER H 167 35.95 -1.74 -17.83
C SER H 167 37.05 -2.55 -17.31
N GLY H 168 37.69 -2.05 -16.27
CA GLY H 168 38.81 -2.72 -15.66
C GLY H 168 40.06 -1.87 -15.67
N ALA H 169 40.06 -0.89 -16.55
CA ALA H 169 41.21 -0.08 -16.91
C ALA H 169 41.65 0.78 -15.77
N LEU H 170 40.86 1.80 -15.55
CA LEU H 170 40.94 2.61 -14.33
C LEU H 170 40.70 1.79 -13.05
N THR H 171 41.73 1.71 -12.20
CA THR H 171 41.69 0.94 -10.95
C THR H 171 42.58 1.52 -9.82
N SER H 172 42.85 2.82 -9.91
CA SER H 172 43.51 3.52 -8.79
C SER H 172 42.84 4.84 -8.39
N GLY H 173 42.92 5.15 -7.10
CA GLY H 173 42.09 6.20 -6.50
C GLY H 173 40.63 5.75 -6.49
N VAL H 174 40.44 4.44 -6.28
CA VAL H 174 39.13 3.79 -6.36
C VAL H 174 38.87 2.97 -5.09
N HIS H 175 37.90 3.39 -4.28
CA HIS H 175 37.45 2.58 -3.14
C HIS H 175 35.99 2.13 -3.22
N THR H 176 35.83 0.85 -2.94
CA THR H 176 34.56 0.20 -2.98
C THR H 176 34.26 -0.34 -1.58
N PHE H 177 33.26 0.27 -0.94
CA PHE H 177 32.90 -0.01 0.45
C PHE H 177 32.05 -1.25 0.58
N PRO H 178 31.97 -1.79 1.80
CA PRO H 178 31.05 -2.91 1.95
C PRO H 178 29.60 -2.46 2.04
N ALA H 179 28.72 -3.44 1.92
CA ALA H 179 27.30 -3.19 1.85
C ALA H 179 26.77 -2.82 3.20
N VAL H 180 25.96 -1.78 3.27
CA VAL H 180 25.04 -1.69 4.39
C VAL H 180 23.85 -2.61 4.17
N LEU H 181 23.51 -3.33 5.24
CA LEU H 181 22.24 -3.99 5.31
C LEU H 181 21.34 -2.98 6.00
N GLN H 182 20.22 -2.66 5.33
CA GLN H 182 19.36 -1.57 5.68
C GLN H 182 18.17 -2.07 6.46
N SER H 183 17.43 -1.13 7.07
CA SER H 183 16.23 -1.45 7.86
C SER H 183 15.39 -2.43 7.08
N SER H 184 15.29 -2.19 5.78
CA SER H 184 14.44 -2.96 4.89
C SER H 184 14.89 -4.42 4.67
N GLY H 185 16.15 -4.74 4.98
CA GLY H 185 16.71 -6.07 4.64
C GLY H 185 17.32 -6.14 3.24
N LEU H 186 17.47 -4.99 2.59
CA LEU H 186 18.14 -4.89 1.29
C LEU H 186 19.47 -4.23 1.52
N TYR H 187 20.44 -4.57 0.68
CA TYR H 187 21.77 -4.03 0.77
C TYR H 187 21.94 -2.83 -0.13
N SER H 188 22.85 -1.96 0.29
CA SER H 188 23.36 -0.91 -0.56
C SER H 188 24.87 -0.81 -0.38
N LEU H 189 25.54 -0.32 -1.42
CA LEU H 189 26.94 0.05 -1.33
C LEU H 189 27.27 1.19 -2.29
N SER H 190 28.55 1.53 -2.30
CA SER H 190 29.07 2.65 -3.06
C SER H 190 30.47 2.36 -3.50
N SER H 191 30.84 3.04 -4.57
CA SER H 191 32.19 2.98 -5.09
C SER H 191 32.58 4.37 -5.50
N VAL H 192 33.76 4.78 -5.07
CA VAL H 192 34.22 6.14 -5.24
C VAL H 192 35.57 6.13 -5.95
N VAL H 193 35.70 7.03 -6.93
CA VAL H 193 36.91 7.17 -7.74
C VAL H 193 37.47 8.59 -7.62
N THR H 194 38.78 8.68 -7.32
CA THR H 194 39.44 9.98 -7.11
C THR H 194 40.32 10.38 -8.28
N VAL H 195 39.71 10.91 -9.34
CA VAL H 195 40.43 11.40 -10.53
C VAL H 195 40.67 12.93 -10.55
N PRO H 196 41.91 13.37 -10.86
CA PRO H 196 42.20 14.82 -11.05
C PRO H 196 41.39 15.61 -12.13
N SER H 197 41.06 16.86 -11.76
CA SER H 197 40.11 17.74 -12.45
C SER H 197 40.41 18.17 -13.90
N SER H 198 41.69 18.36 -14.22
CA SER H 198 42.07 18.70 -15.61
C SER H 198 41.40 17.74 -16.59
N SER H 199 41.41 16.45 -16.21
CA SER H 199 40.99 15.31 -17.05
C SER H 199 39.51 15.27 -17.49
N LEU H 200 38.63 15.85 -16.67
CA LEU H 200 37.18 15.62 -16.74
C LEU H 200 36.46 16.00 -18.03
N GLY H 201 37.14 16.75 -18.90
CA GLY H 201 36.54 17.21 -20.16
C GLY H 201 36.91 16.39 -21.41
N THR H 202 37.74 15.37 -21.22
CA THR H 202 38.10 14.44 -22.29
C THR H 202 37.57 13.03 -21.98
N GLN H 203 37.41 12.77 -20.68
CA GLN H 203 37.06 11.47 -20.15
C GLN H 203 35.58 11.32 -19.81
N THR H 204 34.97 10.25 -20.32
CA THR H 204 33.74 9.69 -19.75
C THR H 204 34.13 8.54 -18.80
N TYR H 205 33.52 8.51 -17.62
CA TYR H 205 33.80 7.46 -16.61
C TYR H 205 32.62 6.53 -16.47
N ILE H 206 32.88 5.26 -16.63
CA ILE H 206 31.82 4.29 -16.49
C ILE H 206 32.10 3.41 -15.27
N CYS H 207 31.08 3.23 -14.42
CA CYS H 207 31.18 2.19 -13.39
C CYS H 207 30.33 1.02 -13.83
N ASN H 208 30.94 -0.14 -13.75
CA ASN H 208 30.32 -1.36 -14.22
C ASN H 208 29.92 -2.08 -12.97
N VAL H 209 28.62 -2.28 -12.78
CA VAL H 209 28.14 -2.96 -11.59
C VAL H 209 27.59 -4.35 -11.91
N ASN H 210 28.10 -5.34 -11.20
CA ASN H 210 27.77 -6.74 -11.44
C ASN H 210 27.10 -7.31 -10.21
N HIS H 211 25.91 -7.87 -10.41
CA HIS H 211 25.15 -8.51 -9.36
C HIS H 211 24.74 -9.87 -9.88
N LYS H 212 25.59 -10.86 -9.68
CA LYS H 212 25.29 -12.18 -10.26
C LYS H 212 24.05 -12.93 -9.68
N PRO H 213 23.72 -12.77 -8.38
CA PRO H 213 22.47 -13.45 -7.94
C PRO H 213 21.21 -13.09 -8.75
N SER H 214 21.17 -11.89 -9.33
CA SER H 214 20.01 -11.56 -10.16
C SER H 214 20.35 -11.54 -11.66
N ASN H 215 21.60 -11.80 -12.00
CA ASN H 215 22.10 -11.64 -13.36
C ASN H 215 21.88 -10.23 -13.89
N THR H 216 22.33 -9.25 -13.13
CA THR H 216 22.17 -7.89 -13.53
C THR H 216 23.56 -7.39 -13.79
N LYS H 217 23.77 -6.85 -14.97
CA LYS H 217 25.00 -6.14 -15.23
C LYS H 217 24.59 -4.74 -15.67
N VAL H 218 25.01 -3.72 -14.93
CA VAL H 218 24.72 -2.34 -15.27
C VAL H 218 26.01 -1.57 -15.43
N ASP H 219 26.06 -0.75 -16.48
CA ASP H 219 27.14 0.23 -16.72
C ASP H 219 26.65 1.67 -16.44
N LYS H 220 27.47 2.44 -15.75
CA LYS H 220 27.08 3.80 -15.39
C LYS H 220 28.06 4.90 -15.74
N LYS H 221 27.55 5.92 -16.44
CA LYS H 221 28.31 7.12 -16.83
C LYS H 221 28.30 8.11 -15.68
N VAL H 222 29.46 8.37 -15.08
CA VAL H 222 29.52 9.34 -13.99
C VAL H 222 30.08 10.65 -14.52
N GLU H 223 29.14 11.46 -15.02
CA GLU H 223 29.41 12.71 -15.70
C GLU H 223 29.17 13.95 -14.80
N PRO H 224 28.78 15.12 -15.39
CA PRO H 224 28.92 16.38 -14.65
C PRO H 224 27.74 16.73 -13.75
N LYS H 225 28.01 17.54 -12.71
CA LYS H 225 27.07 17.80 -11.62
C LYS H 225 25.68 18.35 -12.03
N SER H 226 25.55 18.81 -13.29
CA SER H 226 24.26 19.22 -13.87
C SER H 226 23.48 20.27 -13.03
N SER I 1 -49.10 0.31 43.07
CA SER I 1 -48.62 0.93 41.80
C SER I 1 -48.07 2.35 42.07
N TYR I 2 -47.48 2.50 43.28
CA TYR I 2 -47.27 3.79 43.97
C TYR I 2 -46.24 4.78 43.38
N ASP I 3 -46.63 6.06 43.19
CA ASP I 3 -45.73 7.08 42.64
C ASP I 3 -44.51 7.24 43.53
N LEU I 4 -43.45 7.72 42.92
CA LEU I 4 -42.21 7.99 43.59
C LEU I 4 -41.93 9.45 43.32
N THR I 5 -41.63 10.20 44.38
CA THR I 5 -41.48 11.66 44.26
C THR I 5 -40.03 12.16 44.36
N GLN I 6 -39.60 12.89 43.34
CA GLN I 6 -38.25 13.42 43.28
C GLN I 6 -38.42 14.89 42.95
N PRO I 7 -37.51 15.75 43.45
CA PRO I 7 -37.55 17.13 43.00
C PRO I 7 -37.19 17.22 41.51
N PRO I 8 -37.86 18.11 40.76
CA PRO I 8 -37.53 18.19 39.35
C PRO I 8 -36.08 18.65 39.08
N SER I 9 -35.50 19.42 40.01
CA SER I 9 -34.16 20.01 39.82
C SER I 9 -33.40 20.29 41.08
N VAL I 10 -32.13 19.92 41.07
CA VAL I 10 -31.15 20.25 42.11
C VAL I 10 -29.96 21.02 41.49
N SER I 11 -29.54 22.08 42.16
CA SER I 11 -28.39 22.89 41.72
C SER I 11 -27.31 22.93 42.74
N VAL I 12 -26.09 22.97 42.25
CA VAL I 12 -24.95 22.97 43.15
C VAL I 12 -23.76 23.56 42.45
N SER I 13 -22.85 24.17 43.20
CA SER I 13 -21.57 24.68 42.65
C SER I 13 -20.56 23.57 42.61
N PRO I 14 -19.58 23.68 41.72
CA PRO I 14 -18.61 22.58 41.68
C PRO I 14 -17.89 22.25 43.02
N GLY I 15 -17.63 20.97 43.26
CA GLY I 15 -16.89 20.49 44.41
C GLY I 15 -17.79 20.38 45.61
N GLN I 16 -18.95 21.05 45.59
CA GLN I 16 -19.92 20.80 46.64
C GLN I 16 -20.62 19.45 46.43
N THR I 17 -21.40 19.09 47.45
CA THR I 17 -22.16 17.88 47.62
C THR I 17 -23.60 18.14 47.20
N ALA I 18 -24.18 17.23 46.46
CA ALA I 18 -25.55 17.41 46.00
C ALA I 18 -26.34 16.26 46.51
N SER I 19 -27.60 16.52 46.79
CA SER I 19 -28.38 15.47 47.33
C SER I 19 -29.74 15.38 46.62
N ILE I 20 -30.09 14.15 46.22
CA ILE I 20 -31.31 13.92 45.47
C ILE I 20 -32.15 12.95 46.25
N SER I 21 -33.34 13.40 46.61
CA SER I 21 -34.28 12.63 47.44
C SER I 21 -35.32 11.90 46.59
N CYS I 22 -35.72 10.71 47.04
CA CYS I 22 -36.80 9.99 46.44
C CYS I 22 -37.81 9.58 47.51
N SER I 23 -39.06 10.00 47.31
CA SER I 23 -40.19 9.66 48.19
C SER I 23 -41.29 8.72 47.66
N GLY I 24 -41.56 7.70 48.45
CA GLY I 24 -42.67 6.84 48.17
C GLY I 24 -43.25 6.10 49.35
N ASP I 25 -44.56 5.96 49.27
CA ASP I 25 -45.36 5.29 50.26
C ASP I 25 -44.90 3.92 50.82
N LYS I 26 -44.47 3.01 49.97
CA LYS I 26 -44.04 1.72 50.51
C LYS I 26 -42.53 1.62 50.67
N LEU I 27 -41.83 2.75 50.55
CA LEU I 27 -40.36 2.74 50.43
C LEU I 27 -39.55 2.26 51.63
N ASP I 28 -40.07 2.49 52.84
CA ASP I 28 -39.54 1.86 54.05
C ASP I 28 -39.43 0.32 53.90
N ASP I 29 -40.25 -0.24 53.03
CA ASP I 29 -40.26 -1.70 52.90
C ASP I 29 -39.46 -2.23 51.71
N LYS I 30 -39.14 -1.33 50.77
CA LYS I 30 -38.67 -1.71 49.45
C LYS I 30 -37.27 -1.21 49.13
N TYR I 31 -36.55 -1.96 48.29
CA TYR I 31 -35.22 -1.56 47.84
C TYR I 31 -35.31 -0.56 46.69
N VAL I 32 -34.56 0.54 46.79
CA VAL I 32 -34.56 1.55 45.74
C VAL I 32 -33.29 1.42 44.94
N SER I 33 -33.40 1.69 43.65
CA SER I 33 -32.22 1.81 42.79
C SER I 33 -32.17 3.19 42.22
N TRP I 34 -30.98 3.59 41.76
CA TRP I 34 -30.82 4.85 41.04
C TRP I 34 -30.15 4.64 39.72
N TYR I 35 -30.48 5.49 38.76
CA TYR I 35 -29.92 5.48 37.41
C TYR I 35 -29.60 6.92 37.02
N TYR I 36 -28.61 7.08 36.18
CA TYR I 36 -28.17 8.38 35.72
C TYR I 36 -28.35 8.28 34.23
N GLN I 37 -28.67 9.41 33.60
CA GLN I 37 -28.70 9.47 32.15
C GLN I 37 -28.26 10.83 31.63
N ARG I 38 -27.29 10.86 30.73
CA ARG I 38 -26.86 12.07 30.11
C ARG I 38 -27.73 12.17 28.92
N PRO I 39 -28.31 13.34 28.63
CA PRO I 39 -29.21 13.35 27.46
C PRO I 39 -28.52 12.82 26.21
N GLY I 40 -29.25 12.03 25.43
CA GLY I 40 -28.66 11.37 24.29
C GLY I 40 -28.02 10.02 24.58
N GLN I 41 -27.85 9.66 25.86
CA GLN I 41 -27.11 8.45 26.22
C GLN I 41 -28.04 7.40 26.87
N SER I 42 -27.52 6.19 27.12
CA SER I 42 -28.23 5.16 27.83
C SER I 42 -28.16 5.41 29.31
N PRO I 43 -29.23 5.09 30.06
CA PRO I 43 -29.17 5.19 31.54
C PRO I 43 -28.09 4.27 32.13
N VAL I 44 -27.50 4.64 33.25
CA VAL I 44 -26.42 3.90 33.83
C VAL I 44 -26.90 3.60 35.23
N LEU I 45 -26.72 2.37 35.68
CA LEU I 45 -27.20 2.05 37.00
C LEU I 45 -26.15 2.45 38.02
N LEU I 46 -26.55 3.26 38.99
CA LEU I 46 -25.58 3.82 39.91
C LEU I 46 -25.60 3.16 41.24
N MET I 47 -26.76 2.65 41.66
CA MET I 47 -26.92 2.25 43.04
C MET I 47 -28.07 1.30 43.07
N TYR I 48 -27.95 0.25 43.85
CA TYR I 48 -29.08 -0.65 44.01
C TYR I 48 -29.14 -1.09 45.46
N GLN I 49 -30.21 -1.79 45.82
CA GLN I 49 -30.48 -2.16 47.22
C GLN I 49 -30.23 -0.99 48.19
N ASP I 50 -30.69 0.19 47.78
CA ASP I 50 -30.60 1.39 48.59
C ASP I 50 -29.24 2.05 48.58
N PHE I 51 -28.17 1.30 48.86
CA PHE I 51 -26.83 1.90 49.14
C PHE I 51 -25.62 1.16 48.52
N LYS I 52 -25.89 0.05 47.82
CA LYS I 52 -24.85 -0.73 47.13
C LYS I 52 -24.57 -0.24 45.71
N ARG I 53 -23.29 -0.14 45.41
CA ARG I 53 -22.82 0.38 44.15
C ARG I 53 -22.43 -0.74 43.24
N PRO I 54 -22.88 -0.69 41.98
CA PRO I 54 -22.33 -1.64 41.05
C PRO I 54 -20.83 -1.48 41.06
N SER I 55 -20.13 -2.51 40.61
CA SER I 55 -18.69 -2.47 40.50
C SER I 55 -18.37 -1.33 39.56
N GLY I 56 -17.35 -0.54 39.87
CA GLY I 56 -16.91 0.54 38.98
C GLY I 56 -17.63 1.89 39.18
N ILE I 57 -18.66 1.93 40.02
CA ILE I 57 -19.27 3.22 40.33
C ILE I 57 -18.46 3.89 41.45
N PRO I 58 -18.03 5.14 41.22
CA PRO I 58 -17.13 5.78 42.20
C PRO I 58 -17.74 6.00 43.61
N GLU I 59 -16.88 5.78 44.61
CA GLU I 59 -17.09 6.11 46.03
C GLU I 59 -17.78 7.43 46.33
N ARG I 60 -17.53 8.50 45.56
CA ARG I 60 -18.16 9.76 45.89
C ARG I 60 -19.71 9.72 45.71
N LEU I 61 -20.21 8.62 45.13
CA LEU I 61 -21.64 8.43 45.02
C LEU I 61 -22.02 7.50 46.14
N SER I 62 -23.01 7.91 46.92
CA SER I 62 -23.47 7.14 48.05
C SER I 62 -25.00 7.22 48.17
N GLY I 63 -25.62 6.14 48.62
CA GLY I 63 -27.06 6.05 48.74
C GLY I 63 -27.48 5.81 50.18
N SER I 64 -28.52 6.51 50.61
CA SER I 64 -28.94 6.37 51.98
C SER I 64 -30.49 6.22 52.06
N LYS I 65 -30.94 5.71 53.20
CA LYS I 65 -32.33 5.35 53.44
C LYS I 65 -32.78 5.76 54.84
N SER I 66 -33.81 6.60 54.88
CA SER I 66 -34.37 7.14 56.12
C SER I 66 -35.87 7.22 55.97
N GLY I 67 -36.56 6.22 56.53
CA GLY I 67 -38.02 6.19 56.55
C GLY I 67 -38.57 5.88 55.17
N LYS I 68 -39.27 6.84 54.60
CA LYS I 68 -39.84 6.68 53.25
C LYS I 68 -38.99 7.40 52.20
N THR I 69 -38.00 8.15 52.63
CA THR I 69 -37.17 8.92 51.72
C THR I 69 -35.82 8.23 51.48
N ALA I 70 -35.65 7.68 50.28
CA ALA I 70 -34.31 7.27 49.88
C ALA I 70 -33.60 8.52 49.35
N THR I 71 -32.30 8.64 49.62
CA THR I 71 -31.52 9.81 49.15
C THR I 71 -30.24 9.44 48.39
N LEU I 72 -29.93 10.15 47.31
CA LEU I 72 -28.65 9.93 46.59
C LEU I 72 -27.72 11.12 46.78
N THR I 73 -26.55 10.87 47.33
CA THR I 73 -25.66 11.95 47.70
C THR I 73 -24.47 11.88 46.75
N ILE I 74 -24.10 13.03 46.17
CA ILE I 74 -22.96 13.05 45.25
C ILE I 74 -22.02 14.08 45.73
N SER I 75 -20.82 13.67 46.16
CA SER I 75 -19.79 14.64 46.62
C SER I 75 -18.75 14.92 45.51
N GLY I 76 -17.89 15.94 45.69
CA GLY I 76 -17.01 16.34 44.59
C GLY I 76 -17.69 16.66 43.24
N THR I 77 -18.89 17.21 43.26
CA THR I 77 -19.69 17.20 42.03
C THR I 77 -18.99 17.99 41.00
N GLN I 78 -18.98 17.50 39.77
CA GLN I 78 -18.27 18.18 38.71
C GLN I 78 -19.22 18.19 37.56
N SER I 79 -18.93 18.98 36.54
CA SER I 79 -19.58 18.93 35.22
C SER I 79 -20.11 17.61 34.71
N LEU I 80 -19.27 16.57 34.60
CA LEU I 80 -19.76 15.28 34.10
C LEU I 80 -20.93 14.68 34.89
N ASP I 81 -21.14 15.14 36.13
CA ASP I 81 -22.30 14.73 36.93
C ASP I 81 -23.62 15.30 36.42
N GLU I 82 -23.55 16.33 35.57
CA GLU I 82 -24.75 16.96 35.00
C GLU I 82 -25.58 15.96 34.18
N GLY I 83 -26.90 16.02 34.37
CA GLY I 83 -27.81 15.06 33.69
C GLY I 83 -28.97 14.66 34.59
N ASP I 84 -29.70 13.62 34.22
CA ASP I 84 -30.91 13.25 34.97
C ASP I 84 -30.70 11.98 35.78
N TYR I 85 -31.29 11.99 36.98
CA TYR I 85 -31.20 10.92 37.98
C TYR I 85 -32.64 10.39 38.32
N TYR I 86 -32.78 9.07 38.29
CA TYR I 86 -34.08 8.45 38.43
C TYR I 86 -33.96 7.44 39.54
N CYS I 87 -34.84 7.49 40.52
CA CYS I 87 -35.01 6.34 41.40
C CYS I 87 -36.01 5.38 40.78
N GLN I 88 -35.96 4.14 41.25
CA GLN I 88 -36.97 3.17 40.88
C GLN I 88 -37.08 2.14 41.95
N ALA I 89 -38.25 1.51 41.99
CA ALA I 89 -38.49 0.47 42.93
C ALA I 89 -39.54 -0.43 42.30
N TRP I 90 -40.06 -1.34 43.09
CA TRP I 90 -40.95 -2.36 42.58
C TRP I 90 -42.25 -2.37 43.40
N ASP I 91 -43.38 -2.61 42.72
CA ASP I 91 -44.60 -2.95 43.41
C ASP I 91 -45.14 -4.35 43.10
N ALA I 92 -45.28 -5.16 44.15
CA ALA I 92 -45.98 -6.45 44.10
C ALA I 92 -47.39 -6.30 44.69
N SER I 93 -48.45 -6.33 43.87
CA SER I 93 -49.78 -6.03 44.47
C SER I 93 -50.98 -6.68 43.77
N GLY I 100 -52.06 -14.30 40.54
CA GLY I 100 -52.55 -12.97 40.93
C GLY I 100 -51.53 -11.91 41.38
N THR I 101 -50.23 -12.25 41.37
CA THR I 101 -49.19 -11.39 41.97
C THR I 101 -49.25 -9.86 41.69
N LYS I 102 -49.16 -9.51 40.38
CA LYS I 102 -49.09 -8.12 39.76
C LYS I 102 -47.79 -7.31 39.95
N LEU I 103 -46.84 -7.43 39.01
CA LEU I 103 -45.51 -6.81 39.19
C LEU I 103 -45.34 -5.51 38.43
N THR I 104 -45.07 -4.45 39.14
CA THR I 104 -44.97 -3.13 38.56
C THR I 104 -43.59 -2.50 38.88
N VAL I 105 -42.93 -1.94 37.85
CA VAL I 105 -41.65 -1.24 38.02
C VAL I 105 -42.03 0.21 38.14
N LEU I 106 -41.48 0.88 39.15
CA LEU I 106 -41.79 2.30 39.37
C LEU I 106 -40.59 3.25 39.17
N PHE I 107 -40.83 4.37 38.51
CA PHE I 107 -39.79 5.35 38.22
C PHE I 107 -40.15 6.73 38.75
N GLY I 108 -39.16 7.46 39.28
CA GLY I 108 -39.40 8.84 39.66
C GLY I 108 -39.51 9.64 38.38
N ASP I 109 -40.01 10.86 38.47
CA ASP I 109 -40.09 11.69 37.28
C ASP I 109 -38.73 12.24 36.92
N GLY I 110 -37.72 12.02 37.77
CA GLY I 110 -36.33 12.33 37.46
C GLY I 110 -35.93 13.68 38.03
N THR I 111 -34.66 13.80 38.44
CA THR I 111 -34.11 15.09 38.84
C THR I 111 -33.01 15.52 37.91
N ARG I 112 -33.12 16.75 37.41
CA ARG I 112 -32.13 17.41 36.55
C ARG I 112 -31.10 18.09 37.49
N LEU I 113 -29.86 17.63 37.41
CA LEU I 113 -28.81 18.12 38.29
C LEU I 113 -28.06 19.23 37.56
N THR I 114 -28.14 20.48 38.04
CA THR I 114 -27.28 21.53 37.46
C THR I 114 -26.08 21.84 38.37
N VAL I 115 -24.91 21.71 37.77
CA VAL I 115 -23.66 22.14 38.34
C VAL I 115 -23.33 23.54 37.77
N LEU I 116 -23.35 24.56 38.64
CA LEU I 116 -23.22 25.95 38.20
C LEU I 116 -21.75 26.33 38.03
N GLY I 117 -21.23 26.18 36.82
CA GLY I 117 -19.80 26.29 36.61
C GLY I 117 -19.40 27.59 35.91
N GLN I 118 -20.32 28.57 35.91
CA GLN I 118 -20.03 29.94 35.46
C GLN I 118 -21.11 30.89 35.97
N PRO I 119 -20.90 32.21 35.84
CA PRO I 119 -21.93 33.05 36.44
C PRO I 119 -23.16 33.23 35.56
N LYS I 120 -24.27 33.52 36.23
CA LYS I 120 -25.57 33.79 35.60
C LYS I 120 -25.55 34.93 34.56
N ALA I 121 -25.57 34.54 33.29
CA ALA I 121 -25.69 35.47 32.14
C ALA I 121 -27.09 35.45 31.51
N ALA I 122 -27.73 36.61 31.43
CA ALA I 122 -29.07 36.71 30.87
C ALA I 122 -29.06 36.64 29.33
N PRO I 123 -30.18 36.19 28.73
CA PRO I 123 -30.21 35.96 27.29
C PRO I 123 -30.38 37.26 26.54
N SER I 124 -29.76 37.37 25.38
CA SER I 124 -30.23 38.39 24.46
C SER I 124 -31.16 37.70 23.46
N VAL I 125 -32.16 38.45 23.04
CA VAL I 125 -33.24 37.90 22.23
C VAL I 125 -33.31 38.72 20.95
N THR I 126 -33.47 38.03 19.82
CA THR I 126 -33.81 38.70 18.59
C THR I 126 -35.09 38.15 17.96
N LEU I 127 -36.03 39.06 17.74
CA LEU I 127 -37.26 38.70 17.11
C LEU I 127 -37.24 39.15 15.68
N PHE I 128 -37.50 38.19 14.80
CA PHE I 128 -37.63 38.45 13.38
C PHE I 128 -39.08 38.28 12.94
N PRO I 129 -39.60 39.29 12.20
CA PRO I 129 -40.94 39.25 11.61
C PRO I 129 -40.96 38.27 10.45
N PRO I 130 -42.15 37.92 9.92
CA PRO I 130 -42.10 37.16 8.66
C PRO I 130 -41.45 37.99 7.58
N SER I 131 -40.61 37.35 6.76
CA SER I 131 -40.06 37.94 5.53
C SER I 131 -41.11 38.12 4.40
N SER I 132 -40.77 38.95 3.40
CA SER I 132 -41.61 39.19 2.19
C SER I 132 -41.99 37.86 1.56
N GLU I 133 -40.97 37.05 1.25
CA GLU I 133 -41.07 35.76 0.56
C GLU I 133 -42.05 34.80 1.23
N GLU I 134 -41.90 34.64 2.54
CA GLU I 134 -42.79 33.75 3.27
C GLU I 134 -44.23 34.26 3.21
N LEU I 135 -44.42 35.57 3.22
CA LEU I 135 -45.76 36.12 3.15
C LEU I 135 -46.35 35.93 1.73
N GLN I 136 -45.47 35.97 0.71
CA GLN I 136 -45.88 35.65 -0.66
C GLN I 136 -46.47 34.24 -0.79
N ALA I 137 -46.00 33.31 0.07
CA ALA I 137 -46.48 31.92 0.08
C ALA I 137 -47.73 31.73 0.91
N ASN I 138 -48.24 32.81 1.50
CA ASN I 138 -49.41 32.73 2.41
C ASN I 138 -49.00 31.94 3.67
N LYS I 139 -47.81 32.27 4.13
CA LYS I 139 -47.28 31.77 5.40
C LYS I 139 -46.69 32.92 6.22
N ALA I 140 -46.54 32.70 7.52
CA ALA I 140 -45.86 33.65 8.39
C ALA I 140 -45.28 32.94 9.59
N THR I 141 -44.00 33.14 9.82
CA THR I 141 -43.33 32.58 10.99
C THR I 141 -42.56 33.71 11.67
N LEU I 142 -42.85 33.95 12.94
CA LEU I 142 -42.02 34.86 13.69
C LEU I 142 -40.97 33.97 14.34
N VAL I 143 -39.72 34.41 14.25
CA VAL I 143 -38.56 33.68 14.70
C VAL I 143 -37.96 34.41 15.90
N CYS I 144 -38.08 33.78 17.07
CA CYS I 144 -37.52 34.36 18.25
C CYS I 144 -36.27 33.57 18.58
N LEU I 145 -35.14 34.26 18.55
CA LEU I 145 -33.86 33.62 18.76
C LEU I 145 -33.22 34.03 20.07
N ILE I 146 -32.87 33.06 20.90
CA ILE I 146 -32.46 33.34 22.27
C ILE I 146 -31.05 32.84 22.53
N SER I 147 -30.16 33.75 22.94
CA SER I 147 -28.76 33.35 23.00
C SER I 147 -27.94 33.86 24.19
N ASP I 148 -26.80 33.18 24.37
CA ASP I 148 -25.81 33.53 25.38
C ASP I 148 -26.40 33.60 26.78
N PHE I 149 -27.15 32.57 27.19
CA PHE I 149 -27.68 32.60 28.54
C PHE I 149 -27.07 31.51 29.40
N TYR I 150 -26.99 31.76 30.69
CA TYR I 150 -26.55 30.73 31.62
C TYR I 150 -27.18 31.02 32.96
N PRO I 151 -27.67 29.96 33.66
CA PRO I 151 -27.75 28.55 33.23
C PRO I 151 -28.76 28.28 32.09
N GLY I 152 -28.80 27.01 31.63
CA GLY I 152 -29.46 26.62 30.37
C GLY I 152 -30.91 26.19 30.50
N ALA I 153 -31.75 27.11 30.92
CA ALA I 153 -33.16 26.83 31.08
C ALA I 153 -33.87 28.16 30.97
N VAL I 154 -34.85 28.26 30.07
CA VAL I 154 -35.67 29.46 29.87
C VAL I 154 -37.12 29.01 29.69
N THR I 155 -38.07 29.90 29.94
CA THR I 155 -39.43 29.69 29.52
C THR I 155 -39.80 30.74 28.47
N VAL I 156 -40.60 30.36 27.48
CA VAL I 156 -40.93 31.29 26.40
C VAL I 156 -42.44 31.46 26.28
N ALA I 157 -42.86 32.67 25.97
CA ALA I 157 -44.28 32.94 25.88
C ALA I 157 -44.50 34.01 24.84
N TRP I 158 -45.53 33.82 24.03
CA TRP I 158 -45.90 34.72 22.96
C TRP I 158 -47.19 35.52 23.27
N LYS I 159 -47.20 36.79 22.89
CA LYS I 159 -48.38 37.65 23.07
C LYS I 159 -48.81 38.15 21.72
N ALA I 160 -50.09 37.97 21.44
CA ALA I 160 -50.79 38.56 20.30
C ALA I 160 -51.39 39.88 20.81
N ASP I 161 -50.72 40.97 20.42
CA ASP I 161 -50.87 42.30 21.04
C ASP I 161 -50.51 42.29 22.53
N SER I 162 -51.45 41.87 23.38
CA SER I 162 -51.14 41.67 24.79
C SER I 162 -51.87 40.48 25.39
N SER I 163 -52.55 39.71 24.54
CA SER I 163 -53.26 38.52 24.98
C SER I 163 -52.45 37.28 24.60
N PRO I 164 -52.06 36.45 25.60
CA PRO I 164 -51.38 35.16 25.46
C PRO I 164 -51.76 34.36 24.22
N VAL I 165 -50.75 33.85 23.52
CA VAL I 165 -51.00 32.95 22.38
C VAL I 165 -50.17 31.70 22.53
N LYS I 166 -50.85 30.57 22.43
CA LYS I 166 -50.21 29.26 22.62
C LYS I 166 -50.21 28.36 21.36
N ALA I 167 -51.12 28.60 20.43
CA ALA I 167 -51.24 27.71 19.26
C ALA I 167 -50.18 28.04 18.22
N GLY I 168 -49.65 26.98 17.59
CA GLY I 168 -48.58 27.13 16.60
C GLY I 168 -47.25 27.63 17.19
N VAL I 169 -46.97 27.19 18.40
CA VAL I 169 -45.74 27.53 19.09
C VAL I 169 -44.89 26.27 19.13
N GLU I 170 -43.67 26.43 18.63
CA GLU I 170 -42.70 25.35 18.64
C GLU I 170 -41.34 25.93 19.16
N THR I 171 -40.84 25.36 20.26
CA THR I 171 -39.67 25.87 20.99
C THR I 171 -38.63 24.78 21.21
N THR I 172 -37.36 25.08 20.91
CA THR I 172 -36.28 24.14 21.15
C THR I 172 -35.92 24.11 22.61
N THR I 173 -35.42 22.97 23.05
CA THR I 173 -34.89 22.92 24.38
C THR I 173 -33.45 23.47 24.23
N PRO I 174 -32.85 24.08 25.27
CA PRO I 174 -31.62 24.80 24.91
C PRO I 174 -30.39 23.89 24.78
N SER I 175 -29.32 24.47 24.26
CA SER I 175 -28.12 23.74 23.92
C SER I 175 -26.90 24.66 23.98
N LYS I 176 -25.73 24.05 24.12
CA LYS I 176 -24.50 24.81 24.31
C LYS I 176 -24.06 25.40 23.02
N GLN I 177 -23.68 26.67 23.09
CA GLN I 177 -22.99 27.35 21.99
C GLN I 177 -21.52 26.93 22.02
N SER I 178 -20.74 27.57 21.16
CA SER I 178 -19.31 27.38 21.10
C SER I 178 -18.71 27.84 22.44
N ASN I 179 -19.20 28.98 22.90
CA ASN I 179 -18.63 29.65 24.05
C ASN I 179 -19.20 29.13 25.36
N ASN I 180 -19.77 27.93 25.33
CA ASN I 180 -20.25 27.28 26.56
C ASN I 180 -21.43 27.89 27.29
N LYS I 181 -21.93 29.01 26.74
CA LYS I 181 -23.26 29.52 27.10
C LYS I 181 -24.35 28.81 26.27
N TYR I 182 -25.60 29.19 26.46
CA TYR I 182 -26.70 28.40 25.88
C TYR I 182 -27.53 29.18 24.87
N ALA I 183 -28.22 28.43 24.02
CA ALA I 183 -29.10 29.01 22.99
C ALA I 183 -30.39 28.22 22.86
N ALA I 184 -31.44 28.89 22.39
CA ALA I 184 -32.75 28.29 22.27
C ALA I 184 -33.50 29.08 21.21
N SER I 185 -34.46 28.43 20.53
CA SER I 185 -35.30 29.14 19.57
C SER I 185 -36.77 28.92 19.80
N SER I 186 -37.57 29.93 19.44
CA SER I 186 -39.01 29.74 19.44
C SER I 186 -39.62 30.24 18.16
N TYR I 187 -40.54 29.46 17.66
CA TYR I 187 -41.22 29.75 16.43
C TYR I 187 -42.71 29.86 16.69
N LEU I 188 -43.28 30.92 16.13
CA LEU I 188 -44.71 31.16 16.16
C LEU I 188 -45.29 31.18 14.74
N SER I 189 -46.21 30.25 14.50
CA SER I 189 -46.96 30.15 13.24
C SER I 189 -48.23 30.99 13.24
N LEU I 190 -48.31 31.91 12.30
CA LEU I 190 -49.49 32.72 12.14
C LEU I 190 -49.89 32.63 10.69
N THR I 191 -51.14 32.99 10.44
CA THR I 191 -51.59 33.26 9.09
C THR I 191 -51.11 34.68 8.76
N PRO I 192 -50.85 34.95 7.47
CA PRO I 192 -50.52 36.32 7.10
C PRO I 192 -51.59 37.35 7.51
N GLU I 193 -52.85 36.90 7.66
CA GLU I 193 -53.98 37.77 7.98
CA GLU I 193 -53.95 37.81 7.98
C GLU I 193 -53.94 38.16 9.45
N GLN I 194 -53.64 37.15 10.29
CA GLN I 194 -53.41 37.30 11.74
C GLN I 194 -52.28 38.29 11.95
N TRP I 195 -51.19 38.05 11.24
CA TRP I 195 -50.05 38.93 11.27
C TRP I 195 -50.42 40.41 11.04
N LYS I 196 -51.02 40.72 9.87
CA LYS I 196 -51.40 42.11 9.49
C LYS I 196 -52.46 42.74 10.40
N SER I 197 -53.32 41.90 10.98
CA SER I 197 -54.45 42.37 11.77
C SER I 197 -54.00 43.06 13.08
N HIS I 198 -53.42 42.29 14.01
CA HIS I 198 -52.88 42.80 15.27
C HIS I 198 -51.81 43.87 15.01
N LYS I 199 -51.64 44.80 15.95
CA LYS I 199 -50.70 45.94 15.78
C LYS I 199 -49.23 45.60 16.07
N SER I 200 -49.01 44.60 16.93
CA SER I 200 -47.65 44.13 17.28
C SER I 200 -47.67 42.77 17.98
N TYR I 201 -46.66 41.95 17.69
CA TYR I 201 -46.45 40.67 18.39
C TYR I 201 -45.18 40.68 19.25
N SER I 202 -45.23 39.94 20.36
CA SER I 202 -44.14 39.84 21.32
C SER I 202 -43.73 38.41 21.68
N CYS I 203 -42.41 38.24 21.80
CA CYS I 203 -41.78 37.05 22.34
C CYS I 203 -41.17 37.35 23.73
N GLN I 204 -41.78 36.81 24.78
CA GLN I 204 -41.34 37.03 26.16
C GLN I 204 -40.50 35.84 26.64
N VAL I 205 -39.24 36.12 27.00
CA VAL I 205 -38.26 35.13 27.50
C VAL I 205 -37.99 35.30 29.00
N THR I 206 -38.30 34.28 29.81
CA THR I 206 -37.90 34.30 31.22
C THR I 206 -36.65 33.49 31.44
N HIS I 207 -35.63 34.15 31.98
CA HIS I 207 -34.47 33.49 32.58
C HIS I 207 -34.47 33.82 34.07
N GLU I 208 -34.63 32.79 34.90
CA GLU I 208 -34.45 32.90 36.36
C GLU I 208 -35.16 34.12 36.95
N GLY I 209 -36.48 34.24 36.69
CA GLY I 209 -37.31 35.35 37.21
C GLY I 209 -37.27 36.70 36.50
N SER I 210 -36.28 36.92 35.64
CA SER I 210 -36.18 38.14 34.79
C SER I 210 -36.71 37.83 33.41
N THR I 211 -37.61 38.68 32.92
CA THR I 211 -38.20 38.53 31.60
C THR I 211 -37.61 39.55 30.65
N VAL I 212 -37.24 39.11 29.44
CA VAL I 212 -36.76 40.00 28.37
C VAL I 212 -37.79 39.88 27.24
N GLU I 213 -38.36 41.01 26.81
CA GLU I 213 -39.42 41.03 25.79
C GLU I 213 -38.98 41.72 24.48
N LYS I 214 -39.22 41.08 23.34
CA LYS I 214 -39.07 41.72 22.02
C LYS I 214 -40.40 41.78 21.29
N THR I 215 -40.61 42.88 20.58
CA THR I 215 -41.89 43.13 19.93
C THR I 215 -41.63 43.44 18.48
N VAL I 216 -42.48 42.96 17.59
CA VAL I 216 -42.44 43.36 16.18
C VAL I 216 -43.81 43.77 15.67
N ALA I 217 -43.82 44.77 14.77
CA ALA I 217 -45.07 45.36 14.23
C ALA I 217 -45.16 45.19 12.72
N PRO I 218 -46.28 44.68 12.21
CA PRO I 218 -46.59 44.52 10.76
C PRO I 218 -46.20 45.70 9.83
N THR I 219 -45.59 45.36 8.68
CA THR I 219 -44.90 46.36 7.84
C THR I 219 -45.41 46.43 6.38
N GLU J 1 -17.46 -9.97 25.37
CA GLU J 1 -18.01 -9.54 26.69
C GLU J 1 -19.51 -9.16 26.62
N VAL J 2 -20.04 -8.69 27.74
CA VAL J 2 -21.47 -8.54 27.91
C VAL J 2 -22.08 -7.36 27.16
N GLN J 3 -22.99 -7.64 26.25
CA GLN J 3 -23.75 -6.55 25.65
C GLN J 3 -25.14 -6.86 25.14
N LEU J 4 -25.94 -5.79 25.03
CA LEU J 4 -27.24 -5.75 24.39
C LEU J 4 -27.16 -4.83 23.18
N VAL J 5 -27.34 -5.36 21.98
CA VAL J 5 -27.22 -4.55 20.80
C VAL J 5 -28.60 -4.40 20.14
N GLU J 6 -29.08 -3.16 20.07
CA GLU J 6 -30.43 -2.88 19.59
C GLU J 6 -30.43 -2.50 18.09
N SER J 7 -31.56 -2.59 17.41
CA SER J 7 -31.50 -2.35 15.98
C SER J 7 -31.61 -0.85 15.72
N GLY J 8 -31.41 -0.44 14.46
CA GLY J 8 -31.34 0.98 14.07
C GLY J 8 -32.63 1.76 14.31
N GLY J 9 -32.51 3.06 14.44
CA GLY J 9 -33.68 3.93 14.59
C GLY J 9 -34.51 3.86 13.34
N GLU J 10 -35.79 4.17 13.48
CA GLU J 10 -36.76 3.92 12.44
C GLU J 10 -37.65 5.14 12.29
N VAL J 11 -38.02 5.46 11.07
CA VAL J 11 -38.95 6.52 10.78
C VAL J 11 -40.10 5.89 10.03
N LYS J 12 -41.32 6.02 10.55
CA LYS J 12 -42.48 5.23 10.06
C LYS J 12 -43.67 6.13 9.97
N GLN J 13 -44.64 5.75 9.14
CA GLN J 13 -45.93 6.44 9.06
C GLN J 13 -46.99 5.85 9.97
N PRO J 14 -47.95 6.67 10.39
CA PRO J 14 -49.00 6.14 11.25
C PRO J 14 -49.69 4.96 10.59
N GLY J 15 -50.00 3.94 11.39
CA GLY J 15 -50.61 2.72 10.89
C GLY J 15 -49.64 1.77 10.25
N GLN J 16 -48.36 2.09 10.18
CA GLN J 16 -47.43 1.05 9.74
C GLN J 16 -47.10 0.08 10.88
N SER J 17 -46.58 -1.09 10.51
CA SER J 17 -46.24 -2.08 11.52
C SER J 17 -44.73 -2.00 11.71
N LEU J 18 -44.24 -2.50 12.84
CA LEU J 18 -42.83 -2.38 13.20
C LEU J 18 -42.51 -3.31 14.34
N LYS J 19 -41.37 -3.94 14.18
CA LYS J 19 -40.78 -4.86 15.14
C LYS J 19 -39.30 -4.49 15.27
N ILE J 20 -38.91 -4.06 16.47
CA ILE J 20 -37.52 -3.69 16.75
C ILE J 20 -36.91 -4.77 17.63
N SER J 21 -35.61 -4.99 17.49
CA SER J 21 -34.94 -6.05 18.20
C SER J 21 -33.79 -5.58 19.14
N CYS J 22 -33.34 -6.53 19.97
CA CYS J 22 -32.39 -6.32 21.01
C CYS J 22 -31.68 -7.62 21.20
N LYS J 23 -30.50 -7.72 20.61
CA LYS J 23 -29.73 -8.95 20.66
C LYS J 23 -28.74 -8.89 21.80
N SER J 24 -28.74 -9.91 22.66
CA SER J 24 -27.79 -10.00 23.76
C SER J 24 -26.67 -10.96 23.43
N SER J 25 -25.49 -10.71 23.98
CA SER J 25 -24.40 -11.69 23.97
C SER J 25 -23.57 -11.65 25.27
N GLY J 26 -22.85 -12.74 25.56
CA GLY J 26 -21.90 -12.78 26.68
C GLY J 26 -22.50 -13.21 28.00
N TYR J 27 -23.75 -13.64 28.01
CA TYR J 27 -24.38 -14.08 29.25
C TYR J 27 -25.61 -14.90 28.95
N ASN J 28 -26.14 -15.54 29.97
CA ASN J 28 -27.16 -16.51 29.79
C ASN J 28 -28.53 -15.84 29.68
N PHE J 29 -28.99 -15.72 28.43
CA PHE J 29 -30.17 -14.98 28.03
C PHE J 29 -31.37 -15.78 28.52
N LEU J 30 -31.15 -17.04 28.83
CA LEU J 30 -32.25 -17.87 29.18
C LEU J 30 -32.27 -18.04 30.68
N ASP J 31 -31.56 -17.16 31.38
CA ASP J 31 -31.51 -17.17 32.86
C ASP J 31 -31.55 -15.76 33.45
N SER J 32 -32.43 -14.94 32.88
CA SER J 32 -32.59 -13.51 33.20
C SER J 32 -33.86 -13.01 32.52
N TRP J 33 -34.28 -11.81 32.87
CA TRP J 33 -35.38 -11.17 32.22
C TRP J 33 -34.80 -10.16 31.29
N ILE J 34 -35.64 -9.68 30.38
CA ILE J 34 -35.35 -8.50 29.60
C ILE J 34 -36.39 -7.47 29.95
N GLY J 35 -35.97 -6.24 30.25
CA GLY J 35 -36.91 -5.10 30.46
C GLY J 35 -36.92 -4.17 29.27
N TRP J 36 -38.03 -3.48 29.06
CA TRP J 36 -38.12 -2.44 28.06
C TRP J 36 -38.57 -1.13 28.71
N VAL J 37 -37.99 -0.02 28.24
CA VAL J 37 -38.14 1.27 28.82
C VAL J 37 -38.14 2.30 27.73
N ARG J 38 -39.12 3.16 27.77
CA ARG J 38 -39.17 4.18 26.76
C ARG J 38 -38.80 5.51 27.38
N GLN J 39 -38.21 6.36 26.56
CA GLN J 39 -37.97 7.74 26.94
C GLN J 39 -38.29 8.65 25.78
N ILE J 40 -39.27 9.51 26.03
CA ILE J 40 -39.68 10.55 25.12
C ILE J 40 -38.74 11.71 25.40
N PRO J 41 -38.14 12.30 24.33
CA PRO J 41 -37.10 13.30 24.52
C PRO J 41 -37.77 14.51 25.17
N GLY J 42 -37.16 14.94 26.26
CA GLY J 42 -37.73 15.98 27.07
C GLY J 42 -38.61 15.41 28.16
N LYS J 43 -38.58 14.08 28.34
CA LYS J 43 -39.31 13.42 29.43
C LYS J 43 -38.49 12.34 30.14
N GLY J 44 -39.07 11.76 31.17
CA GLY J 44 -38.38 10.75 31.95
C GLY J 44 -38.50 9.35 31.36
N LEU J 45 -38.17 8.36 32.19
CA LEU J 45 -38.17 6.97 31.80
C LEU J 45 -39.54 6.32 32.12
N GLU J 46 -40.15 5.66 31.15
CA GLU J 46 -41.38 4.95 31.43
C GLU J 46 -41.07 3.51 31.25
N TRP J 47 -41.58 2.71 32.15
CA TRP J 47 -41.47 1.27 32.03
C TRP J 47 -42.52 0.72 31.05
N ILE J 48 -42.07 -0.16 30.15
CA ILE J 48 -42.96 -0.84 29.24
C ILE J 48 -43.28 -2.28 29.67
N GLY J 49 -42.31 -3.05 30.15
CA GLY J 49 -42.59 -4.44 30.48
C GLY J 49 -41.31 -5.21 30.71
N ILE J 50 -41.42 -6.44 31.21
CA ILE J 50 -40.27 -7.33 31.37
C ILE J 50 -40.72 -8.65 30.83
N ILE J 51 -39.80 -9.41 30.24
CA ILE J 51 -40.13 -10.74 29.73
C ILE J 51 -39.01 -11.69 30.09
N TYR J 52 -39.38 -12.95 30.41
CA TYR J 52 -38.42 -14.00 30.73
C TYR J 52 -38.27 -14.86 29.50
N PRO J 53 -37.19 -14.66 28.74
CA PRO J 53 -37.11 -15.31 27.42
C PRO J 53 -37.37 -16.79 27.49
N ASP J 54 -36.96 -17.45 28.57
CA ASP J 54 -37.04 -18.91 28.60
C ASP J 54 -38.44 -19.49 28.46
N ASP J 55 -39.48 -18.78 28.90
CA ASP J 55 -40.82 -19.36 28.90
C ASP J 55 -41.84 -18.32 28.51
N SER J 56 -41.34 -17.13 28.18
CA SER J 56 -42.17 -15.96 27.83
C SER J 56 -43.14 -15.51 28.89
N ASP J 57 -42.81 -15.74 30.16
CA ASP J 57 -43.54 -15.15 31.29
C ASP J 57 -43.36 -13.65 31.19
N ALA J 58 -44.34 -12.88 31.61
CA ALA J 58 -44.27 -11.45 31.30
C ALA J 58 -45.08 -10.55 32.19
N HIS J 59 -44.61 -9.31 32.36
CA HIS J 59 -45.37 -8.30 33.08
C HIS J 59 -45.34 -7.00 32.33
N TYR J 60 -46.52 -6.53 31.91
CA TYR J 60 -46.60 -5.25 31.19
C TYR J 60 -46.99 -4.15 32.15
N SER J 61 -46.52 -2.97 31.83
CA SER J 61 -47.16 -1.78 32.32
C SER J 61 -48.60 -1.66 31.76
N PRO J 62 -49.56 -1.25 32.61
CA PRO J 62 -50.94 -1.00 32.11
C PRO J 62 -51.01 0.04 31.00
N SER J 63 -50.09 1.02 30.99
CA SER J 63 -50.02 1.96 29.85
C SER J 63 -49.58 1.27 28.56
N PHE J 64 -48.97 0.08 28.64
CA PHE J 64 -48.55 -0.60 27.40
C PHE J 64 -49.23 -1.94 27.08
N GLU J 65 -49.81 -2.60 28.10
CA GLU J 65 -50.64 -3.83 27.94
C GLU J 65 -51.43 -3.68 26.66
N GLY J 66 -51.23 -4.61 25.75
CA GLY J 66 -52.06 -4.73 24.55
C GLY J 66 -51.76 -3.82 23.37
N GLN J 67 -50.97 -2.78 23.60
CA GLN J 67 -50.67 -1.75 22.61
C GLN J 67 -49.41 -2.17 21.92
N VAL J 68 -48.55 -2.85 22.66
CA VAL J 68 -47.28 -3.32 22.16
C VAL J 68 -47.06 -4.73 22.66
N THR J 69 -46.48 -5.56 21.81
CA THR J 69 -46.18 -6.97 22.12
C THR J 69 -44.69 -7.23 22.35
N MET J 70 -44.38 -7.72 23.56
CA MET J 70 -43.05 -8.21 23.90
C MET J 70 -42.92 -9.64 23.41
N SER J 71 -41.80 -10.02 22.81
CA SER J 71 -41.58 -11.43 22.43
C SER J 71 -40.06 -11.68 22.28
N VAL J 72 -39.66 -12.93 22.01
CA VAL J 72 -38.24 -13.32 21.94
C VAL J 72 -37.97 -14.43 20.92
N ASP J 73 -36.71 -14.64 20.59
CA ASP J 73 -36.32 -15.77 19.77
C ASP J 73 -35.14 -16.34 20.54
N LYS J 74 -35.38 -17.47 21.21
CA LYS J 74 -34.41 -18.08 22.03
C LYS J 74 -33.24 -18.53 21.18
N SER J 75 -33.51 -19.02 19.98
CA SER J 75 -32.42 -19.69 19.28
C SER J 75 -31.26 -18.71 18.95
N ILE J 76 -31.58 -17.43 18.67
CA ILE J 76 -30.58 -16.34 18.41
C ILE J 76 -30.39 -15.26 19.55
N SER J 77 -30.88 -15.56 20.75
CA SER J 77 -30.75 -14.66 21.92
C SER J 77 -31.28 -13.20 21.71
N THR J 78 -32.36 -13.07 20.96
CA THR J 78 -32.89 -11.77 20.60
C THR J 78 -34.24 -11.48 21.21
N ALA J 79 -34.42 -10.30 21.78
CA ALA J 79 -35.74 -9.91 22.33
C ALA J 79 -36.35 -8.93 21.36
N TYR J 80 -37.68 -8.94 21.21
CA TYR J 80 -38.39 -8.01 20.35
C TYR J 80 -39.51 -7.18 21.00
N LEU J 81 -39.78 -6.01 20.41
CA LEU J 81 -40.95 -5.22 20.72
C LEU J 81 -41.70 -4.98 19.42
N GLN J 82 -43.02 -5.06 19.45
CA GLN J 82 -43.81 -5.02 18.23
C GLN J 82 -45.08 -4.20 18.36
N TRP J 83 -45.25 -3.28 17.41
CA TRP J 83 -46.48 -2.53 17.20
C TRP J 83 -47.05 -3.00 15.88
N THR J 84 -48.32 -3.38 15.87
CA THR J 84 -48.99 -3.67 14.59
C THR J 84 -49.51 -2.40 13.90
N THR J 85 -49.83 -1.37 14.68
CA THR J 85 -50.20 -0.10 14.10
C THR J 85 -49.63 0.99 14.90
N LEU J 86 -48.59 1.60 14.36
CA LEU J 86 -48.00 2.75 15.00
C LEU J 86 -48.97 3.92 14.98
N GLN J 87 -49.00 4.67 16.07
CA GLN J 87 -49.60 6.03 16.02
C GLN J 87 -48.54 7.06 16.46
N ALA J 88 -48.85 8.34 16.34
CA ALA J 88 -47.92 9.40 16.71
C ALA J 88 -47.38 9.24 18.14
N SER J 89 -48.26 8.91 19.08
CA SER J 89 -47.83 8.77 20.46
C SER J 89 -46.94 7.56 20.75
N ASP J 90 -46.54 6.79 19.72
CA ASP J 90 -45.51 5.76 19.88
C ASP J 90 -44.07 6.28 19.69
N THR J 91 -43.94 7.51 19.15
CA THR J 91 -42.66 8.19 18.93
C THR J 91 -41.82 8.22 20.21
N GLY J 92 -40.59 7.73 20.15
CA GLY J 92 -39.70 7.95 21.27
C GLY J 92 -38.52 7.01 21.22
N LYS J 93 -37.68 7.07 22.26
CA LYS J 93 -36.50 6.21 22.28
C LYS J 93 -36.76 4.97 23.13
N TYR J 94 -36.49 3.79 22.58
CA TYR J 94 -36.74 2.56 23.32
C TYR J 94 -35.49 1.76 23.68
N PHE J 95 -35.37 1.44 24.97
CA PHE J 95 -34.24 0.69 25.53
C PHE J 95 -34.70 -0.69 25.96
N CYS J 96 -33.92 -1.73 25.60
CA CYS J 96 -33.94 -3.00 26.32
C CYS J 96 -32.90 -3.00 27.41
N THR J 97 -33.07 -3.88 28.37
CA THR J 97 -32.22 -3.84 29.52
C THR J 97 -32.19 -5.20 30.22
N ARG J 98 -31.10 -5.53 30.92
CA ARG J 98 -31.02 -6.81 31.60
C ARG J 98 -31.44 -6.76 33.08
N LEU J 99 -32.12 -7.83 33.50
CA LEU J 99 -32.66 -7.93 34.86
C LEU J 99 -32.51 -9.34 35.49
N TYR J 100 -32.02 -9.39 36.71
CA TYR J 100 -32.13 -10.57 37.53
C TYR J 100 -33.02 -10.15 38.66
N LEU J 101 -34.08 -10.92 38.83
CA LEU J 101 -35.24 -10.52 39.62
C LEU J 101 -35.50 -11.52 40.72
N PHE J 102 -35.76 -11.00 41.93
CA PHE J 102 -36.20 -11.77 43.11
C PHE J 102 -35.58 -13.17 43.21
N GLU J 103 -34.25 -13.23 43.22
CA GLU J 103 -33.53 -14.48 43.41
C GLU J 103 -32.92 -14.41 44.79
N GLY J 104 -33.71 -14.80 45.79
CA GLY J 104 -33.32 -14.72 47.19
C GLY J 104 -33.01 -13.29 47.58
N ALA J 105 -32.07 -13.11 48.51
CA ALA J 105 -31.63 -11.75 48.93
C ALA J 105 -30.47 -11.25 48.03
N GLN J 106 -30.17 -12.04 47.00
CA GLN J 106 -28.95 -11.85 46.19
C GLN J 106 -29.15 -10.95 45.00
N SER J 107 -30.25 -11.12 44.26
CA SER J 107 -30.39 -10.39 43.03
C SER J 107 -30.40 -8.89 43.30
N SER J 108 -29.88 -8.12 42.34
CA SER J 108 -29.91 -6.68 42.48
C SER J 108 -31.35 -6.15 42.28
N ASN J 109 -32.13 -6.87 41.49
CA ASN J 109 -33.46 -6.43 41.06
C ASN J 109 -33.42 -5.11 40.34
N ALA J 110 -32.29 -4.85 39.70
CA ALA J 110 -32.15 -3.61 38.99
C ALA J 110 -31.70 -3.82 37.55
N PHE J 111 -31.88 -2.79 36.75
CA PHE J 111 -31.52 -2.91 35.36
C PHE J 111 -30.04 -2.60 35.24
N ASP J 112 -29.21 -3.62 35.06
CA ASP J 112 -27.77 -3.42 35.21
C ASP J 112 -27.08 -3.14 33.88
N LEU J 113 -27.56 -3.81 32.83
CA LEU J 113 -27.05 -3.66 31.47
C LEU J 113 -28.11 -3.08 30.57
N TRP J 114 -27.73 -2.04 29.84
CA TRP J 114 -28.62 -1.33 28.95
C TRP J 114 -28.22 -1.45 27.45
N GLY J 115 -29.21 -1.60 26.58
CA GLY J 115 -29.00 -1.43 25.13
C GLY J 115 -28.70 0.02 24.80
N GLN J 116 -28.30 0.31 23.57
CA GLN J 116 -28.07 1.69 23.23
C GLN J 116 -29.36 2.43 22.81
N GLY J 117 -30.48 1.76 22.76
CA GLY J 117 -31.71 2.48 22.44
C GLY J 117 -32.04 2.57 20.96
N THR J 118 -33.32 2.56 20.66
CA THR J 118 -33.80 2.67 19.31
C THR J 118 -34.83 3.77 19.21
N MET J 119 -34.58 4.73 18.30
CA MET J 119 -35.47 5.88 18.21
C MET J 119 -36.51 5.54 17.18
N ILE J 120 -37.76 5.75 17.55
CA ILE J 120 -38.84 5.60 16.62
C ILE J 120 -39.49 6.97 16.46
N LEU J 121 -39.58 7.44 15.22
CA LEU J 121 -40.33 8.67 14.93
C LEU J 121 -41.45 8.25 14.03
N VAL J 122 -42.67 8.33 14.57
CA VAL J 122 -43.87 8.09 13.77
C VAL J 122 -44.45 9.39 13.23
N SER J 123 -44.27 9.64 11.94
CA SER J 123 -44.86 10.82 11.32
C SER J 123 -45.25 10.58 9.84
N SER J 124 -45.94 11.56 9.26
CA SER J 124 -46.42 11.44 7.89
C SER J 124 -45.47 12.14 6.92
N GLY J 125 -44.47 12.84 7.45
CA GLY J 125 -43.46 13.47 6.62
C GLY J 125 -42.76 12.44 5.72
N THR J 126 -42.79 12.72 4.42
CA THR J 126 -41.86 12.08 3.48
C THR J 126 -40.66 13.02 3.25
N THR J 127 -39.64 12.56 2.54
CA THR J 127 -38.42 13.36 2.34
C THR J 127 -38.71 14.66 1.58
N LYS J 128 -38.23 15.77 2.12
CA LYS J 128 -38.51 17.09 1.56
C LYS J 128 -37.34 18.06 1.86
N GLY J 129 -36.90 18.79 0.83
CA GLY J 129 -35.89 19.80 0.95
C GLY J 129 -36.53 21.03 1.57
N PRO J 130 -35.71 21.91 2.16
CA PRO J 130 -36.15 23.09 2.87
C PRO J 130 -36.65 24.24 1.95
N SER J 131 -37.51 25.10 2.49
CA SER J 131 -37.81 26.41 1.91
C SER J 131 -36.86 27.37 2.65
N VAL J 132 -36.11 28.20 1.95
CA VAL J 132 -35.17 29.10 2.63
C VAL J 132 -35.56 30.61 2.57
N PHE J 133 -35.79 31.20 3.75
CA PHE J 133 -36.28 32.56 3.90
C PHE J 133 -35.27 33.46 4.61
N PRO J 134 -35.14 34.72 4.16
CA PRO J 134 -34.12 35.59 4.70
C PRO J 134 -34.65 36.34 5.91
N LEU J 135 -33.80 36.50 6.90
CA LEU J 135 -34.18 37.27 8.06
C LEU J 135 -33.40 38.60 7.96
N ALA J 136 -34.02 39.55 7.27
CA ALA J 136 -33.43 40.86 6.96
C ALA J 136 -32.91 41.58 8.21
N PRO J 137 -31.69 42.18 8.13
CA PRO J 137 -30.88 42.59 9.30
C PRO J 137 -31.55 43.55 10.25
N GLY J 145 -22.66 48.43 18.35
CA GLY J 145 -22.36 48.76 16.95
C GLY J 145 -22.45 47.56 16.03
N THR J 146 -23.46 46.71 16.27
CA THR J 146 -23.63 45.44 15.56
C THR J 146 -25.04 45.30 14.99
N ALA J 147 -25.27 44.21 14.25
CA ALA J 147 -26.57 43.87 13.66
C ALA J 147 -26.72 42.37 13.54
N ALA J 148 -27.93 41.87 13.78
CA ALA J 148 -28.23 40.46 13.57
C ALA J 148 -29.05 40.26 12.29
N LEU J 149 -28.56 39.38 11.41
CA LEU J 149 -29.31 38.91 10.23
C LEU J 149 -29.26 37.38 10.18
N GLY J 150 -30.15 36.74 9.41
CA GLY J 150 -30.28 35.28 9.43
C GLY J 150 -30.94 34.56 8.26
N CYS J 151 -30.92 33.22 8.32
CA CYS J 151 -31.68 32.36 7.41
C CYS J 151 -32.64 31.45 8.19
N LEU J 152 -33.91 31.45 7.80
CA LEU J 152 -34.88 30.50 8.34
C LEU J 152 -34.97 29.38 7.33
N VAL J 153 -34.54 28.20 7.74
CA VAL J 153 -34.63 27.04 6.91
C VAL J 153 -35.84 26.23 7.34
N LYS J 154 -36.86 26.21 6.50
CA LYS J 154 -38.19 25.77 6.93
C LYS J 154 -38.69 24.51 6.24
N ASP J 155 -39.43 23.66 6.96
CA ASP J 155 -40.20 22.57 6.37
C ASP J 155 -39.36 21.56 5.59
N TYR J 156 -38.29 21.03 6.20
CA TYR J 156 -37.51 19.97 5.57
C TYR J 156 -37.63 18.65 6.32
N PHE J 157 -37.25 17.56 5.69
CA PHE J 157 -37.33 16.28 6.31
C PHE J 157 -36.58 15.24 5.50
N PRO J 158 -35.87 14.31 6.16
CA PRO J 158 -35.48 14.25 7.60
C PRO J 158 -34.38 15.29 8.01
N GLU J 159 -33.86 15.14 9.24
CA GLU J 159 -32.60 15.75 9.64
C GLU J 159 -31.43 15.05 8.93
N PRO J 160 -30.27 15.71 8.82
CA PRO J 160 -29.90 17.05 9.24
C PRO J 160 -29.80 18.08 8.09
N VAL J 161 -29.83 19.38 8.43
CA VAL J 161 -29.27 20.40 7.53
C VAL J 161 -27.97 21.00 8.11
N THR J 162 -27.01 21.29 7.25
CA THR J 162 -25.91 22.18 7.65
C THR J 162 -25.94 23.50 6.89
N VAL J 163 -25.38 24.52 7.51
CA VAL J 163 -25.41 25.84 6.92
C VAL J 163 -24.07 26.56 7.15
N SER J 164 -23.66 27.35 6.14
CA SER J 164 -22.50 28.24 6.24
C SER J 164 -22.81 29.59 5.55
N TRP J 165 -21.83 30.50 5.56
CA TRP J 165 -22.03 31.80 4.92
C TRP J 165 -20.93 32.12 3.88
N ASN J 166 -21.35 32.77 2.80
CA ASN J 166 -20.53 33.03 1.59
C ASN J 166 -19.46 31.96 1.35
N SER J 167 -19.93 30.71 1.27
CA SER J 167 -19.07 29.57 0.95
C SER J 167 -17.92 29.46 1.95
N GLY J 168 -18.23 29.69 3.23
CA GLY J 168 -17.27 29.42 4.29
C GLY J 168 -16.26 30.52 4.45
N ALA J 169 -16.43 31.56 3.63
CA ALA J 169 -15.61 32.75 3.75
C ALA J 169 -15.95 33.33 5.11
N LEU J 170 -17.24 33.59 5.31
CA LEU J 170 -17.76 34.18 6.55
C LEU J 170 -18.00 33.10 7.58
N THR J 171 -17.36 33.20 8.73
CA THR J 171 -17.54 32.25 9.80
C THR J 171 -17.65 32.92 11.18
N SER J 172 -17.42 34.22 11.23
CA SER J 172 -17.47 34.94 12.52
C SER J 172 -18.85 35.47 12.79
N GLY J 173 -19.27 35.33 14.04
CA GLY J 173 -20.57 35.80 14.49
C GLY J 173 -21.73 34.91 14.03
N VAL J 174 -21.42 33.66 13.67
CA VAL J 174 -22.40 32.71 13.15
C VAL J 174 -22.94 31.71 14.18
N HIS J 175 -24.25 31.66 14.27
CA HIS J 175 -24.88 30.65 15.10
C HIS J 175 -26.05 30.03 14.38
N THR J 176 -25.91 28.73 14.22
CA THR J 176 -26.91 27.89 13.65
C THR J 176 -27.64 27.19 14.78
N PHE J 177 -28.89 27.55 14.97
CA PHE J 177 -29.69 26.93 16.02
C PHE J 177 -30.08 25.52 15.63
N PRO J 178 -30.22 24.63 16.61
CA PRO J 178 -30.87 23.32 16.37
C PRO J 178 -32.31 23.43 15.88
N ALA J 179 -32.77 22.41 15.16
CA ALA J 179 -34.08 22.37 14.59
C ALA J 179 -35.20 22.22 15.64
N VAL J 180 -36.39 22.76 15.35
CA VAL J 180 -37.64 22.26 15.94
C VAL J 180 -38.33 21.34 14.97
N LEU J 181 -38.84 20.23 15.48
CA LEU J 181 -39.77 19.43 14.74
C LEU J 181 -41.12 20.01 15.04
N GLN J 182 -41.75 20.61 14.03
CA GLN J 182 -43.00 21.31 14.25
C GLN J 182 -44.23 20.41 14.04
N SER J 183 -45.44 20.99 14.12
CA SER J 183 -46.70 20.20 14.24
C SER J 183 -47.05 19.54 12.94
N SER J 184 -46.51 20.07 11.85
CA SER J 184 -46.64 19.47 10.54
C SER J 184 -45.83 18.16 10.40
N GLY J 185 -44.95 17.87 11.36
CA GLY J 185 -43.99 16.74 11.23
C GLY J 185 -42.71 17.05 10.45
N LEU J 186 -42.53 18.31 10.06
CA LEU J 186 -41.36 18.75 9.33
C LEU J 186 -40.53 19.65 10.22
N TYR J 187 -39.23 19.69 9.99
CA TYR J 187 -38.34 20.48 10.84
C TYR J 187 -38.18 21.86 10.27
N SER J 188 -37.72 22.77 11.14
CA SER J 188 -37.22 24.11 10.80
C SER J 188 -36.04 24.47 11.69
N LEU J 189 -35.08 25.22 11.17
CA LEU J 189 -34.06 25.83 12.03
C LEU J 189 -33.72 27.21 11.50
N SER J 190 -32.96 27.97 12.28
CA SER J 190 -32.43 29.25 11.82
C SER J 190 -30.90 29.29 11.89
N SER J 191 -30.29 30.10 11.02
CA SER J 191 -28.89 30.47 11.17
C SER J 191 -28.81 31.98 11.32
N VAL J 192 -28.06 32.44 12.30
CA VAL J 192 -27.96 33.89 12.54
C VAL J 192 -26.53 34.41 12.51
N VAL J 193 -26.37 35.57 11.93
CA VAL J 193 -25.11 36.28 12.03
C VAL J 193 -25.27 37.71 12.59
N THR J 194 -24.55 37.95 13.68
CA THR J 194 -24.27 39.27 14.29
C THR J 194 -23.09 39.87 13.53
N VAL J 195 -23.42 40.62 12.48
CA VAL J 195 -22.41 41.33 11.69
C VAL J 195 -22.24 42.76 12.22
N PRO J 196 -21.03 43.34 12.08
CA PRO J 196 -20.92 44.76 12.46
C PRO J 196 -21.76 45.67 11.52
N SER J 197 -22.68 46.45 12.11
CA SER J 197 -23.72 47.23 11.39
C SER J 197 -23.19 48.29 10.45
N SER J 198 -21.98 48.75 10.75
CA SER J 198 -21.15 49.58 9.89
C SER J 198 -21.24 49.18 8.39
N SER J 199 -20.96 47.91 8.11
CA SER J 199 -21.08 47.32 6.77
C SER J 199 -22.50 46.79 6.47
N LEU J 200 -23.18 47.38 5.49
CA LEU J 200 -24.55 46.96 5.22
C LEU J 200 -24.95 47.03 3.75
N GLY J 201 -24.47 48.04 3.03
CA GLY J 201 -24.56 48.06 1.56
C GLY J 201 -23.20 47.61 1.04
N THR J 202 -22.36 47.18 1.98
CA THR J 202 -20.94 46.89 1.81
C THR J 202 -20.64 45.36 1.72
N GLN J 203 -20.66 44.66 2.85
CA GLN J 203 -20.42 43.22 2.87
C GLN J 203 -21.70 42.51 2.49
N THR J 204 -21.61 41.66 1.48
CA THR J 204 -22.81 40.99 1.01
C THR J 204 -22.99 39.60 1.64
N TYR J 205 -24.24 39.29 2.00
CA TYR J 205 -24.53 38.21 2.93
C TYR J 205 -25.46 37.13 2.38
N ILE J 206 -24.89 35.94 2.18
CA ILE J 206 -25.58 34.82 1.58
C ILE J 206 -25.40 33.58 2.43
N CYS J 207 -26.51 32.92 2.81
CA CYS J 207 -26.40 31.64 3.52
C CYS J 207 -26.48 30.49 2.56
N ASN J 208 -25.63 29.50 2.80
CA ASN J 208 -25.56 28.28 1.99
C ASN J 208 -26.21 27.18 2.79
N VAL J 209 -27.25 26.55 2.25
CA VAL J 209 -28.01 25.49 2.94
C VAL J 209 -27.86 24.12 2.26
N ASN J 210 -27.21 23.19 2.97
CA ASN J 210 -27.10 21.83 2.46
C ASN J 210 -28.09 20.95 3.24
N HIS J 211 -28.84 20.16 2.50
CA HIS J 211 -29.70 19.14 3.08
C HIS J 211 -29.43 17.83 2.34
N LYS J 212 -28.42 17.10 2.81
CA LYS J 212 -27.98 15.91 2.13
C LYS J 212 -29.10 14.90 1.96
N PRO J 213 -29.97 14.71 2.96
CA PRO J 213 -30.92 13.62 2.72
C PRO J 213 -31.71 13.72 1.41
N SER J 214 -31.93 14.92 0.89
CA SER J 214 -32.69 15.06 -0.36
C SER J 214 -31.82 15.66 -1.44
N ASN J 215 -30.52 15.70 -1.17
CA ASN J 215 -29.53 16.32 -2.04
C ASN J 215 -29.87 17.73 -2.45
N THR J 216 -30.28 18.55 -1.52
CA THR J 216 -30.65 19.88 -1.89
C THR J 216 -29.56 20.82 -1.39
N LYS J 217 -29.14 21.74 -2.25
CA LYS J 217 -28.32 22.88 -1.84
C LYS J 217 -29.04 24.12 -2.29
N VAL J 218 -29.30 25.00 -1.35
CA VAL J 218 -29.98 26.27 -1.66
C VAL J 218 -29.16 27.44 -1.13
N ASP J 219 -29.09 28.52 -1.91
CA ASP J 219 -28.48 29.77 -1.46
C ASP J 219 -29.50 30.90 -1.33
N LYS J 220 -29.32 31.72 -0.31
CA LYS J 220 -30.19 32.86 -0.15
C LYS J 220 -29.35 34.06 0.18
N LYS J 221 -29.36 35.05 -0.72
CA LYS J 221 -28.76 36.34 -0.41
C LYS J 221 -29.69 37.03 0.57
N VAL J 222 -29.14 37.39 1.73
CA VAL J 222 -29.89 38.16 2.72
C VAL J 222 -29.54 39.62 2.56
N GLU J 223 -30.55 40.44 2.27
CA GLU J 223 -30.32 41.88 2.12
C GLU J 223 -31.24 42.76 2.99
N PRO J 224 -30.78 43.99 3.30
CA PRO J 224 -31.55 45.10 3.87
C PRO J 224 -33.08 45.05 3.65
N LYS J 225 -33.81 45.18 4.77
CA LYS J 225 -35.29 45.17 4.80
C LYS J 225 -35.99 45.73 3.54
N SER J 226 -36.61 44.83 2.77
CA SER J 226 -37.44 45.19 1.58
C SER J 226 -36.98 46.44 0.83
#